data_2PCN
# 
_entry.id   2PCN 
# 
_audit_conform.dict_name       mmcif_pdbx.dic 
_audit_conform.dict_version    5.380 
_audit_conform.dict_location   http://mmcif.pdb.org/dictionaries/ascii/mmcif_pdbx.dic 
# 
loop_
_database_2.database_id 
_database_2.database_code 
_database_2.pdbx_database_accession 
_database_2.pdbx_DOI 
PDB   2PCN         pdb_00002pcn 10.2210/pdb2pcn/pdb 
RCSB  RCSB042229   ?            ?                   
WWPDB D_1000042229 ?            ?                   
# 
_pdbx_database_related.db_name        TargetDB 
_pdbx_database_related.db_id          gka001001813.2 
_pdbx_database_related.details        . 
_pdbx_database_related.content_type   unspecified 
# 
_pdbx_database_status.status_code                     REL 
_pdbx_database_status.entry_id                        2PCN 
_pdbx_database_status.recvd_initial_deposition_date   2007-03-30 
_pdbx_database_status.deposit_site                    RCSB 
_pdbx_database_status.process_site                    PDBJ 
_pdbx_database_status.status_code_sf                  REL 
_pdbx_database_status.status_code_mr                  ? 
_pdbx_database_status.SG_entry                        Y 
_pdbx_database_status.pdb_format_compatible           Y 
_pdbx_database_status.status_code_cs                  ? 
_pdbx_database_status.methods_development_category    ? 
_pdbx_database_status.status_code_nmr_data            ? 
# 
loop_
_audit_author.name 
_audit_author.pdbx_ordinal 
'Jeyakanthan, J.'                                        1  
'Kanaujia, S.P.'                                         2  
'Rafi, Z.A.'                                             3  
'Sekar, K.'                                              4  
'Agari, Y.'                                              5  
'Ebihara, A.'                                            6  
'Kuramitsu, S.'                                          7  
'Shinkai, A.'                                            8  
'Shiro, Y.'                                              9  
'Yokoyama, S.'                                           10 
'RIKEN Structural Genomics/Proteomics Initiative (RSGI)' 11 
# 
_citation.id                        primary 
_citation.title                     
'Crystal structure of S-adenosylmethionine:2-dimethylmenaquinone methyltransferase (gk_1813) from geobacillus kaustophilus HTA426' 
_citation.journal_abbrev            'To be Published' 
_citation.journal_volume            ? 
_citation.page_first                ? 
_citation.page_last                 ? 
_citation.year                      ? 
_citation.journal_id_ASTM           ? 
_citation.country                   ? 
_citation.journal_id_ISSN           ? 
_citation.journal_id_CSD            0353 
_citation.book_publisher            ? 
_citation.pdbx_database_id_PubMed   ? 
_citation.pdbx_database_id_DOI      ? 
# 
loop_
_citation_author.citation_id 
_citation_author.name 
_citation_author.ordinal 
_citation_author.identifier_ORCID 
primary 'Jeyakanthan, J.' 1  ? 
primary 'Kanaujia, S.P.'  2  ? 
primary 'Rafi, Z.A.'      3  ? 
primary 'Sekar, K.'       4  ? 
primary 'Agari, Y.'       5  ? 
primary 'Ebihara, A.'     6  ? 
primary 'Kuramitsu, S.'   7  ? 
primary 'Shinkai, A.'     8  ? 
primary 'Shiro, Y.'       9  ? 
primary 'Yokoyama, S.'    10 ? 
# 
_cell.entry_id           2PCN 
_cell.length_a           84.573 
_cell.length_b           84.573 
_cell.length_c           83.338 
_cell.angle_alpha        90.00 
_cell.angle_beta         90.00 
_cell.angle_gamma        120.00 
_cell.Z_PDB              9 
_cell.pdbx_unique_axis   ? 
_cell.length_a_esd       ? 
_cell.length_b_esd       ? 
_cell.length_c_esd       ? 
_cell.angle_alpha_esd    ? 
_cell.angle_beta_esd     ? 
_cell.angle_gamma_esd    ? 
# 
_symmetry.entry_id                         2PCN 
_symmetry.space_group_name_H-M             'H 3' 
_symmetry.pdbx_full_space_group_name_H-M   ? 
_symmetry.cell_setting                     ? 
_symmetry.Int_Tables_number                146 
_symmetry.space_group_name_Hall            ? 
# 
loop_
_entity.id 
_entity.type 
_entity.src_method 
_entity.pdbx_description 
_entity.formula_weight 
_entity.pdbx_number_of_molecules 
_entity.pdbx_ec 
_entity.pdbx_mutation 
_entity.pdbx_fragment 
_entity.details 
1 polymer     man 'S-adenosylmethionine:2-demethylmenaquinone methyltransferase' 17083.725 1   2.1.1.- ? ? ? 
2 non-polymer syn 'ACETATE ION'                                                  59.044    1   ?       ? ? ? 
3 water       nat water                                                          18.015    258 ?       ? ? ? 
# 
_entity_poly.entity_id                      1 
_entity_poly.type                           'polypeptide(L)' 
_entity_poly.nstd_linkage                   no 
_entity_poly.nstd_monomer                   no 
_entity_poly.pdbx_seq_one_letter_code       
;MKTADLCDQFLDELQVCELPFQSYGGKRMFSGPIATVDVFEDNVLVREALETVPPGTVLVVDGKGSRRVALLGDRLAQIA
CERGLAGVIIHGCIRDSAEIGAMPIGVMAIGTCPVKSKKEGKGARDVVLEFGGVRWEPGAYVYADADGVVVANKDLLAKN
G
;
_entity_poly.pdbx_seq_one_letter_code_can   
;MKTADLCDQFLDELQVCELPFQSYGGKRMFSGPIATVDVFEDNVLVREALETVPPGTVLVVDGKGSRRVALLGDRLAQIA
CERGLAGVIIHGCIRDSAEIGAMPIGVMAIGTCPVKSKKEGKGARDVVLEFGGVRWEPGAYVYADADGVVVANKDLLAKN
G
;
_entity_poly.pdbx_strand_id                 A 
_entity_poly.pdbx_target_identifier         gka001001813.2 
# 
loop_
_entity_poly_seq.entity_id 
_entity_poly_seq.num 
_entity_poly_seq.mon_id 
_entity_poly_seq.hetero 
1 1   MET n 
1 2   LYS n 
1 3   THR n 
1 4   ALA n 
1 5   ASP n 
1 6   LEU n 
1 7   CYS n 
1 8   ASP n 
1 9   GLN n 
1 10  PHE n 
1 11  LEU n 
1 12  ASP n 
1 13  GLU n 
1 14  LEU n 
1 15  GLN n 
1 16  VAL n 
1 17  CYS n 
1 18  GLU n 
1 19  LEU n 
1 20  PRO n 
1 21  PHE n 
1 22  GLN n 
1 23  SER n 
1 24  TYR n 
1 25  GLY n 
1 26  GLY n 
1 27  LYS n 
1 28  ARG n 
1 29  MET n 
1 30  PHE n 
1 31  SER n 
1 32  GLY n 
1 33  PRO n 
1 34  ILE n 
1 35  ALA n 
1 36  THR n 
1 37  VAL n 
1 38  ASP n 
1 39  VAL n 
1 40  PHE n 
1 41  GLU n 
1 42  ASP n 
1 43  ASN n 
1 44  VAL n 
1 45  LEU n 
1 46  VAL n 
1 47  ARG n 
1 48  GLU n 
1 49  ALA n 
1 50  LEU n 
1 51  GLU n 
1 52  THR n 
1 53  VAL n 
1 54  PRO n 
1 55  PRO n 
1 56  GLY n 
1 57  THR n 
1 58  VAL n 
1 59  LEU n 
1 60  VAL n 
1 61  VAL n 
1 62  ASP n 
1 63  GLY n 
1 64  LYS n 
1 65  GLY n 
1 66  SER n 
1 67  ARG n 
1 68  ARG n 
1 69  VAL n 
1 70  ALA n 
1 71  LEU n 
1 72  LEU n 
1 73  GLY n 
1 74  ASP n 
1 75  ARG n 
1 76  LEU n 
1 77  ALA n 
1 78  GLN n 
1 79  ILE n 
1 80  ALA n 
1 81  CYS n 
1 82  GLU n 
1 83  ARG n 
1 84  GLY n 
1 85  LEU n 
1 86  ALA n 
1 87  GLY n 
1 88  VAL n 
1 89  ILE n 
1 90  ILE n 
1 91  HIS n 
1 92  GLY n 
1 93  CYS n 
1 94  ILE n 
1 95  ARG n 
1 96  ASP n 
1 97  SER n 
1 98  ALA n 
1 99  GLU n 
1 100 ILE n 
1 101 GLY n 
1 102 ALA n 
1 103 MET n 
1 104 PRO n 
1 105 ILE n 
1 106 GLY n 
1 107 VAL n 
1 108 MET n 
1 109 ALA n 
1 110 ILE n 
1 111 GLY n 
1 112 THR n 
1 113 CYS n 
1 114 PRO n 
1 115 VAL n 
1 116 LYS n 
1 117 SER n 
1 118 LYS n 
1 119 LYS n 
1 120 GLU n 
1 121 GLY n 
1 122 LYS n 
1 123 GLY n 
1 124 ALA n 
1 125 ARG n 
1 126 ASP n 
1 127 VAL n 
1 128 VAL n 
1 129 LEU n 
1 130 GLU n 
1 131 PHE n 
1 132 GLY n 
1 133 GLY n 
1 134 VAL n 
1 135 ARG n 
1 136 TRP n 
1 137 GLU n 
1 138 PRO n 
1 139 GLY n 
1 140 ALA n 
1 141 TYR n 
1 142 VAL n 
1 143 TYR n 
1 144 ALA n 
1 145 ASP n 
1 146 ALA n 
1 147 ASP n 
1 148 GLY n 
1 149 VAL n 
1 150 VAL n 
1 151 VAL n 
1 152 ALA n 
1 153 ASN n 
1 154 LYS n 
1 155 ASP n 
1 156 LEU n 
1 157 LEU n 
1 158 ALA n 
1 159 LYS n 
1 160 ASN n 
1 161 GLY n 
# 
_entity_src_gen.entity_id                          1 
_entity_src_gen.pdbx_src_id                        1 
_entity_src_gen.pdbx_alt_source_flag               sample 
_entity_src_gen.pdbx_seq_type                      ? 
_entity_src_gen.pdbx_beg_seq_num                   ? 
_entity_src_gen.pdbx_end_seq_num                   ? 
_entity_src_gen.gene_src_common_name               ? 
_entity_src_gen.gene_src_genus                     Geobacillus 
_entity_src_gen.pdbx_gene_src_gene                 ? 
_entity_src_gen.gene_src_species                   'Geobacillus kaustophilus' 
_entity_src_gen.gene_src_strain                    HTA426 
_entity_src_gen.gene_src_tissue                    ? 
_entity_src_gen.gene_src_tissue_fraction           ? 
_entity_src_gen.gene_src_details                   ? 
_entity_src_gen.pdbx_gene_src_fragment             ? 
_entity_src_gen.pdbx_gene_src_scientific_name      'Geobacillus kaustophilus' 
_entity_src_gen.pdbx_gene_src_ncbi_taxonomy_id     235909 
_entity_src_gen.pdbx_gene_src_variant              ? 
_entity_src_gen.pdbx_gene_src_cell_line            ? 
_entity_src_gen.pdbx_gene_src_atcc                 ? 
_entity_src_gen.pdbx_gene_src_organ                ? 
_entity_src_gen.pdbx_gene_src_organelle            ? 
_entity_src_gen.pdbx_gene_src_cell                 ? 
_entity_src_gen.pdbx_gene_src_cellular_location    ? 
_entity_src_gen.host_org_common_name               ? 
_entity_src_gen.pdbx_host_org_scientific_name      'Escherichia coli' 
_entity_src_gen.pdbx_host_org_ncbi_taxonomy_id     562 
_entity_src_gen.host_org_genus                     Escherichia 
_entity_src_gen.pdbx_host_org_gene                 ? 
_entity_src_gen.pdbx_host_org_organ                ? 
_entity_src_gen.host_org_species                   ? 
_entity_src_gen.pdbx_host_org_tissue               ? 
_entity_src_gen.pdbx_host_org_tissue_fraction      ? 
_entity_src_gen.pdbx_host_org_strain               'BL-21 CONDON PLUS (DE3)-RIL' 
_entity_src_gen.pdbx_host_org_variant              ? 
_entity_src_gen.pdbx_host_org_cell_line            ? 
_entity_src_gen.pdbx_host_org_atcc                 ? 
_entity_src_gen.pdbx_host_org_culture_collection   ? 
_entity_src_gen.pdbx_host_org_cell                 ? 
_entity_src_gen.pdbx_host_org_organelle            ? 
_entity_src_gen.pdbx_host_org_cellular_location    ? 
_entity_src_gen.pdbx_host_org_vector_type          PLASMID 
_entity_src_gen.pdbx_host_org_vector               ? 
_entity_src_gen.host_org_details                   ? 
_entity_src_gen.expression_system_id               ? 
_entity_src_gen.plasmid_name                       PET15B 
_entity_src_gen.plasmid_details                    ? 
_entity_src_gen.pdbx_description                   ? 
# 
_struct_ref.id                         1 
_struct_ref.db_name                    UNP 
_struct_ref.db_code                    Q5KYY8_GEOKA 
_struct_ref.pdbx_db_accession          Q5KYY8 
_struct_ref.entity_id                  1 
_struct_ref.pdbx_seq_one_letter_code   
;MKTADLCDQFLDELQVCELPFQSYGGKRMFSGPIATVDVFEDNVLVREALETVPPGTVLVVDGKGSRRVALLGDRLAQIA
CERGLAGVIIHGCIRDSAEIGAMPIGVMAIGTCPVKSKKEGKGARDVVLEFGGVRWEPGAYVYADADGVVVANKDLLAKN
G
;
_struct_ref.pdbx_align_begin           1 
_struct_ref.pdbx_db_isoform            ? 
# 
_struct_ref_seq.align_id                      1 
_struct_ref_seq.ref_id                        1 
_struct_ref_seq.pdbx_PDB_id_code              2PCN 
_struct_ref_seq.pdbx_strand_id                A 
_struct_ref_seq.seq_align_beg                 1 
_struct_ref_seq.pdbx_seq_align_beg_ins_code   ? 
_struct_ref_seq.seq_align_end                 161 
_struct_ref_seq.pdbx_seq_align_end_ins_code   ? 
_struct_ref_seq.pdbx_db_accession             Q5KYY8 
_struct_ref_seq.db_align_beg                  1 
_struct_ref_seq.pdbx_db_align_beg_ins_code    ? 
_struct_ref_seq.db_align_end                  161 
_struct_ref_seq.pdbx_db_align_end_ins_code    ? 
_struct_ref_seq.pdbx_auth_seq_align_beg       3 
_struct_ref_seq.pdbx_auth_seq_align_end       163 
# 
loop_
_chem_comp.id 
_chem_comp.type 
_chem_comp.mon_nstd_flag 
_chem_comp.name 
_chem_comp.pdbx_synonyms 
_chem_comp.formula 
_chem_comp.formula_weight 
ACT non-polymer         . 'ACETATE ION'   ? 'C2 H3 O2 -1'    59.044  
ALA 'L-peptide linking' y ALANINE         ? 'C3 H7 N O2'     89.093  
ARG 'L-peptide linking' y ARGININE        ? 'C6 H15 N4 O2 1' 175.209 
ASN 'L-peptide linking' y ASPARAGINE      ? 'C4 H8 N2 O3'    132.118 
ASP 'L-peptide linking' y 'ASPARTIC ACID' ? 'C4 H7 N O4'     133.103 
CYS 'L-peptide linking' y CYSTEINE        ? 'C3 H7 N O2 S'   121.158 
GLN 'L-peptide linking' y GLUTAMINE       ? 'C5 H10 N2 O3'   146.144 
GLU 'L-peptide linking' y 'GLUTAMIC ACID' ? 'C5 H9 N O4'     147.129 
GLY 'peptide linking'   y GLYCINE         ? 'C2 H5 N O2'     75.067  
HIS 'L-peptide linking' y HISTIDINE       ? 'C6 H10 N3 O2 1' 156.162 
HOH non-polymer         . WATER           ? 'H2 O'           18.015  
ILE 'L-peptide linking' y ISOLEUCINE      ? 'C6 H13 N O2'    131.173 
LEU 'L-peptide linking' y LEUCINE         ? 'C6 H13 N O2'    131.173 
LYS 'L-peptide linking' y LYSINE          ? 'C6 H15 N2 O2 1' 147.195 
MET 'L-peptide linking' y METHIONINE      ? 'C5 H11 N O2 S'  149.211 
PHE 'L-peptide linking' y PHENYLALANINE   ? 'C9 H11 N O2'    165.189 
PRO 'L-peptide linking' y PROLINE         ? 'C5 H9 N O2'     115.130 
SER 'L-peptide linking' y SERINE          ? 'C3 H7 N O3'     105.093 
THR 'L-peptide linking' y THREONINE       ? 'C4 H9 N O3'     119.119 
TRP 'L-peptide linking' y TRYPTOPHAN      ? 'C11 H12 N2 O2'  204.225 
TYR 'L-peptide linking' y TYROSINE        ? 'C9 H11 N O3'    181.189 
VAL 'L-peptide linking' y VALINE          ? 'C5 H11 N O2'    117.146 
# 
_exptl.entry_id          2PCN 
_exptl.method            'X-RAY DIFFRACTION' 
_exptl.crystals_number   1 
# 
_exptl_crystal.id                    1 
_exptl_crystal.density_meas          ? 
_exptl_crystal.density_Matthews      3.36 
_exptl_crystal.density_percent_sol   63.35 
_exptl_crystal.description           ? 
_exptl_crystal.F_000                 ? 
_exptl_crystal.preparation           ? 
# 
_exptl_crystal_grow.crystal_id      1 
_exptl_crystal_grow.method          'OIL BATCH METHOD' 
_exptl_crystal_grow.temp            293 
_exptl_crystal_grow.temp_details    ? 
_exptl_crystal_grow.pH              6.5 
_exptl_crystal_grow.pdbx_details    
'0.1M SODIUM CACODYLATE TRIHYDRATE, 1.4M SODIUM ACETATE TRIHYDRATE, pH 6.5, OIL BATCH METHOD, temperature 293K' 
_exptl_crystal_grow.pdbx_pH_range   . 
# 
_diffrn.id                     1 
_diffrn.ambient_temp           100 
_diffrn.ambient_temp_details   ? 
_diffrn.crystal_id             1 
# 
_diffrn_detector.diffrn_id              1 
_diffrn_detector.detector               'IMAGE PLATE' 
_diffrn_detector.type                   'RIGAKU RAXIS V' 
_diffrn_detector.pdbx_collection_date   2006-12-11 
_diffrn_detector.details                'RH COATED BENT-CYRINDRICAL MIRROR' 
# 
_diffrn_radiation.diffrn_id                        1 
_diffrn_radiation.wavelength_id                    1 
_diffrn_radiation.pdbx_monochromatic_or_laue_m_l   M 
_diffrn_radiation.monochromator                    'SI-1 1 1 DOUBLE CRYSTAL MONOCHROMATOR' 
_diffrn_radiation.pdbx_diffrn_protocol             'SINGLE WAVELENGTH' 
_diffrn_radiation.pdbx_scattering_type             x-ray 
# 
_diffrn_radiation_wavelength.id           1 
_diffrn_radiation_wavelength.wavelength   1.0 
_diffrn_radiation_wavelength.wt           1.0 
# 
_diffrn_source.diffrn_id                   1 
_diffrn_source.source                      SYNCHROTRON 
_diffrn_source.type                        'SPRING-8 BEAMLINE BL45PX' 
_diffrn_source.pdbx_synchrotron_site       SPring-8 
_diffrn_source.pdbx_synchrotron_beamline   BL45PX 
_diffrn_source.pdbx_wavelength             ? 
_diffrn_source.pdbx_wavelength_list        1.0 
# 
_reflns.entry_id                     2PCN 
_reflns.observed_criterion_sigma_I   ? 
_reflns.observed_criterion_sigma_F   ? 
_reflns.d_resolution_low             40.0 
_reflns.d_resolution_high            1.9 
_reflns.number_obs                   17473 
_reflns.number_all                   ? 
_reflns.percent_possible_obs         99.8 
_reflns.pdbx_Rmerge_I_obs            0.075 
_reflns.pdbx_Rsym_value              0.084 
_reflns.pdbx_netI_over_sigmaI        ? 
_reflns.B_iso_Wilson_estimate        13.1 
_reflns.pdbx_redundancy              ? 
_reflns.R_free_details               ? 
_reflns.limit_h_max                  ? 
_reflns.limit_h_min                  ? 
_reflns.limit_k_max                  ? 
_reflns.limit_k_min                  ? 
_reflns.limit_l_max                  ? 
_reflns.limit_l_min                  ? 
_reflns.observed_criterion_F_max     ? 
_reflns.observed_criterion_F_min     ? 
_reflns.pdbx_chi_squared             ? 
_reflns.pdbx_scaling_rejects         ? 
_reflns.pdbx_ordinal                 1 
_reflns.pdbx_diffrn_id               1 
# 
_reflns_shell.d_res_high             1.9 
_reflns_shell.d_res_low              1.97 
_reflns_shell.percent_possible_all   99.9 
_reflns_shell.Rmerge_I_obs           0.210 
_reflns_shell.pdbx_Rsym_value        0.204 
_reflns_shell.meanI_over_sigI_obs    ? 
_reflns_shell.pdbx_redundancy        ? 
_reflns_shell.percent_possible_obs   ? 
_reflns_shell.number_unique_all      1747 
_reflns_shell.number_measured_all    ? 
_reflns_shell.number_measured_obs    ? 
_reflns_shell.number_unique_obs      ? 
_reflns_shell.pdbx_chi_squared       ? 
_reflns_shell.pdbx_ordinal           1 
_reflns_shell.pdbx_diffrn_id         1 
# 
_refine.entry_id                                 2PCN 
_refine.ls_number_reflns_obs                     17396 
_refine.ls_number_reflns_all                     ? 
_refine.pdbx_ls_sigma_I                          ? 
_refine.pdbx_ls_sigma_F                          0.0 
_refine.pdbx_data_cutoff_high_absF               1778875.33 
_refine.pdbx_data_cutoff_low_absF                0.000000 
_refine.pdbx_data_cutoff_high_rms_absF           ? 
_refine.ls_d_res_low                             36.22 
_refine.ls_d_res_high                            1.90 
_refine.ls_percent_reflns_obs                    99.3 
_refine.ls_R_factor_obs                          0.176 
_refine.ls_R_factor_all                          ? 
_refine.ls_R_factor_R_work                       0.176 
_refine.ls_R_factor_R_free                       0.205 
_refine.ls_R_factor_R_free_error                 0.005 
_refine.ls_R_factor_R_free_error_details         ? 
_refine.ls_percent_reflns_R_free                 9.9 
_refine.ls_number_reflns_R_free                  1720 
_refine.ls_number_parameters                     ? 
_refine.ls_number_restraints                     ? 
_refine.occupancy_min                            ? 
_refine.occupancy_max                            ? 
_refine.correlation_coeff_Fo_to_Fc               ? 
_refine.correlation_coeff_Fo_to_Fc_free          ? 
_refine.B_iso_mean                               22.2 
_refine.aniso_B[1][1]                            1.92 
_refine.aniso_B[2][2]                            1.92 
_refine.aniso_B[3][3]                            -3.84 
_refine.aniso_B[1][2]                            1.96 
_refine.aniso_B[1][3]                            0.00 
_refine.aniso_B[2][3]                            0.00 
_refine.solvent_model_details                    'FLAT MODEL' 
_refine.solvent_model_param_ksol                 0.384546 
_refine.solvent_model_param_bsol                 64.8621 
_refine.pdbx_solvent_vdw_probe_radii             ? 
_refine.pdbx_solvent_ion_probe_radii             ? 
_refine.pdbx_solvent_shrinkage_radii             ? 
_refine.pdbx_ls_cross_valid_method               THROUGHOUT 
_refine.details                                  ? 
_refine.pdbx_starting_model                      1NXJ 
_refine.pdbx_method_to_determine_struct          'MOLECULAR REPLACEMENT' 
_refine.pdbx_isotropic_thermal_model             RESTRAINED 
_refine.pdbx_stereochemistry_target_values       'Engh & Huber' 
_refine.pdbx_stereochem_target_val_spec_case     ? 
_refine.pdbx_R_Free_selection_details            RANDOM 
_refine.pdbx_overall_ESU_R                       ? 
_refine.pdbx_overall_ESU_R_Free                  ? 
_refine.overall_SU_ML                            ? 
_refine.overall_SU_B                             ? 
_refine.ls_redundancy_reflns_obs                 ? 
_refine.B_iso_min                                ? 
_refine.B_iso_max                                ? 
_refine.overall_SU_R_Cruickshank_DPI             ? 
_refine.overall_SU_R_free                        ? 
_refine.ls_wR_factor_R_free                      ? 
_refine.ls_wR_factor_R_work                      ? 
_refine.overall_FOM_free_R_set                   ? 
_refine.overall_FOM_work_R_set                   ? 
_refine.pdbx_refine_id                           'X-RAY DIFFRACTION' 
_refine.pdbx_diffrn_id                           1 
_refine.pdbx_TLS_residual_ADP_flag               ? 
_refine.pdbx_overall_phase_error                 ? 
_refine.pdbx_overall_SU_R_free_Cruickshank_DPI   ? 
_refine.pdbx_overall_SU_R_Blow_DPI               ? 
_refine.pdbx_overall_SU_R_free_Blow_DPI          ? 
# 
_refine_analyze.entry_id                        2PCN 
_refine_analyze.Luzzati_coordinate_error_obs    0.18 
_refine_analyze.Luzzati_sigma_a_obs             0.14 
_refine_analyze.Luzzati_d_res_low_obs           5.00 
_refine_analyze.Luzzati_coordinate_error_free   0.22 
_refine_analyze.Luzzati_sigma_a_free            0.17 
_refine_analyze.Luzzati_d_res_low_free          ? 
_refine_analyze.number_disordered_residues      ? 
_refine_analyze.occupancy_sum_hydrogen          ? 
_refine_analyze.occupancy_sum_non_hydrogen      ? 
_refine_analyze.pdbx_Luzzati_d_res_high_obs     ? 
_refine_analyze.pdbx_refine_id                  'X-RAY DIFFRACTION' 
# 
_refine_hist.pdbx_refine_id                   'X-RAY DIFFRACTION' 
_refine_hist.cycle_id                         LAST 
_refine_hist.pdbx_number_atoms_protein        1193 
_refine_hist.pdbx_number_atoms_nucleic_acid   0 
_refine_hist.pdbx_number_atoms_ligand         4 
_refine_hist.number_atoms_solvent             258 
_refine_hist.number_atoms_total               1455 
_refine_hist.d_res_high                       1.90 
_refine_hist.d_res_low                        36.22 
# 
loop_
_refine_ls_restr.type 
_refine_ls_restr.dev_ideal 
_refine_ls_restr.dev_ideal_target 
_refine_ls_restr.weight 
_refine_ls_restr.number 
_refine_ls_restr.pdbx_refine_id 
_refine_ls_restr.pdbx_restraint_function 
c_bond_d           0.004 ?    ? ? 'X-RAY DIFFRACTION' ? 
c_angle_deg        1.3   ?    ? ? 'X-RAY DIFFRACTION' ? 
c_dihedral_angle_d 24.6  ?    ? ? 'X-RAY DIFFRACTION' ? 
c_improper_angle_d 0.72  ?    ? ? 'X-RAY DIFFRACTION' ? 
c_mcbond_it        2.66  1.50 ? ? 'X-RAY DIFFRACTION' ? 
c_mcangle_it       3.30  2.00 ? ? 'X-RAY DIFFRACTION' ? 
c_scbond_it        4.41  2.00 ? ? 'X-RAY DIFFRACTION' ? 
c_scangle_it       6.25  2.50 ? ? 'X-RAY DIFFRACTION' ? 
# 
_refine_ls_shell.pdbx_total_number_of_bins_used   8 
_refine_ls_shell.d_res_high                       1.90 
_refine_ls_shell.d_res_low                        1.99 
_refine_ls_shell.number_reflns_R_work             1923 
_refine_ls_shell.R_factor_R_work                  0.207 
_refine_ls_shell.percent_reflns_obs               97.4 
_refine_ls_shell.R_factor_R_free                  0.23 
_refine_ls_shell.R_factor_R_free_error            0.016 
_refine_ls_shell.percent_reflns_R_free            10.0 
_refine_ls_shell.number_reflns_R_free             213 
_refine_ls_shell.number_reflns_all                ? 
_refine_ls_shell.R_factor_all                     ? 
_refine_ls_shell.number_reflns_obs                ? 
_refine_ls_shell.redundancy_reflns_obs            ? 
_refine_ls_shell.pdbx_refine_id                   'X-RAY DIFFRACTION' 
# 
loop_
_pdbx_xplor_file.serial_no 
_pdbx_xplor_file.param_file 
_pdbx_xplor_file.topol_file 
_pdbx_xplor_file.pdbx_refine_id 
1 protein_rep.param protein.top      'X-RAY DIFFRACTION' 
2 ligand.param      ligand.top       'X-RAY DIFFRACTION' 
3 ion.param         ion.top          'X-RAY DIFFRACTION' 
5 water_rep.param   water_protin.top 'X-RAY DIFFRACTION' 
# 
_struct.entry_id                  2PCN 
_struct.title                     
'Crystal structure of S-adenosylmethionine: 2-dimethylmenaquinone methyltransferase (gk_1813) from geobacillus kaustophilus HTA426' 
_struct.pdbx_model_details        ? 
_struct.pdbx_CASP_flag            ? 
_struct.pdbx_model_type_details   ? 
# 
_struct_keywords.entry_id        2PCN 
_struct_keywords.pdbx_keywords   TRANSFERASE 
_struct_keywords.text            
;BETA, BETA ALPHA DOMAIN, 2-DIMETHYLMENAQUINONE METHYLTRANSFERASE, Structural Genomics, NPPSFA, National Project on Protein Structural and Functional Analyses, RIKEN Structural Genomics/Proteomics Initiative, RSGI, TRANSFERASE
;
# 
loop_
_struct_asym.id 
_struct_asym.pdbx_blank_PDB_chainid_flag 
_struct_asym.pdbx_modified 
_struct_asym.entity_id 
_struct_asym.details 
A N N 1 ? 
B N N 2 ? 
C N N 3 ? 
# 
_struct_biol.id        1 
_struct_biol.details   ? 
# 
loop_
_struct_conf.conf_type_id 
_struct_conf.id 
_struct_conf.pdbx_PDB_helix_id 
_struct_conf.beg_label_comp_id 
_struct_conf.beg_label_asym_id 
_struct_conf.beg_label_seq_id 
_struct_conf.pdbx_beg_PDB_ins_code 
_struct_conf.end_label_comp_id 
_struct_conf.end_label_asym_id 
_struct_conf.end_label_seq_id 
_struct_conf.pdbx_end_PDB_ins_code 
_struct_conf.beg_auth_comp_id 
_struct_conf.beg_auth_asym_id 
_struct_conf.beg_auth_seq_id 
_struct_conf.end_auth_comp_id 
_struct_conf.end_auth_asym_id 
_struct_conf.end_auth_seq_id 
_struct_conf.pdbx_PDB_helix_class 
_struct_conf.details 
_struct_conf.pdbx_PDB_helix_length 
HELX_P HELX_P1 1 LYS A 2  ? LEU A 11  ? LYS A 4  LEU A 13  1 ? 10 
HELX_P HELX_P2 2 ASN A 43 ? VAL A 53  ? ASN A 45 VAL A 55  1 ? 11 
HELX_P HELX_P3 3 GLY A 73 ? ARG A 83  ? GLY A 75 ARG A 85  1 ? 11 
HELX_P HELX_P4 4 ASP A 96 ? GLY A 101 ? ASP A 98 GLY A 103 1 ? 6  
# 
_struct_conf_type.id          HELX_P 
_struct_conf_type.criteria    ? 
_struct_conf_type.reference   ? 
# 
loop_
_struct_sheet.id 
_struct_sheet.type 
_struct_sheet.number_strands 
_struct_sheet.details 
A ? 7 ? 
B ? 6 ? 
C ? 2 ? 
# 
loop_
_struct_sheet_order.sheet_id 
_struct_sheet_order.range_id_1 
_struct_sheet_order.range_id_2 
_struct_sheet_order.offset 
_struct_sheet_order.sense 
A 1 2 ? anti-parallel 
A 2 3 ? anti-parallel 
A 3 4 ? anti-parallel 
A 4 5 ? parallel      
A 5 6 ? parallel      
A 6 7 ? parallel      
B 1 2 ? anti-parallel 
B 2 3 ? parallel      
B 3 4 ? parallel      
B 4 5 ? parallel      
B 5 6 ? anti-parallel 
C 1 2 ? anti-parallel 
# 
loop_
_struct_sheet_range.sheet_id 
_struct_sheet_range.id 
_struct_sheet_range.beg_label_comp_id 
_struct_sheet_range.beg_label_asym_id 
_struct_sheet_range.beg_label_seq_id 
_struct_sheet_range.pdbx_beg_PDB_ins_code 
_struct_sheet_range.end_label_comp_id 
_struct_sheet_range.end_label_asym_id 
_struct_sheet_range.end_label_seq_id 
_struct_sheet_range.pdbx_end_PDB_ins_code 
_struct_sheet_range.beg_auth_comp_id 
_struct_sheet_range.beg_auth_asym_id 
_struct_sheet_range.beg_auth_seq_id 
_struct_sheet_range.end_auth_comp_id 
_struct_sheet_range.end_auth_asym_id 
_struct_sheet_range.end_auth_seq_id 
A 1 LEU A 14  ? VAL A 16  ? LEU A 16  VAL A 18  
A 2 GLY A 148 ? ALA A 152 ? GLY A 150 ALA A 154 
A 3 TYR A 141 ? ASP A 145 ? TYR A 143 ASP A 147 
A 4 PHE A 30  ? ASP A 38  ? PHE A 32  ASP A 40  
A 5 VAL A 58  ? ASP A 62  ? VAL A 60  ASP A 64  
A 6 GLY A 87  ? ILE A 94  ? GLY A 89  ILE A 96  
A 7 ALA A 70  ? LEU A 72  ? ALA A 72  LEU A 74  
B 1 GLN A 22  ? SER A 23  ? GLN A 24  SER A 25  
B 2 GLY A 106 ? THR A 112 ? GLY A 108 THR A 114 
B 3 GLY A 87  ? ILE A 94  ? GLY A 89  ILE A 96  
B 4 VAL A 58  ? ASP A 62  ? VAL A 60  ASP A 64  
B 5 PHE A 30  ? ASP A 38  ? PHE A 32  ASP A 40  
B 6 ALA A 124 ? ARG A 125 ? ALA A 126 ARG A 127 
C 1 LEU A 129 ? PHE A 131 ? LEU A 131 PHE A 133 
C 2 VAL A 134 ? TRP A 136 ? VAL A 136 TRP A 138 
# 
loop_
_pdbx_struct_sheet_hbond.sheet_id 
_pdbx_struct_sheet_hbond.range_id_1 
_pdbx_struct_sheet_hbond.range_id_2 
_pdbx_struct_sheet_hbond.range_1_label_atom_id 
_pdbx_struct_sheet_hbond.range_1_label_comp_id 
_pdbx_struct_sheet_hbond.range_1_label_asym_id 
_pdbx_struct_sheet_hbond.range_1_label_seq_id 
_pdbx_struct_sheet_hbond.range_1_PDB_ins_code 
_pdbx_struct_sheet_hbond.range_1_auth_atom_id 
_pdbx_struct_sheet_hbond.range_1_auth_comp_id 
_pdbx_struct_sheet_hbond.range_1_auth_asym_id 
_pdbx_struct_sheet_hbond.range_1_auth_seq_id 
_pdbx_struct_sheet_hbond.range_2_label_atom_id 
_pdbx_struct_sheet_hbond.range_2_label_comp_id 
_pdbx_struct_sheet_hbond.range_2_label_asym_id 
_pdbx_struct_sheet_hbond.range_2_label_seq_id 
_pdbx_struct_sheet_hbond.range_2_PDB_ins_code 
_pdbx_struct_sheet_hbond.range_2_auth_atom_id 
_pdbx_struct_sheet_hbond.range_2_auth_comp_id 
_pdbx_struct_sheet_hbond.range_2_auth_asym_id 
_pdbx_struct_sheet_hbond.range_2_auth_seq_id 
A 1 2 N GLN A 15  ? N GLN A 17  O VAL A 151 ? O VAL A 153 
A 2 3 O ALA A 152 ? O ALA A 154 N TYR A 141 ? N TYR A 143 
A 3 4 O ALA A 144 ? O ALA A 146 N PHE A 30  ? N PHE A 32  
A 4 5 N ALA A 35  ? N ALA A 37  O VAL A 60  ? O VAL A 62  
A 5 6 N VAL A 61  ? N VAL A 63  O HIS A 91  ? O HIS A 93  
A 6 7 O CYS A 93  ? O CYS A 95  N LEU A 71  ? N LEU A 73  
B 1 2 N GLN A 22  ? N GLN A 24  O ALA A 109 ? O ALA A 111 
B 2 3 O MET A 108 ? O MET A 110 N ILE A 90  ? N ILE A 92  
B 3 4 O HIS A 91  ? O HIS A 93  N VAL A 61  ? N VAL A 63  
B 4 5 O VAL A 60  ? O VAL A 62  N ALA A 35  ? N ALA A 37  
B 5 6 N ASP A 38  ? N ASP A 40  O ALA A 124 ? O ALA A 126 
C 1 2 N LEU A 129 ? N LEU A 131 O TRP A 136 ? O TRP A 138 
# 
_struct_site.id                   AC1 
_struct_site.pdbx_evidence_code   Software 
_struct_site.pdbx_auth_asym_id    A 
_struct_site.pdbx_auth_comp_id    ACT 
_struct_site.pdbx_auth_seq_id     600 
_struct_site.pdbx_auth_ins_code   ? 
_struct_site.pdbx_num_residues    8 
_struct_site.details              'BINDING SITE FOR RESIDUE ACT A 600' 
# 
loop_
_struct_site_gen.id 
_struct_site_gen.site_id 
_struct_site_gen.pdbx_num_res 
_struct_site_gen.label_comp_id 
_struct_site_gen.label_asym_id 
_struct_site_gen.label_seq_id 
_struct_site_gen.pdbx_auth_ins_code 
_struct_site_gen.auth_comp_id 
_struct_site_gen.auth_asym_id 
_struct_site_gen.auth_seq_id 
_struct_site_gen.label_atom_id 
_struct_site_gen.label_alt_id 
_struct_site_gen.symmetry 
_struct_site_gen.details 
1 AC1 8 ASN A 43  ? ASN A 45  . ? 1_555 ? 
2 AC1 8 ALA A 70  ? ALA A 72  . ? 1_555 ? 
3 AC1 8 ARG A 75  ? ARG A 77  . ? 1_555 ? 
4 AC1 8 ARG A 95  ? ARG A 97  . ? 1_555 ? 
5 AC1 8 LYS A 116 ? LYS A 118 . ? 1_555 ? 
6 AC1 8 SER A 117 ? SER A 119 . ? 1_555 ? 
7 AC1 8 LYS A 119 ? LYS A 121 . ? 1_555 ? 
8 AC1 8 HOH C .   ? HOH A 796 . ? 1_555 ? 
# 
_atom_sites.entry_id                    2PCN 
_atom_sites.fract_transf_matrix[1][1]   -0.00308290 
_atom_sites.fract_transf_matrix[1][2]   0.00977139 
_atom_sites.fract_transf_matrix[1][3]   0.00902389 
_atom_sites.fract_transf_matrix[2][1]   -0.00647834 
_atom_sites.fract_transf_matrix[2][2]   0.01129270 
_atom_sites.fract_transf_matrix[2][3]   -0.00411223 
_atom_sites.fract_transf_matrix[3][1]   -0.01056099 
_atom_sites.fract_transf_matrix[3][2]   -0.00528751 
_atom_sites.fract_transf_matrix[3][3]   0.00211747 
_atom_sites.fract_transf_vector[1]      0.251957 
_atom_sites.fract_transf_vector[2]      0.070846 
_atom_sites.fract_transf_vector[3]      0.005205 
# 
loop_
_atom_type.symbol 
C 
N 
O 
S 
# 
loop_
_atom_site.group_PDB 
_atom_site.id 
_atom_site.type_symbol 
_atom_site.label_atom_id 
_atom_site.label_alt_id 
_atom_site.label_comp_id 
_atom_site.label_asym_id 
_atom_site.label_entity_id 
_atom_site.label_seq_id 
_atom_site.pdbx_PDB_ins_code 
_atom_site.Cartn_x 
_atom_site.Cartn_y 
_atom_site.Cartn_z 
_atom_site.occupancy 
_atom_site.B_iso_or_equiv 
_atom_site.pdbx_formal_charge 
_atom_site.auth_seq_id 
_atom_site.auth_comp_id 
_atom_site.auth_asym_id 
_atom_site.auth_atom_id 
_atom_site.pdbx_PDB_model_num 
ATOM   1    N N   . MET A 1 1   ? -14.432 5.929   -7.968  1.00 36.30  ? 3   MET A N   1 
ATOM   2    C CA  . MET A 1 1   ? -13.408 4.974   -7.452  1.00 27.82  ? 3   MET A CA  1 
ATOM   3    C C   . MET A 1 1   ? -12.431 4.492   -8.519  1.00 21.06  ? 3   MET A C   1 
ATOM   4    O O   . MET A 1 1   ? -11.364 3.967   -8.198  1.00 15.48  ? 3   MET A O   1 
ATOM   5    C CB  . MET A 1 1   ? -14.100 3.781   -6.782  1.00 33.06  ? 3   MET A CB  1 
ATOM   6    C CG  . MET A 1 1   ? -15.391 3.323   -7.455  1.00 45.00  ? 3   MET A CG  1 
ATOM   7    S SD  . MET A 1 1   ? -16.464 2.382   -6.333  1.00 60.60  ? 3   MET A SD  1 
ATOM   8    C CE  . MET A 1 1   ? -16.286 0.711   -6.966  1.00 59.91  ? 3   MET A CE  1 
ATOM   9    N N   . LYS A 1 2   ? -12.798 4.666   -9.786  1.00 16.61  ? 4   LYS A N   1 
ATOM   10   C CA  . LYS A 1 2   ? -11.930 4.267   -10.889 1.00 15.61  ? 4   LYS A CA  1 
ATOM   11   C C   . LYS A 1 2   ? -10.824 5.303   -11.021 1.00 14.22  ? 4   LYS A C   1 
ATOM   12   O O   . LYS A 1 2   ? -11.093 6.505   -11.010 1.00 12.78  ? 4   LYS A O   1 
ATOM   13   C CB  . LYS A 1 2   ? -12.715 4.206   -12.204 1.00 13.91  ? 4   LYS A CB  1 
ATOM   14   C CG  . LYS A 1 2   ? -13.643 3.010   -12.332 1.00 13.42  ? 4   LYS A CG  1 
ATOM   15   C CD  . LYS A 1 2   ? -14.473 3.077   -13.611 1.00 15.95  ? 4   LYS A CD  1 
ATOM   16   C CE  . LYS A 1 2   ? -13.612 3.339   -14.849 1.00 19.14  ? 4   LYS A CE  1 
ATOM   17   N NZ  . LYS A 1 2   ? -12.563 2.298   -15.067 1.00 17.27  ? 4   LYS A NZ  1 
ATOM   18   N N   . THR A 1 3   ? -9.582  4.849   -11.146 1.00 13.36  ? 5   THR A N   1 
ATOM   19   C CA  . THR A 1 3   ? -8.472  5.778   -11.290 1.00 11.01  ? 5   THR A CA  1 
ATOM   20   C C   . THR A 1 3   ? -8.607  6.551   -12.595 1.00 13.73  ? 5   THR A C   1 
ATOM   21   O O   . THR A 1 3   ? -8.171  7.694   -12.694 1.00 9.49   ? 5   THR A O   1 
ATOM   22   C CB  . THR A 1 3   ? -7.112  5.048   -11.267 1.00 9.54   ? 5   THR A CB  1 
ATOM   23   O OG1 . THR A 1 3   ? -7.109  3.998   -12.246 1.00 9.41   ? 5   THR A OG1 1 
ATOM   24   C CG2 . THR A 1 3   ? -6.857  4.458   -9.886  1.00 8.28   ? 5   THR A CG2 1 
ATOM   25   N N   . ALA A 1 4   ? -9.224  5.925   -13.594 1.00 11.90  ? 6   ALA A N   1 
ATOM   26   C CA  . ALA A 1 4   ? -9.418  6.570   -14.887 1.00 11.15  ? 6   ALA A CA  1 
ATOM   27   C C   . ALA A 1 4   ? -10.321 7.789   -14.731 1.00 15.02  ? 6   ALA A C   1 
ATOM   28   O O   . ALA A 1 4   ? -10.039 8.852   -15.286 1.00 14.93  ? 6   ALA A O   1 
ATOM   29   C CB  . ALA A 1 4   ? -10.030 5.585   -15.875 1.00 15.09  ? 6   ALA A CB  1 
ATOM   30   N N   . ASP A 1 5   ? -11.403 7.637   -13.970 1.00 12.33  ? 7   ASP A N   1 
ATOM   31   C CA  . ASP A 1 5   ? -12.334 8.742   -13.751 1.00 13.73  ? 7   ASP A CA  1 
ATOM   32   C C   . ASP A 1 5   ? -11.708 9.845   -12.907 1.00 15.40  ? 7   ASP A C   1 
ATOM   33   O O   . ASP A 1 5   ? -11.937 11.029  -13.155 1.00 19.14  ? 7   ASP A O   1 
ATOM   34   C CB  . ASP A 1 5   ? -13.618 8.251   -13.074 1.00 15.67  ? 7   ASP A CB  1 
ATOM   35   C CG  . ASP A 1 5   ? -14.449 7.357   -13.975 1.00 22.59  ? 7   ASP A CG  1 
ATOM   36   O OD1 . ASP A 1 5   ? -14.411 7.555   -15.207 1.00 28.42  ? 7   ASP A OD1 1 
ATOM   37   O OD2 . ASP A 1 5   ? -15.154 6.471   -13.454 1.00 21.89  ? 7   ASP A OD2 1 
ATOM   38   N N   . LEU A 1 6   ? -10.920 9.455   -11.910 1.00 15.26  ? 8   LEU A N   1 
ATOM   39   C CA  . LEU A 1 6   ? -10.256 10.423  -11.041 1.00 14.18  ? 8   LEU A CA  1 
ATOM   40   C C   . LEU A 1 6   ? -9.256  11.263  -11.827 1.00 16.76  ? 8   LEU A C   1 
ATOM   41   O O   . LEU A 1 6   ? -9.119  12.465  -11.588 1.00 13.71  ? 8   LEU A O   1 
ATOM   42   C CB  . LEU A 1 6   ? -9.549  9.700   -9.894  1.00 12.95  ? 8   LEU A CB  1 
ATOM   43   C CG  . LEU A 1 6   ? -10.504 9.010   -8.920  1.00 13.49  ? 8   LEU A CG  1 
ATOM   44   C CD1 . LEU A 1 6   ? -9.720  8.160   -7.926  1.00 20.23  ? 8   LEU A CD1 1 
ATOM   45   C CD2 . LEU A 1 6   ? -11.338 10.069  -8.200  1.00 16.30  ? 8   LEU A CD2 1 
ATOM   46   N N   . CYS A 1 7   ? -8.552  10.636  -12.765 1.00 12.51  ? 9   CYS A N   1 
ATOM   47   C CA  . CYS A 1 7   ? -7.595  11.379  -13.568 1.00 13.49  ? 9   CYS A CA  1 
ATOM   48   C C   . CYS A 1 7   ? -8.324  12.374  -14.473 1.00 14.65  ? 9   CYS A C   1 
ATOM   49   O O   . CYS A 1 7   ? -7.885  13.511  -14.625 1.00 15.40  ? 9   CYS A O   1 
ATOM   50   C CB  . CYS A 1 7   ? -6.733  10.426  -14.405 1.00 16.37  ? 9   CYS A CB  1 
ATOM   51   S SG  . CYS A 1 7   ? -5.448  9.552   -13.447 1.00 15.30  ? 9   CYS A SG  1 
ATOM   52   N N   . ASP A 1 8   ? -9.444  11.958  -15.055 1.00 13.85  ? 10  ASP A N   1 
ATOM   53   C CA  . ASP A 1 8   ? -10.203 12.844  -15.939 1.00 15.46  ? 10  ASP A CA  1 
ATOM   54   C C   . ASP A 1 8   ? -10.709 14.085  -15.207 1.00 17.87  ? 10  ASP A C   1 
ATOM   55   O O   . ASP A 1 8   ? -10.693 15.185  -15.756 1.00 17.47  ? 10  ASP A O   1 
ATOM   56   C CB  . ASP A 1 8   ? -11.397 12.109  -16.558 1.00 13.22  ? 10  ASP A CB  1 
ATOM   57   C CG  . ASP A 1 8   ? -10.979 11.044  -17.558 1.00 19.25  ? 10  ASP A CG  1 
ATOM   58   O OD1 . ASP A 1 8   ? -9.778  10.971  -17.893 1.00 21.08  ? 10  ASP A OD1 1 
ATOM   59   O OD2 . ASP A 1 8   ? -11.860 10.284  -18.017 1.00 19.77  ? 10  ASP A OD2 1 
ATOM   60   N N   . GLN A 1 9   ? -11.149 13.904  -13.966 1.00 19.36  ? 11  GLN A N   1 
ATOM   61   C CA  . GLN A 1 9   ? -11.675 15.009  -13.166 1.00 23.56  ? 11  GLN A CA  1 
ATOM   62   C C   . GLN A 1 9   ? -10.657 15.826  -12.372 1.00 25.70  ? 11  GLN A C   1 
ATOM   63   O O   . GLN A 1 9   ? -10.787 17.048  -12.272 1.00 23.18  ? 11  GLN A O   1 
ATOM   64   C CB  . GLN A 1 9   ? -12.714 14.495  -12.166 1.00 24.37  ? 11  GLN A CB  1 
ATOM   65   C CG  . GLN A 1 9   ? -14.005 13.972  -12.757 1.00 39.13  ? 11  GLN A CG  1 
ATOM   66   C CD  . GLN A 1 9   ? -15.001 13.585  -11.677 1.00 43.49  ? 11  GLN A CD  1 
ATOM   67   O OE1 . GLN A 1 9   ? -15.428 14.423  -10.879 1.00 44.97  ? 11  GLN A OE1 1 
ATOM   68   N NE2 . GLN A 1 9   ? -15.371 12.309  -11.641 1.00 49.02  ? 11  GLN A NE2 1 
ATOM   69   N N   . PHE A 1 10  ? -9.649  15.160  -11.810 1.00 19.49  ? 12  PHE A N   1 
ATOM   70   C CA  . PHE A 1 10  ? -8.673  15.840  -10.956 1.00 22.11  ? 12  PHE A CA  1 
ATOM   71   C C   . PHE A 1 10  ? -7.194  15.653  -11.287 1.00 19.50  ? 12  PHE A C   1 
ATOM   72   O O   . PHE A 1 10  ? -6.355  15.754  -10.392 1.00 20.61  ? 12  PHE A O   1 
ATOM   73   C CB  . PHE A 1 10  ? -8.880  15.385  -9.508  1.00 19.13  ? 12  PHE A CB  1 
ATOM   74   C CG  . PHE A 1 10  ? -10.312 15.411  -9.055  1.00 25.99  ? 12  PHE A CG  1 
ATOM   75   C CD1 . PHE A 1 10  ? -10.952 16.616  -8.784  1.00 24.69  ? 12  PHE A CD1 1 
ATOM   76   C CD2 . PHE A 1 10  ? -11.020 14.223  -8.887  1.00 23.16  ? 12  PHE A CD2 1 
ATOM   77   C CE1 . PHE A 1 10  ? -12.277 16.639  -8.349  1.00 27.08  ? 12  PHE A CE1 1 
ATOM   78   C CE2 . PHE A 1 10  ? -12.341 14.234  -8.453  1.00 27.36  ? 12  PHE A CE2 1 
ATOM   79   C CZ  . PHE A 1 10  ? -12.972 15.446  -8.182  1.00 24.13  ? 12  PHE A CZ  1 
ATOM   80   N N   . LEU A 1 11  ? -6.855  15.403  -12.546 1.00 21.89  ? 13  LEU A N   1 
ATOM   81   C CA  . LEU A 1 11  ? -5.457  15.184  -12.901 1.00 22.54  ? 13  LEU A CA  1 
ATOM   82   C C   . LEU A 1 11  ? -4.491  16.234  -12.349 1.00 26.22  ? 13  LEU A C   1 
ATOM   83   O O   . LEU A 1 11  ? -3.394  15.896  -11.906 1.00 22.26  ? 13  LEU A O   1 
ATOM   84   C CB  . LEU A 1 11  ? -5.295  15.091  -14.422 1.00 22.49  ? 13  LEU A CB  1 
ATOM   85   C CG  . LEU A 1 11  ? -3.884  14.754  -14.925 1.00 20.67  ? 13  LEU A CG  1 
ATOM   86   C CD1 . LEU A 1 11  ? -3.402  13.455  -14.293 1.00 25.20  ? 13  LEU A CD1 1 
ATOM   87   C CD2 . LEU A 1 11  ? -3.895  14.638  -16.442 1.00 22.48  ? 13  LEU A CD2 1 
ATOM   88   N N   . ASP A 1 12  ? -4.895  17.501  -12.367 1.00 28.94  ? 14  ASP A N   1 
ATOM   89   C CA  . ASP A 1 12  ? -4.036  18.578  -11.877 1.00 34.90  ? 14  ASP A CA  1 
ATOM   90   C C   . ASP A 1 12  ? -3.712  18.491  -10.385 1.00 33.32  ? 14  ASP A C   1 
ATOM   91   O O   . ASP A 1 12  ? -2.737  19.082  -9.923  1.00 34.73  ? 14  ASP A O   1 
ATOM   92   C CB  . ASP A 1 12  ? -4.662  19.944  -12.187 1.00 43.04  ? 14  ASP A CB  1 
ATOM   93   C CG  . ASP A 1 12  ? -6.011  20.137  -11.518 1.00 49.05  ? 14  ASP A CG  1 
ATOM   94   O OD1 . ASP A 1 12  ? -6.089  20.004  -10.280 1.00 54.57  ? 14  ASP A OD1 1 
ATOM   95   O OD2 . ASP A 1 12  ? -6.992  20.430  -12.232 1.00 57.74  ? 14  ASP A OD2 1 
ATOM   96   N N   . GLU A 1 13  ? -4.529  17.759  -9.635  1.00 28.86  ? 15  GLU A N   1 
ATOM   97   C CA  . GLU A 1 13  ? -4.317  17.601  -8.197  1.00 28.74  ? 15  GLU A CA  1 
ATOM   98   C C   . GLU A 1 13  ? -3.820  16.202  -7.869  1.00 27.01  ? 15  GLU A C   1 
ATOM   99   O O   . GLU A 1 13  ? -3.760  15.819  -6.700  1.00 25.06  ? 15  GLU A O   1 
ATOM   100  C CB  . GLU A 1 13  ? -5.621  17.828  -7.436  1.00 30.80  ? 15  GLU A CB  1 
ATOM   101  C CG  . GLU A 1 13  ? -6.166  19.233  -7.494  1.00 42.23  ? 15  GLU A CG  1 
ATOM   102  C CD  . GLU A 1 13  ? -7.486  19.352  -6.764  1.00 48.27  ? 15  GLU A CD  1 
ATOM   103  O OE1 . GLU A 1 13  ? -8.453  18.683  -7.183  1.00 49.29  ? 15  GLU A OE1 1 
ATOM   104  O OE2 . GLU A 1 13  ? -7.554  20.107  -5.770  1.00 54.02  ? 15  GLU A OE2 1 
ATOM   105  N N   . LEU A 1 14  ? -3.462  15.440  -8.896  1.00 17.70  ? 16  LEU A N   1 
ATOM   106  C CA  . LEU A 1 14  ? -3.020  14.070  -8.684  1.00 19.41  ? 16  LEU A CA  1 
ATOM   107  C C   . LEU A 1 14  ? -1.595  13.740  -9.091  1.00 18.61  ? 16  LEU A C   1 
ATOM   108  O O   . LEU A 1 14  ? -1.018  14.357  -9.986  1.00 17.38  ? 16  LEU A O   1 
ATOM   109  C CB  . LEU A 1 14  ? -3.946  13.101  -9.428  1.00 16.95  ? 16  LEU A CB  1 
ATOM   110  C CG  . LEU A 1 14  ? -5.398  12.929  -8.989  1.00 17.95  ? 16  LEU A CG  1 
ATOM   111  C CD1 . LEU A 1 14  ? -6.129  12.074  -10.013 1.00 17.28  ? 16  LEU A CD1 1 
ATOM   112  C CD2 . LEU A 1 14  ? -5.450  12.281  -7.615  1.00 21.01  ? 16  LEU A CD2 1 
ATOM   113  N N   . GLN A 1 15  ? -1.047  12.748  -8.399  1.00 17.66  ? 17  GLN A N   1 
ATOM   114  C CA  . GLN A 1 15  ? 0.272   12.218  -8.686  1.00 15.41  ? 17  GLN A CA  1 
ATOM   115  C C   . GLN A 1 15  ? -0.067  10.831  -9.214  1.00 15.22  ? 17  GLN A C   1 
ATOM   116  O O   . GLN A 1 15  ? -0.873  10.122  -8.612  1.00 13.66  ? 17  GLN A O   1 
ATOM   117  C CB  . GLN A 1 15  ? 1.104   12.088  -7.413  1.00 17.12  ? 17  GLN A CB  1 
ATOM   118  C CG  . GLN A 1 15  ? 1.702   13.389  -6.923  1.00 16.47  ? 17  GLN A CG  1 
ATOM   119  C CD  . GLN A 1 15  ? 2.587   13.174  -5.723  1.00 14.08  ? 17  GLN A CD  1 
ATOM   120  O OE1 . GLN A 1 15  ? 2.120   13.168  -4.583  1.00 18.41  ? 17  GLN A OE1 1 
ATOM   121  N NE2 . GLN A 1 15  ? 3.874   12.972  -5.971  1.00 11.97  ? 17  GLN A NE2 1 
ATOM   122  N N   . VAL A 1 16  ? 0.524   10.450  -10.339 1.00 13.18  ? 18  VAL A N   1 
ATOM   123  C CA  . VAL A 1 16  ? 0.257   9.145   -10.926 1.00 14.34  ? 18  VAL A CA  1 
ATOM   124  C C   . VAL A 1 16  ? 1.483   8.255   -10.786 1.00 12.71  ? 18  VAL A C   1 
ATOM   125  O O   . VAL A 1 16  ? 2.553   8.574   -11.301 1.00 10.73  ? 18  VAL A O   1 
ATOM   126  C CB  . VAL A 1 16  ? -0.115  9.274   -12.418 1.00 15.00  ? 18  VAL A CB  1 
ATOM   127  C CG1 . VAL A 1 16  ? -0.393  7.901   -13.006 1.00 11.53  ? 18  VAL A CG1 1 
ATOM   128  C CG2 . VAL A 1 16  ? -1.335  10.170  -12.571 1.00 21.98  ? 18  VAL A CG2 1 
ATOM   129  N N   . CYS A 1 17  ? 1.326   7.141   -10.076 1.00 11.47  ? 19  CYS A N   1 
ATOM   130  C CA  . CYS A 1 17  ? 2.432   6.219   -9.870  1.00 11.18  ? 19  CYS A CA  1 
ATOM   131  C C   . CYS A 1 17  ? 2.905   5.636   -11.199 1.00 16.38  ? 19  CYS A C   1 
ATOM   132  O O   . CYS A 1 17  ? 2.104   5.143   -11.998 1.00 13.35  ? 19  CYS A O   1 
ATOM   133  C CB  . CYS A 1 17  ? 2.012   5.094   -8.921  1.00 13.95  ? 19  CYS A CB  1 
ATOM   134  S SG  . CYS A 1 17  ? 3.384   4.035   -8.409  1.00 13.85  ? 19  CYS A SG  1 
ATOM   135  N N   . GLU A 1 18  ? 4.213   5.693   -11.422 1.00 15.33  ? 20  GLU A N   1 
ATOM   136  C CA  . GLU A 1 18  ? 4.820   5.200   -12.654 1.00 14.76  ? 20  GLU A CA  1 
ATOM   137  C C   . GLU A 1 18  ? 5.220   3.736   -12.551 1.00 18.55  ? 20  GLU A C   1 
ATOM   138  O O   . GLU A 1 18  ? 5.504   3.086   -13.558 1.00 21.80  ? 20  GLU A O   1 
ATOM   139  C CB  . GLU A 1 18  ? 6.046   6.048   -12.988 1.00 18.11  ? 20  GLU A CB  1 
ATOM   140  C CG  . GLU A 1 18  ? 5.726   7.509   -13.224 1.00 20.87  ? 20  GLU A CG  1 
ATOM   141  C CD  . GLU A 1 18  ? 6.962   8.384   -13.185 1.00 33.75  ? 20  GLU A CD  1 
ATOM   142  O OE1 . GLU A 1 18  ? 7.968   8.021   -13.827 1.00 37.54  ? 20  GLU A OE1 1 
ATOM   143  O OE2 . GLU A 1 18  ? 6.919   9.438   -12.516 1.00 42.39  ? 20  GLU A OE2 1 
ATOM   144  N N   . LEU A 1 19  ? 5.245   3.224   -11.329 1.00 13.16  ? 21  LEU A N   1 
ATOM   145  C CA  . LEU A 1 19  ? 5.605   1.837   -11.092 1.00 18.75  ? 21  LEU A CA  1 
ATOM   146  C C   . LEU A 1 19  ? 4.371   0.945   -11.207 1.00 17.92  ? 21  LEU A C   1 
ATOM   147  O O   . LEU A 1 19  ? 3.392   1.130   -10.484 1.00 17.65  ? 21  LEU A O   1 
ATOM   148  C CB  . LEU A 1 19  ? 6.219   1.693   -9.698  1.00 20.59  ? 21  LEU A CB  1 
ATOM   149  C CG  . LEU A 1 19  ? 6.585   0.287   -9.215  1.00 24.84  ? 21  LEU A CG  1 
ATOM   150  C CD1 . LEU A 1 19  ? 7.689   -0.302  -10.089 1.00 24.40  ? 21  LEU A CD1 1 
ATOM   151  C CD2 . LEU A 1 19  ? 7.041   0.363   -7.766  1.00 20.92  ? 21  LEU A CD2 1 
ATOM   152  N N   . PRO A 1 20  ? 4.395   -0.020  -12.140 1.00 16.19  ? 22  PRO A N   1 
ATOM   153  C CA  . PRO A 1 20  ? 3.255   -0.921  -12.309 1.00 16.77  ? 22  PRO A CA  1 
ATOM   154  C C   . PRO A 1 20  ? 3.299   -1.983  -11.216 1.00 17.60  ? 22  PRO A C   1 
ATOM   155  O O   . PRO A 1 20  ? 4.345   -2.577  -10.963 1.00 21.38  ? 22  PRO A O   1 
ATOM   156  C CB  . PRO A 1 20  ? 3.487   -1.508  -13.697 1.00 17.35  ? 22  PRO A CB  1 
ATOM   157  C CG  . PRO A 1 20  ? 4.974   -1.591  -13.763 1.00 23.43  ? 22  PRO A CG  1 
ATOM   158  C CD  . PRO A 1 20  ? 5.405   -0.256  -13.189 1.00 24.07  ? 22  PRO A CD  1 
ATOM   159  N N   . PHE A 1 21  ? 2.167   -2.213  -10.566 1.00 8.92   ? 23  PHE A N   1 
ATOM   160  C CA  . PHE A 1 21  ? 2.096   -3.202  -9.499  1.00 12.36  ? 23  PHE A CA  1 
ATOM   161  C C   . PHE A 1 21  ? 1.340   -4.446  -9.926  1.00 12.18  ? 23  PHE A C   1 
ATOM   162  O O   . PHE A 1 21  ? 0.529   -4.410  -10.851 1.00 11.52  ? 23  PHE A O   1 
ATOM   163  C CB  . PHE A 1 21  ? 1.366   -2.627  -8.280  1.00 13.71  ? 23  PHE A CB  1 
ATOM   164  C CG  . PHE A 1 21  ? 2.138   -1.579  -7.538  1.00 12.97  ? 23  PHE A CG  1 
ATOM   165  C CD1 . PHE A 1 21  ? 3.149   -1.939  -6.653  1.00 12.62  ? 23  PHE A CD1 1 
ATOM   166  C CD2 . PHE A 1 21  ? 1.826   -0.233  -7.691  1.00 12.80  ? 23  PHE A CD2 1 
ATOM   167  C CE1 . PHE A 1 21  ? 3.837   -0.976  -5.926  1.00 11.46  ? 23  PHE A CE1 1 
ATOM   168  C CE2 . PHE A 1 21  ? 2.512   0.740   -6.968  1.00 12.32  ? 23  PHE A CE2 1 
ATOM   169  C CZ  . PHE A 1 21  ? 3.518   0.365   -6.083  1.00 11.26  ? 23  PHE A CZ  1 
ATOM   170  N N   . GLN A 1 22  ? 1.614   -5.550  -9.242  1.00 10.45  ? 24  GLN A N   1 
ATOM   171  C CA  . GLN A 1 22  ? 0.897   -6.790  -9.487  1.00 10.33  ? 24  GLN A CA  1 
ATOM   172  C C   . GLN A 1 22  ? -0.148  -6.738  -8.378  1.00 13.78  ? 24  GLN A C   1 
ATOM   173  O O   . GLN A 1 22  ? 0.166   -6.311  -7.267  1.00 10.91  ? 24  GLN A O   1 
ATOM   174  C CB  . GLN A 1 22  ? 1.801   -8.007  -9.276  1.00 10.79  ? 24  GLN A CB  1 
ATOM   175  C CG  . GLN A 1 22  ? 3.022   -8.054  -10.178 1.00 24.75  ? 24  GLN A CG  1 
ATOM   176  C CD  . GLN A 1 22  ? 2.660   -7.944  -11.642 1.00 29.42  ? 24  GLN A CD  1 
ATOM   177  O OE1 . GLN A 1 22  ? 1.818   -8.690  -12.142 1.00 34.88  ? 24  GLN A OE1 1 
ATOM   178  N NE2 . GLN A 1 22  ? 3.298   -7.011  -12.341 1.00 36.33  ? 24  GLN A NE2 1 
ATOM   179  N N   . SER A 1 23  ? -1.380  -7.144  -8.673  1.00 11.69  ? 25  SER A N   1 
ATOM   180  C CA  . SER A 1 23  ? -2.447  -7.131  -7.670  1.00 11.87  ? 25  SER A CA  1 
ATOM   181  C C   . SER A 1 23  ? -2.592  -8.538  -7.098  1.00 13.35  ? 25  SER A C   1 
ATOM   182  O O   . SER A 1 23  ? -2.839  -9.488  -7.839  1.00 12.65  ? 25  SER A O   1 
ATOM   183  C CB  . SER A 1 23  ? -3.763  -6.681  -8.306  1.00 15.51  ? 25  SER A CB  1 
ATOM   184  O OG  . SER A 1 23  ? -4.760  -6.487  -7.320  1.00 21.07  ? 25  SER A OG  1 
ATOM   185  N N   . TYR A 1 24  ? -2.454  -8.663  -5.779  1.00 7.22   ? 26  TYR A N   1 
ATOM   186  C CA  . TYR A 1 24  ? -2.521  -9.964  -5.117  1.00 10.14  ? 26  TYR A CA  1 
ATOM   187  C C   . TYR A 1 24  ? -3.720  -10.218 -4.203  1.00 9.96   ? 26  TYR A C   1 
ATOM   188  O O   . TYR A 1 24  ? -4.022  -11.366 -3.895  1.00 9.98   ? 26  TYR A O   1 
ATOM   189  C CB  . TYR A 1 24  ? -1.249  -10.180 -4.297  1.00 7.75   ? 26  TYR A CB  1 
ATOM   190  C CG  . TYR A 1 24  ? 0.016   -10.246 -5.110  1.00 11.03  ? 26  TYR A CG  1 
ATOM   191  C CD1 . TYR A 1 24  ? 0.318   -11.374 -5.878  1.00 14.60  ? 26  TYR A CD1 1 
ATOM   192  C CD2 . TYR A 1 24  ? 0.915   -9.182  -5.119  1.00 8.10   ? 26  TYR A CD2 1 
ATOM   193  C CE1 . TYR A 1 24  ? 1.490   -11.439 -6.635  1.00 15.54  ? 26  TYR A CE1 1 
ATOM   194  C CE2 . TYR A 1 24  ? 2.087   -9.237  -5.872  1.00 17.49  ? 26  TYR A CE2 1 
ATOM   195  C CZ  . TYR A 1 24  ? 2.368   -10.368 -6.626  1.00 17.45  ? 26  TYR A CZ  1 
ATOM   196  O OH  . TYR A 1 24  ? 3.519   -10.415 -7.377  1.00 15.53  ? 26  TYR A OH  1 
ATOM   197  N N   . GLY A 1 25  ? -4.395  -9.160  -3.766  1.00 11.81  ? 27  GLY A N   1 
ATOM   198  C CA  . GLY A 1 25  ? -5.522  -9.340  -2.866  1.00 7.78   ? 27  GLY A CA  1 
ATOM   199  C C   . GLY A 1 25  ? -6.841  -9.681  -3.529  1.00 13.18  ? 27  GLY A C   1 
ATOM   200  O O   . GLY A 1 25  ? -6.974  -9.600  -4.752  1.00 10.70  ? 27  GLY A O   1 
ATOM   201  N N   . GLY A 1 26  ? -7.817  -10.068 -2.712  1.00 10.52  ? 28  GLY A N   1 
ATOM   202  C CA  . GLY A 1 26  ? -9.132  -10.407 -3.227  1.00 14.04  ? 28  GLY A CA  1 
ATOM   203  C C   . GLY A 1 26  ? -9.836  -9.189  -3.796  1.00 16.66  ? 28  GLY A C   1 
ATOM   204  O O   . GLY A 1 26  ? -10.766 -9.311  -4.593  1.00 16.71  ? 28  GLY A O   1 
ATOM   205  N N   . LYS A 1 27  ? -9.399  -8.008  -3.368  1.00 14.26  ? 29  LYS A N   1 
ATOM   206  C CA  . LYS A 1 27  ? -9.968  -6.755  -3.850  1.00 20.17  ? 29  LYS A CA  1 
ATOM   207  C C   . LYS A 1 27  ? -9.012  -6.144  -4.864  1.00 15.45  ? 29  LYS A C   1 
ATOM   208  O O   . LYS A 1 27  ? -7.831  -5.954  -4.579  1.00 14.58  ? 29  LYS A O   1 
ATOM   209  C CB  . LYS A 1 27  ? -10.184 -5.776  -2.689  1.00 21.84  ? 29  LYS A CB  1 
ATOM   210  C CG  . LYS A 1 27  ? -11.316 -6.170  -1.759  1.00 33.06  ? 29  LYS A CG  1 
ATOM   211  C CD  . LYS A 1 27  ? -12.637 -6.196  -2.512  1.00 40.28  ? 29  LYS A CD  1 
ATOM   212  C CE  . LYS A 1 27  ? -13.736 -6.835  -1.688  1.00 48.31  ? 29  LYS A CE  1 
ATOM   213  N NZ  . LYS A 1 27  ? -15.034 -6.869  -2.423  1.00 49.03  ? 29  LYS A NZ  1 
ATOM   214  N N   . ARG A 1 28  ? -9.527  -5.836  -6.047  1.00 13.58  ? 30  ARG A N   1 
ATOM   215  C CA  . ARG A 1 28  ? -8.706  -5.253  -7.097  1.00 14.73  ? 30  ARG A CA  1 
ATOM   216  C C   . ARG A 1 28  ? -8.775  -3.734  -7.047  1.00 15.31  ? 30  ARG A C   1 
ATOM   217  O O   . ARG A 1 28  ? -7.899  -3.042  -7.561  1.00 17.08  ? 30  ARG A O   1 
ATOM   218  C CB  . ARG A 1 28  ? -9.174  -5.779  -8.454  1.00 20.54  ? 30  ARG A CB  1 
ATOM   219  C CG  . ARG A 1 28  ? -9.172  -7.303  -8.503  1.00 33.18  ? 30  ARG A CG  1 
ATOM   220  C CD  . ARG A 1 28  ? -9.677  -7.860  -9.823  1.00 44.62  ? 30  ARG A CD  1 
ATOM   221  N NE  . ARG A 1 28  ? -9.714  -9.322  -9.796  1.00 53.66  ? 30  ARG A NE  1 
ATOM   222  C CZ  . ARG A 1 28  ? -10.096 -10.086 -10.814 1.00 57.73  ? 30  ARG A CZ  1 
ATOM   223  N NH1 . ARG A 1 28  ? -10.480 -9.532  -11.957 1.00 60.19  ? 30  ARG A NH1 1 
ATOM   224  N NH2 . ARG A 1 28  ? -10.098 -11.406 -10.690 1.00 57.66  ? 30  ARG A NH2 1 
ATOM   225  N N   . MET A 1 29  ? -9.816  -3.221  -6.402  1.00 11.06  ? 31  MET A N   1 
ATOM   226  C CA  . MET A 1 29  ? -10.001 -1.784  -6.268  1.00 7.75   ? 31  MET A CA  1 
ATOM   227  C C   . MET A 1 29  ? -10.089 -1.413  -4.790  1.00 10.29  ? 31  MET A C   1 
ATOM   228  O O   . MET A 1 29  ? -10.851 -2.017  -4.039  1.00 9.95   ? 31  MET A O   1 
ATOM   229  C CB  . MET A 1 29  ? -11.281 -1.356  -6.985  1.00 11.43  ? 31  MET A CB  1 
ATOM   230  C CG  . MET A 1 29  ? -11.607 0.113   -6.852  1.00 19.13  ? 31  MET A CG  1 
ATOM   231  S SD  . MET A 1 29  ? -13.144 0.530   -7.699  1.00 28.03  ? 31  MET A SD  1 
ATOM   232  C CE  . MET A 1 29  ? -12.550 0.758   -9.375  1.00 18.72  ? 31  MET A CE  1 
ATOM   233  N N   . PHE A 1 30  ? -9.295  -0.433  -4.373  1.00 9.21   ? 32  PHE A N   1 
ATOM   234  C CA  . PHE A 1 30  ? -9.309  0.007   -2.983  1.00 11.72  ? 32  PHE A CA  1 
ATOM   235  C C   . PHE A 1 30  ? -8.715  1.402   -2.862  1.00 12.54  ? 32  PHE A C   1 
ATOM   236  O O   . PHE A 1 30  ? -7.952  1.837   -3.727  1.00 8.78   ? 32  PHE A O   1 
ATOM   237  C CB  . PHE A 1 30  ? -8.553  -0.995  -2.090  1.00 11.59  ? 32  PHE A CB  1 
ATOM   238  C CG  . PHE A 1 30  ? -7.107  -1.188  -2.465  1.00 11.99  ? 32  PHE A CG  1 
ATOM   239  C CD1 . PHE A 1 30  ? -6.101  -0.519  -1.776  1.00 11.96  ? 32  PHE A CD1 1 
ATOM   240  C CD2 . PHE A 1 30  ? -6.754  -2.047  -3.501  1.00 10.41  ? 32  PHE A CD2 1 
ATOM   241  C CE1 . PHE A 1 30  ? -4.758  -0.706  -2.110  1.00 14.07  ? 32  PHE A CE1 1 
ATOM   242  C CE2 . PHE A 1 30  ? -5.418  -2.242  -3.846  1.00 13.54  ? 32  PHE A CE2 1 
ATOM   243  C CZ  . PHE A 1 30  ? -4.415  -1.568  -3.147  1.00 10.97  ? 32  PHE A CZ  1 
ATOM   244  N N   . SER A 1 31  ? -9.085  2.111   -1.801  1.00 10.72  ? 33  SER A N   1 
ATOM   245  C CA  . SER A 1 31  ? -8.594  3.465   -1.596  1.00 12.91  ? 33  SER A CA  1 
ATOM   246  C C   . SER A 1 31  ? -8.785  3.899   -0.149  1.00 11.90  ? 33  SER A C   1 
ATOM   247  O O   . SER A 1 31  ? -9.499  3.250   0.615   1.00 13.52  ? 33  SER A O   1 
ATOM   248  C CB  . SER A 1 31  ? -9.339  4.434   -2.518  1.00 10.28  ? 33  SER A CB  1 
ATOM   249  O OG  . SER A 1 31  ? -10.717 4.487   -2.179  1.00 15.42  ? 33  SER A OG  1 
ATOM   250  N N   . GLY A 1 32  ? -8.145  5.003   0.220   1.00 12.05  ? 34  GLY A N   1 
ATOM   251  C CA  . GLY A 1 32  ? -8.260  5.499   1.576   1.00 13.06  ? 34  GLY A CA  1 
ATOM   252  C C   . GLY A 1 32  ? -7.058  6.326   1.989   1.00 13.26  ? 34  GLY A C   1 
ATOM   253  O O   . GLY A 1 32  ? -6.107  6.469   1.219   1.00 12.51  ? 34  GLY A O   1 
ATOM   254  N N   . PRO A 1 33  ? -7.070  6.881   3.210   1.00 11.27  ? 35  PRO A N   1 
ATOM   255  C CA  . PRO A 1 33  ? -5.971  7.701   3.727   1.00 10.48  ? 35  PRO A CA  1 
ATOM   256  C C   . PRO A 1 33  ? -4.691  6.888   3.852   1.00 10.38  ? 35  PRO A C   1 
ATOM   257  O O   . PRO A 1 33  ? -4.710  5.738   4.284   1.00 12.55  ? 35  PRO A O   1 
ATOM   258  C CB  . PRO A 1 33  ? -6.504  8.170   5.079   1.00 11.38  ? 35  PRO A CB  1 
ATOM   259  C CG  . PRO A 1 33  ? -7.325  7.008   5.521   1.00 14.83  ? 35  PRO A CG  1 
ATOM   260  C CD  . PRO A 1 33  ? -8.078  6.636   4.256   1.00 11.91  ? 35  PRO A CD  1 
ATOM   261  N N   . ILE A 1 34  ? -3.582  7.506   3.470   1.00 10.64  ? 36  ILE A N   1 
ATOM   262  C CA  . ILE A 1 34  ? -2.272  6.876   3.503   1.00 10.26  ? 36  ILE A CA  1 
ATOM   263  C C   . ILE A 1 34  ? -1.574  6.905   4.864   1.00 12.66  ? 36  ILE A C   1 
ATOM   264  O O   . ILE A 1 34  ? -1.599  7.909   5.570   1.00 9.45   ? 36  ILE A O   1 
ATOM   265  C CB  . ILE A 1 34  ? -1.322  7.558   2.483   1.00 11.70  ? 36  ILE A CB  1 
ATOM   266  C CG1 . ILE A 1 34  ? -1.762  7.238   1.056   1.00 15.33  ? 36  ILE A CG1 1 
ATOM   267  C CG2 . ILE A 1 34  ? 0.112   7.134   2.731   1.00 16.19  ? 36  ILE A CG2 1 
ATOM   268  C CD1 . ILE A 1 34  ? -0.928  7.950   -0.001  1.00 20.06  ? 36  ILE A CD1 1 
ATOM   269  N N   . ALA A 1 35  ? -0.963  5.777   5.208   1.00 9.24   ? 37  ALA A N   1 
ATOM   270  C CA  . ALA A 1 35  ? -0.166  5.617   6.418   1.00 11.97  ? 37  ALA A CA  1 
ATOM   271  C C   . ALA A 1 35  ? 1.131   5.115   5.788   1.00 10.59  ? 37  ALA A C   1 
ATOM   272  O O   . ALA A 1 35  ? 1.083   4.266   4.893   1.00 9.67   ? 37  ALA A O   1 
ATOM   273  C CB  . ALA A 1 35  ? -0.761  4.553   7.325   1.00 14.07  ? 37  ALA A CB  1 
ATOM   274  N N   . THR A 1 36  ? 2.277   5.628   6.230   1.00 8.55   ? 38  THR A N   1 
ATOM   275  C CA  . THR A 1 36  ? 3.548   5.225   5.630   1.00 10.74  ? 38  THR A CA  1 
ATOM   276  C C   . THR A 1 36  ? 4.522   4.454   6.505   1.00 10.42  ? 38  THR A C   1 
ATOM   277  O O   . THR A 1 36  ? 4.555   4.607   7.729   1.00 8.94   ? 38  THR A O   1 
ATOM   278  C CB  . THR A 1 36  ? 4.324   6.449   5.088   1.00 12.38  ? 38  THR A CB  1 
ATOM   279  O OG1 . THR A 1 36  ? 4.698   7.295   6.184   1.00 14.09  ? 38  THR A OG1 1 
ATOM   280  C CG2 . THR A 1 36  ? 3.473   7.245   4.108   1.00 11.27  ? 38  THR A CG2 1 
ATOM   281  N N   . VAL A 1 37  ? 5.329   3.631   5.846   1.00 10.83  ? 39  VAL A N   1 
ATOM   282  C CA  . VAL A 1 37  ? 6.366   2.844   6.501   1.00 12.71  ? 39  VAL A CA  1 
ATOM   283  C C   . VAL A 1 37  ? 7.540   2.778   5.532   1.00 12.16  ? 39  VAL A C   1 
ATOM   284  O O   . VAL A 1 37  ? 7.370   2.437   4.361   1.00 9.76   ? 39  VAL A O   1 
ATOM   285  C CB  . VAL A 1 37  ? 5.911   1.399   6.805   1.00 18.29  ? 39  VAL A CB  1 
ATOM   286  C CG1 . VAL A 1 37  ? 7.033   0.650   7.511   1.00 21.67  ? 39  VAL A CG1 1 
ATOM   287  C CG2 . VAL A 1 37  ? 4.664   1.406   7.666   1.00 18.06  ? 39  VAL A CG2 1 
ATOM   288  N N   . ASP A 1 38  ? 8.730   3.111   6.022   1.00 10.75  ? 40  ASP A N   1 
ATOM   289  C CA  . ASP A 1 38  ? 9.937   3.092   5.204   1.00 14.73  ? 40  ASP A CA  1 
ATOM   290  C C   . ASP A 1 38  ? 10.888  2.064   5.812   1.00 16.29  ? 40  ASP A C   1 
ATOM   291  O O   . ASP A 1 38  ? 11.376  2.241   6.928   1.00 14.50  ? 40  ASP A O   1 
ATOM   292  C CB  . ASP A 1 38  ? 10.566  4.487   5.199   1.00 18.39  ? 40  ASP A CB  1 
ATOM   293  C CG  . ASP A 1 38  ? 11.683  4.628   4.183   1.00 23.95  ? 40  ASP A CG  1 
ATOM   294  O OD1 . ASP A 1 38  ? 11.506  4.193   3.027   1.00 28.38  ? 40  ASP A OD1 1 
ATOM   295  O OD2 . ASP A 1 38  ? 12.735  5.194   4.543   1.00 24.45  ? 40  ASP A OD2 1 
ATOM   296  N N   . VAL A 1 39  ? 11.138  0.982   5.079   1.00 11.54  ? 41  VAL A N   1 
ATOM   297  C CA  . VAL A 1 39  ? 12.005  -0.089  5.565   1.00 11.93  ? 41  VAL A CA  1 
ATOM   298  C C   . VAL A 1 39  ? 12.895  -0.666  4.472   1.00 12.35  ? 41  VAL A C   1 
ATOM   299  O O   . VAL A 1 39  ? 12.793  -0.295  3.303   1.00 17.09  ? 41  VAL A O   1 
ATOM   300  C CB  . VAL A 1 39  ? 11.171  -1.261  6.135   1.00 10.94  ? 41  VAL A CB  1 
ATOM   301  C CG1 . VAL A 1 39  ? 10.276  -0.767  7.265   1.00 10.19  ? 41  VAL A CG1 1 
ATOM   302  C CG2 . VAL A 1 39  ? 10.327  -1.887  5.022   1.00 12.76  ? 41  VAL A CG2 1 
ATOM   303  N N   . PHE A 1 40  ? 13.767  -1.585  4.873   1.00 12.86  ? 42  PHE A N   1 
ATOM   304  C CA  . PHE A 1 40  ? 14.661  -2.261  3.946   1.00 11.32  ? 42  PHE A CA  1 
ATOM   305  C C   . PHE A 1 40  ? 14.847  -3.704  4.404   1.00 13.77  ? 42  PHE A C   1 
ATOM   306  O O   . PHE A 1 40  ? 15.637  -3.992  5.311   1.00 10.34  ? 42  PHE A O   1 
ATOM   307  C CB  . PHE A 1 40  ? 16.017  -1.556  3.876   1.00 11.39  ? 42  PHE A CB  1 
ATOM   308  C CG  . PHE A 1 40  ? 16.959  -2.165  2.878   1.00 13.89  ? 42  PHE A CG  1 
ATOM   309  C CD1 . PHE A 1 40  ? 16.607  -2.253  1.538   1.00 14.22  ? 42  PHE A CD1 1 
ATOM   310  C CD2 . PHE A 1 40  ? 18.190  -2.673  3.282   1.00 20.41  ? 42  PHE A CD2 1 
ATOM   311  C CE1 . PHE A 1 40  ? 17.466  -2.840  0.608   1.00 22.70  ? 42  PHE A CE1 1 
ATOM   312  C CE2 . PHE A 1 40  ? 19.055  -3.261  2.362   1.00 18.70  ? 42  PHE A CE2 1 
ATOM   313  C CZ  . PHE A 1 40  ? 18.690  -3.344  1.021   1.00 20.10  ? 42  PHE A CZ  1 
ATOM   314  N N   . GLU A 1 41  ? 14.082  -4.599  3.783   1.00 13.00  ? 43  GLU A N   1 
ATOM   315  C CA  . GLU A 1 41  ? 14.124  -6.029  4.074   1.00 13.96  ? 43  GLU A CA  1 
ATOM   316  C C   . GLU A 1 41  ? 13.836  -6.378  5.539   1.00 16.47  ? 43  GLU A C   1 
ATOM   317  O O   . GLU A 1 41  ? 14.297  -7.400  6.054   1.00 15.16  ? 43  GLU A O   1 
ATOM   318  C CB  . GLU A 1 41  ? 15.482  -6.591  3.627   1.00 13.79  ? 43  GLU A CB  1 
ATOM   319  C CG  . GLU A 1 41  ? 15.917  -6.037  2.263   1.00 16.97  ? 43  GLU A CG  1 
ATOM   320  C CD  . GLU A 1 41  ? 17.127  -6.743  1.679   1.00 24.10  ? 43  GLU A CD  1 
ATOM   321  O OE1 . GLU A 1 41  ? 18.073  -7.035  2.435   1.00 17.80  ? 43  GLU A OE1 1 
ATOM   322  O OE2 . GLU A 1 41  ? 17.135  -6.993  0.456   1.00 17.76  ? 43  GLU A OE2 1 
ATOM   323  N N   . ASP A 1 42  ? 13.057  -5.526  6.202   1.00 14.28  ? 44  ASP A N   1 
ATOM   324  C CA  . ASP A 1 42  ? 12.677  -5.726  7.602   1.00 12.04  ? 44  ASP A CA  1 
ATOM   325  C C   . ASP A 1 42  ? 11.201  -5.328  7.690   1.00 11.05  ? 44  ASP A C   1 
ATOM   326  O O   . ASP A 1 42  ? 10.812  -4.298  7.145   1.00 12.18  ? 44  ASP A O   1 
ATOM   327  C CB  . ASP A 1 42  ? 13.526  -4.828  8.510   1.00 13.80  ? 44  ASP A CB  1 
ATOM   328  C CG  . ASP A 1 42  ? 13.451  -5.231  9.974   1.00 18.39  ? 44  ASP A CG  1 
ATOM   329  O OD1 . ASP A 1 42  ? 12.355  -5.153  10.572  1.00 16.96  ? 44  ASP A OD1 1 
ATOM   330  O OD2 . ASP A 1 42  ? 14.494  -5.628  10.530  1.00 21.55  ? 44  ASP A OD2 1 
ATOM   331  N N   . ASN A 1 43  ? 10.375  -6.125  8.360   1.00 11.19  ? 45  ASN A N   1 
ATOM   332  C CA  . ASN A 1 43  ? 8.955   -5.784  8.419   1.00 11.22  ? 45  ASN A CA  1 
ATOM   333  C C   . ASN A 1 43  ? 8.328   -5.636  9.801   1.00 15.38  ? 45  ASN A C   1 
ATOM   334  O O   . ASN A 1 43  ? 7.102   -5.651  9.930   1.00 12.75  ? 45  ASN A O   1 
ATOM   335  C CB  . ASN A 1 43  ? 8.147   -6.788  7.576   1.00 15.74  ? 45  ASN A CB  1 
ATOM   336  C CG  . ASN A 1 43  ? 7.835   -8.083  8.313   1.00 14.22  ? 45  ASN A CG  1 
ATOM   337  O OD1 . ASN A 1 43  ? 8.478   -8.434  9.301   1.00 11.12  ? 45  ASN A OD1 1 
ATOM   338  N ND2 . ASN A 1 43  ? 6.838   -8.812  7.814   1.00 14.21  ? 45  ASN A ND2 1 
ATOM   339  N N   . VAL A 1 44  ? 9.153   -5.477  10.834  1.00 13.10  ? 46  VAL A N   1 
ATOM   340  C CA  . VAL A 1 44  ? 8.618   -5.306  12.182  1.00 11.65  ? 46  VAL A CA  1 
ATOM   341  C C   . VAL A 1 44  ? 7.720   -4.072  12.237  1.00 11.17  ? 46  VAL A C   1 
ATOM   342  O O   . VAL A 1 44  ? 6.654   -4.099  12.847  1.00 10.20  ? 46  VAL A O   1 
ATOM   343  C CB  . VAL A 1 44  ? 9.742   -5.138  13.219  1.00 10.29  ? 46  VAL A CB  1 
ATOM   344  C CG1 . VAL A 1 44  ? 9.152   -4.714  14.564  1.00 12.83  ? 46  VAL A CG1 1 
ATOM   345  C CG2 . VAL A 1 44  ? 10.504  -6.446  13.362  1.00 15.88  ? 46  VAL A CG2 1 
ATOM   346  N N   . LEU A 1 45  ? 8.156   -2.989  11.603  1.00 11.06  ? 47  LEU A N   1 
ATOM   347  C CA  . LEU A 1 45  ? 7.370   -1.765  11.591  1.00 7.60   ? 47  LEU A CA  1 
ATOM   348  C C   . LEU A 1 45  ? 6.148   -1.889  10.693  1.00 9.60   ? 47  LEU A C   1 
ATOM   349  O O   . LEU A 1 45  ? 5.167   -1.168  10.873  1.00 10.24  ? 47  LEU A O   1 
ATOM   350  C CB  . LEU A 1 45  ? 8.238   -0.583  11.158  1.00 6.46   ? 47  LEU A CB  1 
ATOM   351  C CG  . LEU A 1 45  ? 9.308   -0.253  12.205  1.00 9.87   ? 47  LEU A CG  1 
ATOM   352  C CD1 . LEU A 1 45  ? 10.200  0.868   11.697  1.00 15.09  ? 47  LEU A CD1 1 
ATOM   353  C CD2 . LEU A 1 45  ? 8.625   0.143   13.514  1.00 15.65  ? 47  LEU A CD2 1 
ATOM   354  N N   . VAL A 1 46  ? 6.204   -2.796  9.723   1.00 10.04  ? 48  VAL A N   1 
ATOM   355  C CA  . VAL A 1 46  ? 5.056   -3.011  8.847   1.00 11.44  ? 48  VAL A CA  1 
ATOM   356  C C   . VAL A 1 46  ? 3.982   -3.649  9.724   1.00 10.85  ? 48  VAL A C   1 
ATOM   357  O O   . VAL A 1 46  ? 2.815   -3.261  9.684   1.00 11.55  ? 48  VAL A O   1 
ATOM   358  C CB  . VAL A 1 46  ? 5.388   -3.969  7.679   1.00 11.43  ? 48  VAL A CB  1 
ATOM   359  C CG1 . VAL A 1 46  ? 4.137   -4.228  6.848   1.00 13.36  ? 48  VAL A CG1 1 
ATOM   360  C CG2 . VAL A 1 46  ? 6.483   -3.366  6.810   1.00 7.32   ? 48  VAL A CG2 1 
ATOM   361  N N   . ARG A 1 47  ? 4.390   -4.623  10.532  1.00 10.96  ? 49  ARG A N   1 
ATOM   362  C CA  . ARG A 1 47  ? 3.448   -5.291  11.420  1.00 11.50  ? 49  ARG A CA  1 
ATOM   363  C C   . ARG A 1 47  ? 2.859   -4.331  12.446  1.00 8.49   ? 49  ARG A C   1 
ATOM   364  O O   . ARG A 1 47  ? 1.650   -4.299  12.648  1.00 11.25  ? 49  ARG A O   1 
ATOM   365  C CB  . ARG A 1 47  ? 4.117   -6.461  12.143  1.00 8.85   ? 49  ARG A CB  1 
ATOM   366  C CG  . ARG A 1 47  ? 3.220   -7.087  13.202  1.00 18.58  ? 49  ARG A CG  1 
ATOM   367  C CD  . ARG A 1 47  ? 3.622   -8.511  13.520  1.00 23.26  ? 49  ARG A CD  1 
ATOM   368  N NE  . ARG A 1 47  ? 2.586   -9.174  14.309  1.00 31.39  ? 49  ARG A NE  1 
ATOM   369  C CZ  . ARG A 1 47  ? 2.385   -10.487 14.333  1.00 33.56  ? 49  ARG A CZ  1 
ATOM   370  N NH1 . ARG A 1 47  ? 3.150   -11.292 13.606  1.00 29.55  ? 49  ARG A NH1 1 
ATOM   371  N NH2 . ARG A 1 47  ? 1.412   -10.995 15.077  1.00 35.48  ? 49  ARG A NH2 1 
ATOM   372  N N   . GLU A 1 48  ? 3.709   -3.546  13.097  1.00 13.41  ? 50  GLU A N   1 
ATOM   373  C CA  . GLU A 1 48  ? 3.222   -2.616  14.109  1.00 11.54  ? 50  GLU A CA  1 
ATOM   374  C C   . GLU A 1 48  ? 2.237   -1.613  13.515  1.00 14.65  ? 50  GLU A C   1 
ATOM   375  O O   . GLU A 1 48  ? 1.251   -1.243  14.161  1.00 13.91  ? 50  GLU A O   1 
ATOM   376  C CB  . GLU A 1 48  ? 4.396   -1.889  14.770  1.00 13.44  ? 50  GLU A CB  1 
ATOM   377  C CG  . GLU A 1 48  ? 5.460   -2.842  15.292  1.00 21.92  ? 50  GLU A CG  1 
ATOM   378  C CD  . GLU A 1 48  ? 6.389   -2.194  16.297  1.00 30.20  ? 50  GLU A CD  1 
ATOM   379  O OE1 . GLU A 1 48  ? 6.833   -1.053  16.049  1.00 32.49  ? 50  GLU A OE1 1 
ATOM   380  O OE2 . GLU A 1 48  ? 6.680   -2.833  17.332  1.00 30.03  ? 50  GLU A OE2 1 
ATOM   381  N N   . ALA A 1 49  ? 2.496   -1.179  12.284  1.00 12.62  ? 51  ALA A N   1 
ATOM   382  C CA  . ALA A 1 49  ? 1.610   -0.238  11.614  1.00 11.54  ? 51  ALA A CA  1 
ATOM   383  C C   . ALA A 1 49  ? 0.247   -0.894  11.379  1.00 9.01   ? 51  ALA A C   1 
ATOM   384  O O   . ALA A 1 49  ? -0.798  -0.315  11.690  1.00 10.53  ? 51  ALA A O   1 
ATOM   385  C CB  . ALA A 1 49  ? 2.221   0.202   10.277  1.00 8.34   ? 51  ALA A CB  1 
ATOM   386  N N   . LEU A 1 50  ? 0.260   -2.106  10.836  1.00 8.15   ? 52  LEU A N   1 
ATOM   387  C CA  . LEU A 1 50  ? -0.984  -2.820  10.563  1.00 12.38  ? 52  LEU A CA  1 
ATOM   388  C C   . LEU A 1 50  ? -1.803  -3.067  11.823  1.00 10.49  ? 52  LEU A C   1 
ATOM   389  O O   . LEU A 1 50  ? -3.026  -3.180  11.761  1.00 11.81  ? 52  LEU A O   1 
ATOM   390  C CB  . LEU A 1 50  ? -0.695  -4.161  9.883   1.00 9.32   ? 52  LEU A CB  1 
ATOM   391  C CG  . LEU A 1 50  ? -0.139  -4.091  8.463   1.00 12.88  ? 52  LEU A CG  1 
ATOM   392  C CD1 . LEU A 1 50  ? 0.211   -5.494  7.979   1.00 15.58  ? 52  LEU A CD1 1 
ATOM   393  C CD2 . LEU A 1 50  ? -1.169  -3.439  7.547   1.00 10.52  ? 52  LEU A CD2 1 
ATOM   394  N N   . GLU A 1 51  ? -1.131  -3.145  12.965  1.00 14.49  ? 53  GLU A N   1 
ATOM   395  C CA  . GLU A 1 51  ? -1.823  -3.394  14.225  1.00 17.14  ? 53  GLU A CA  1 
ATOM   396  C C   . GLU A 1 51  ? -2.314  -2.110  14.885  1.00 14.15  ? 53  GLU A C   1 
ATOM   397  O O   . GLU A 1 51  ? -3.080  -2.167  15.844  1.00 13.86  ? 53  GLU A O   1 
ATOM   398  C CB  . GLU A 1 51  ? -0.898  -4.128  15.202  1.00 19.37  ? 53  GLU A CB  1 
ATOM   399  C CG  . GLU A 1 51  ? -0.273  -5.397  14.651  1.00 17.40  ? 53  GLU A CG  1 
ATOM   400  C CD  . GLU A 1 51  ? 0.706   -6.032  15.621  1.00 20.10  ? 53  GLU A CD  1 
ATOM   401  O OE1 . GLU A 1 51  ? 1.539   -5.300  16.193  1.00 23.92  ? 53  GLU A OE1 1 
ATOM   402  O OE2 . GLU A 1 51  ? 0.653   -7.266  15.802  1.00 23.00  ? 53  GLU A OE2 1 
ATOM   403  N N   . THR A 1 52  ? -1.900  -0.958  14.363  1.00 12.73  ? 54  THR A N   1 
ATOM   404  C CA  . THR A 1 52  ? -2.287  0.313   14.968  1.00 14.89  ? 54  THR A CA  1 
ATOM   405  C C   . THR A 1 52  ? -2.985  1.375   14.117  1.00 14.03  ? 54  THR A C   1 
ATOM   406  O O   . THR A 1 52  ? -3.681  2.225   14.669  1.00 16.33  ? 54  THR A O   1 
ATOM   407  C CB  . THR A 1 52  ? -1.066  0.978   15.624  1.00 16.93  ? 54  THR A CB  1 
ATOM   408  O OG1 . THR A 1 52  ? -0.067  1.222   14.625  1.00 16.41  ? 54  THR A OG1 1 
ATOM   409  C CG2 . THR A 1 52  ? -0.487  0.069   16.705  1.00 12.61  ? 54  THR A CG2 1 
ATOM   410  N N   . VAL A 1 53  ? -2.818  1.355   12.795  1.00 11.39  ? 55  VAL A N   1 
ATOM   411  C CA  . VAL A 1 53  ? -3.464  2.379   11.970  1.00 12.43  ? 55  VAL A CA  1 
ATOM   412  C C   . VAL A 1 53  ? -4.998  2.301   12.004  1.00 13.57  ? 55  VAL A C   1 
ATOM   413  O O   . VAL A 1 53  ? -5.574  1.239   12.237  1.00 13.77  ? 55  VAL A O   1 
ATOM   414  C CB  . VAL A 1 53  ? -2.981  2.324   10.498  1.00 10.77  ? 55  VAL A CB  1 
ATOM   415  C CG1 . VAL A 1 53  ? -1.485  2.573   10.439  1.00 11.93  ? 55  VAL A CG1 1 
ATOM   416  C CG2 . VAL A 1 53  ? -3.332  0.977   9.870   1.00 12.53  ? 55  VAL A CG2 1 
ATOM   417  N N   . PRO A 1 54  ? -5.675  3.439   11.778  1.00 12.11  ? 56  PRO A N   1 
ATOM   418  C CA  . PRO A 1 54  ? -7.142  3.505   11.785  1.00 13.50  ? 56  PRO A CA  1 
ATOM   419  C C   . PRO A 1 54  ? -7.793  2.659   10.697  1.00 13.38  ? 56  PRO A C   1 
ATOM   420  O O   . PRO A 1 54  ? -7.186  2.390   9.663   1.00 12.81  ? 56  PRO A O   1 
ATOM   421  C CB  . PRO A 1 54  ? -7.424  4.994   11.571  1.00 14.68  ? 56  PRO A CB  1 
ATOM   422  C CG  . PRO A 1 54  ? -6.210  5.664   12.116  1.00 15.72  ? 56  PRO A CG  1 
ATOM   423  C CD  . PRO A 1 54  ? -5.100  4.783   11.602  1.00 16.03  ? 56  PRO A CD  1 
ATOM   424  N N   . PRO A 1 55  ? -9.043  2.226   10.924  1.00 16.65  ? 57  PRO A N   1 
ATOM   425  C CA  . PRO A 1 55  ? -9.756  1.415   9.933   1.00 14.89  ? 57  PRO A CA  1 
ATOM   426  C C   . PRO A 1 55  ? -9.898  2.224   8.642   1.00 18.13  ? 57  PRO A C   1 
ATOM   427  O O   . PRO A 1 55  ? -10.048 3.448   8.686   1.00 15.51  ? 57  PRO A O   1 
ATOM   428  C CB  . PRO A 1 55  ? -11.111 1.164   10.600  1.00 14.61  ? 57  PRO A CB  1 
ATOM   429  C CG  . PRO A 1 55  ? -10.778 1.195   12.065  1.00 23.67  ? 57  PRO A CG  1 
ATOM   430  C CD  . PRO A 1 55  ? -9.845  2.379   12.150  1.00 17.37  ? 57  PRO A CD  1 
ATOM   431  N N   . GLY A 1 56  ? -9.847  1.546   7.499   1.00 11.36  ? 58  GLY A N   1 
ATOM   432  C CA  . GLY A 1 56  ? -9.981  2.235   6.225   1.00 15.29  ? 58  GLY A CA  1 
ATOM   433  C C   . GLY A 1 56  ? -8.665  2.724   5.647   1.00 15.76  ? 58  GLY A C   1 
ATOM   434  O O   . GLY A 1 56  ? -8.605  3.173   4.499   1.00 12.96  ? 58  GLY A O   1 
ATOM   435  N N   . THR A 1 57  ? -7.604  2.634   6.441   1.00 13.68  ? 59  THR A N   1 
ATOM   436  C CA  . THR A 1 57  ? -6.278  3.074   6.015   1.00 11.24  ? 59  THR A CA  1 
ATOM   437  C C   . THR A 1 57  ? -5.674  2.192   4.929   1.00 8.90   ? 59  THR A C   1 
ATOM   438  O O   . THR A 1 57  ? -5.951  0.995   4.855   1.00 8.87   ? 59  THR A O   1 
ATOM   439  C CB  . THR A 1 57  ? -5.273  3.059   7.200   1.00 12.80  ? 59  THR A CB  1 
ATOM   440  O OG1 . THR A 1 57  ? -5.678  4.005   8.194   1.00 10.44  ? 59  THR A OG1 1 
ATOM   441  C CG2 . THR A 1 57  ? -3.864  3.407   6.718   1.00 9.23   ? 59  THR A CG2 1 
ATOM   442  N N   . VAL A 1 58  ? -4.854  2.803   4.083   1.00 9.79   ? 60  VAL A N   1 
ATOM   443  C CA  . VAL A 1 58  ? -4.129  2.084   3.048   1.00 6.99   ? 60  VAL A CA  1 
ATOM   444  C C   . VAL A 1 58  ? -2.673  2.262   3.468   1.00 7.10   ? 60  VAL A C   1 
ATOM   445  O O   . VAL A 1 58  ? -2.156  3.378   3.460   1.00 10.09  ? 60  VAL A O   1 
ATOM   446  C CB  . VAL A 1 58  ? -4.315  2.698   1.644   1.00 10.15  ? 60  VAL A CB  1 
ATOM   447  C CG1 . VAL A 1 58  ? -3.316  2.072   0.677   1.00 14.49  ? 60  VAL A CG1 1 
ATOM   448  C CG2 . VAL A 1 58  ? -5.734  2.445   1.145   1.00 9.35   ? 60  VAL A CG2 1 
ATOM   449  N N   . LEU A 1 59  ? -2.026  1.173   3.864   1.00 9.58   ? 61  LEU A N   1 
ATOM   450  C CA  . LEU A 1 59  ? -0.633  1.249   4.281   1.00 10.41  ? 61  LEU A CA  1 
ATOM   451  C C   . LEU A 1 59  ? 0.268   1.201   3.057   1.00 8.09   ? 61  LEU A C   1 
ATOM   452  O O   . LEU A 1 59  ? 0.170   0.282   2.245   1.00 10.21  ? 61  LEU A O   1 
ATOM   453  C CB  . LEU A 1 59  ? -0.286  0.084   5.213   1.00 10.84  ? 61  LEU A CB  1 
ATOM   454  C CG  . LEU A 1 59  ? 1.130   0.153   5.801   1.00 14.11  ? 61  LEU A CG  1 
ATOM   455  C CD1 . LEU A 1 59  ? 1.198   1.278   6.820   1.00 14.79  ? 61  LEU A CD1 1 
ATOM   456  C CD2 . LEU A 1 59  ? 1.490   -1.164  6.457   1.00 8.86   ? 61  LEU A CD2 1 
ATOM   457  N N   . VAL A 1 60  ? 1.134   2.200   2.917   1.00 6.60   ? 62  VAL A N   1 
ATOM   458  C CA  . VAL A 1 60  ? 2.069   2.250   1.803   1.00 6.68   ? 62  VAL A CA  1 
ATOM   459  C C   . VAL A 1 60  ? 3.440   1.957   2.392   1.00 11.44  ? 62  VAL A C   1 
ATOM   460  O O   . VAL A 1 60  ? 3.902   2.664   3.293   1.00 7.53   ? 62  VAL A O   1 
ATOM   461  C CB  . VAL A 1 60  ? 2.077   3.642   1.129   1.00 8.32   ? 62  VAL A CB  1 
ATOM   462  C CG1 . VAL A 1 60  ? 3.053   3.653   -0.039  1.00 9.23   ? 62  VAL A CG1 1 
ATOM   463  C CG2 . VAL A 1 60  ? 0.673   3.983   0.644   1.00 12.64  ? 62  VAL A CG2 1 
ATOM   464  N N   . VAL A 1 61  ? 4.077   0.906   1.889   1.00 7.76   ? 63  VAL A N   1 
ATOM   465  C CA  . VAL A 1 61  ? 5.387   0.495   2.381   1.00 11.65  ? 63  VAL A CA  1 
ATOM   466  C C   . VAL A 1 61  ? 6.481   0.593   1.323   1.00 6.82   ? 63  VAL A C   1 
ATOM   467  O O   . VAL A 1 61  ? 6.395   -0.033  0.267   1.00 8.48   ? 63  VAL A O   1 
ATOM   468  C CB  . VAL A 1 61  ? 5.339   -0.964  2.886   1.00 10.22  ? 63  VAL A CB  1 
ATOM   469  C CG1 . VAL A 1 61  ? 6.720   -1.407  3.343   1.00 6.76   ? 63  VAL A CG1 1 
ATOM   470  C CG2 . VAL A 1 61  ? 4.329   -1.088  4.018   1.00 10.19  ? 63  VAL A CG2 1 
ATOM   471  N N   . ASP A 1 62  ? 7.508   1.392   1.597   1.00 6.18   ? 64  ASP A N   1 
ATOM   472  C CA  . ASP A 1 62  ? 8.610   1.503   0.655   1.00 9.59   ? 64  ASP A CA  1 
ATOM   473  C C   . ASP A 1 62  ? 9.700   0.540   1.102   1.00 8.40   ? 64  ASP A C   1 
ATOM   474  O O   . ASP A 1 62  ? 10.430  0.812   2.056   1.00 15.15  ? 64  ASP A O   1 
ATOM   475  C CB  . ASP A 1 62  ? 9.170   2.925   0.606   1.00 13.48  ? 64  ASP A CB  1 
ATOM   476  C CG  . ASP A 1 62  ? 10.291  3.065   -0.409  1.00 19.47  ? 64  ASP A CG  1 
ATOM   477  O OD1 . ASP A 1 62  ? 10.590  2.065   -1.096  1.00 14.21  ? 64  ASP A OD1 1 
ATOM   478  O OD2 . ASP A 1 62  ? 10.874  4.163   -0.525  1.00 18.77  ? 64  ASP A OD2 1 
ATOM   479  N N   . GLY A 1 63  ? 9.788   -0.594  0.419   1.00 8.09   ? 65  GLY A N   1 
ATOM   480  C CA  . GLY A 1 63  ? 10.791  -1.592  0.744   1.00 6.32   ? 65  GLY A CA  1 
ATOM   481  C C   . GLY A 1 63  ? 11.973  -1.506  -0.202  1.00 7.11   ? 65  GLY A C   1 
ATOM   482  O O   . GLY A 1 63  ? 12.756  -2.449  -0.326  1.00 10.86  ? 65  GLY A O   1 
ATOM   483  N N   . LYS A 1 64  ? 12.094  -0.368  -0.875  1.00 10.11  ? 66  LYS A N   1 
ATOM   484  C CA  . LYS A 1 64  ? 13.189  -0.128  -1.809  1.00 12.94  ? 66  LYS A CA  1 
ATOM   485  C C   . LYS A 1 64  ? 13.153  -1.047  -3.018  1.00 12.89  ? 66  LYS A C   1 
ATOM   486  O O   . LYS A 1 64  ? 14.139  -1.160  -3.746  1.00 13.90  ? 66  LYS A O   1 
ATOM   487  C CB  . LYS A 1 64  ? 14.531  -0.283  -1.087  1.00 13.90  ? 66  LYS A CB  1 
ATOM   488  C CG  . LYS A 1 64  ? 14.640  0.549   0.188   1.00 20.17  ? 66  LYS A CG  1 
ATOM   489  C CD  . LYS A 1 64  ? 14.382  2.019   -0.098  1.00 22.77  ? 66  LYS A CD  1 
ATOM   490  C CE  . LYS A 1 64  ? 14.285  2.835   1.180   1.00 27.06  ? 66  LYS A CE  1 
ATOM   491  N NZ  . LYS A 1 64  ? 13.133  2.419   2.029   1.00 24.29  ? 66  LYS A NZ  1 
ATOM   492  N N   . GLY A 1 65  ? 12.019  -1.709  -3.229  1.00 12.63  ? 67  GLY A N   1 
ATOM   493  C CA  . GLY A 1 65  ? 11.895  -2.603  -4.365  1.00 10.70  ? 67  GLY A CA  1 
ATOM   494  C C   . GLY A 1 65  ? 12.729  -3.865  -4.254  1.00 10.55  ? 67  GLY A C   1 
ATOM   495  O O   . GLY A 1 65  ? 12.959  -4.556  -5.246  1.00 11.06  ? 67  GLY A O   1 
ATOM   496  N N   . SER A 1 66  ? 13.191  -4.175  -3.050  1.00 14.27  ? 68  SER A N   1 
ATOM   497  C CA  . SER A 1 66  ? 13.994  -5.372  -2.858  1.00 14.95  ? 68  SER A CA  1 
ATOM   498  C C   . SER A 1 66  ? 13.187  -6.618  -3.186  1.00 15.54  ? 68  SER A C   1 
ATOM   499  O O   . SER A 1 66  ? 12.001  -6.697  -2.875  1.00 13.42  ? 68  SER A O   1 
ATOM   500  C CB  . SER A 1 66  ? 14.487  -5.469  -1.416  1.00 14.58  ? 68  SER A CB  1 
ATOM   501  O OG  . SER A 1 66  ? 15.109  -6.725  -1.197  1.00 16.59  ? 68  SER A OG  1 
ATOM   502  N N   . ARG A 1 67  ? 13.838  -7.586  -3.820  1.00 13.26  ? 69  ARG A N   1 
ATOM   503  C CA  . ARG A 1 67  ? 13.191  -8.845  -4.170  1.00 16.26  ? 69  ARG A CA  1 
ATOM   504  C C   . ARG A 1 67  ? 13.833  -9.990  -3.388  1.00 15.73  ? 69  ARG A C   1 
ATOM   505  O O   . ARG A 1 67  ? 13.587  -11.164 -3.672  1.00 17.50  ? 69  ARG A O   1 
ATOM   506  C CB  . ARG A 1 67  ? 13.322  -9.106  -5.671  1.00 21.34  ? 69  ARG A CB  1 
ATOM   507  C CG  . ARG A 1 67  ? 12.501  -8.167  -6.536  1.00 21.58  ? 69  ARG A CG  1 
ATOM   508  C CD  . ARG A 1 67  ? 12.814  -8.355  -8.012  1.00 27.93  ? 69  ARG A CD  1 
ATOM   509  N NE  . ARG A 1 67  ? 12.004  -7.479  -8.853  1.00 27.42  ? 69  ARG A NE  1 
ATOM   510  C CZ  . ARG A 1 67  ? 10.736  -7.713  -9.177  1.00 32.23  ? 69  ARG A CZ  1 
ATOM   511  N NH1 . ARG A 1 67  ? 10.124  -8.805  -8.735  1.00 22.32  ? 69  ARG A NH1 1 
ATOM   512  N NH2 . ARG A 1 67  ? 10.078  -6.853  -9.941  1.00 31.66  ? 69  ARG A NH2 1 
ATOM   513  N N   . ARG A 1 68  ? 14.652  -9.645  -2.398  1.00 12.34  ? 70  ARG A N   1 
ATOM   514  C CA  . ARG A 1 68  ? 15.331  -10.660 -1.599  1.00 14.04  ? 70  ARG A CA  1 
ATOM   515  C C   . ARG A 1 68  ? 14.486  -11.237 -0.467  1.00 15.25  ? 70  ARG A C   1 
ATOM   516  O O   . ARG A 1 68  ? 14.748  -12.345 0.005   1.00 13.86  ? 70  ARG A O   1 
ATOM   517  C CB  . ARG A 1 68  ? 16.644  -10.095 -1.047  1.00 19.85  ? 70  ARG A CB  1 
ATOM   518  C CG  . ARG A 1 68  ? 17.598  -9.638  -2.145  1.00 22.81  ? 70  ARG A CG  1 
ATOM   519  C CD  . ARG A 1 68  ? 19.023  -9.445  -1.639  1.00 32.19  ? 70  ARG A CD  1 
ATOM   520  N NE  . ARG A 1 68  ? 19.131  -8.411  -0.613  1.00 33.19  ? 70  ARG A NE  1 
ATOM   521  C CZ  . ARG A 1 68  ? 20.282  -7.997  -0.093  1.00 40.83  ? 70  ARG A CZ  1 
ATOM   522  N NH1 . ARG A 1 68  ? 21.427  -8.528  -0.502  1.00 38.52  ? 70  ARG A NH1 1 
ATOM   523  N NH2 . ARG A 1 68  ? 20.292  -7.054  0.842   1.00 36.82  ? 70  ARG A NH2 1 
ATOM   524  N N   . VAL A 1 69  ? 13.475  -10.490 -0.029  1.00 12.45  ? 71  VAL A N   1 
ATOM   525  C CA  . VAL A 1 69  ? 12.594  -10.964 1.034   1.00 12.30  ? 71  VAL A CA  1 
ATOM   526  C C   . VAL A 1 69  ? 11.177  -10.445 0.845   1.00 10.79  ? 71  VAL A C   1 
ATOM   527  O O   . VAL A 1 69  ? 10.945  -9.483  0.111   1.00 11.38  ? 71  VAL A O   1 
ATOM   528  C CB  . VAL A 1 69  ? 13.067  -10.508 2.445   1.00 11.04  ? 71  VAL A CB  1 
ATOM   529  C CG1 . VAL A 1 69  ? 14.464  -11.038 2.733   1.00 15.85  ? 71  VAL A CG1 1 
ATOM   530  C CG2 . VAL A 1 69  ? 13.034  -8.991  2.542   1.00 14.07  ? 71  VAL A CG2 1 
ATOM   531  N N   . ALA A 1 70  ? 10.234  -11.092 1.518   1.00 10.52  ? 72  ALA A N   1 
ATOM   532  C CA  . ALA A 1 70  ? 8.840   -10.683 1.469   1.00 9.12   ? 72  ALA A CA  1 
ATOM   533  C C   . ALA A 1 70  ? 8.633   -9.749  2.661   1.00 11.72  ? 72  ALA A C   1 
ATOM   534  O O   . ALA A 1 70  ? 9.258   -9.929  3.707   1.00 13.36  ? 72  ALA A O   1 
ATOM   535  C CB  . ALA A 1 70  ? 7.937   -11.901 1.587   1.00 9.16   ? 72  ALA A CB  1 
ATOM   536  N N   . LEU A 1 71  ? 7.772   -8.747  2.513   1.00 9.06   ? 73  LEU A N   1 
ATOM   537  C CA  . LEU A 1 71  ? 7.522   -7.815  3.614   1.00 10.64  ? 73  LEU A CA  1 
ATOM   538  C C   . LEU A 1 71  ? 6.141   -8.035  4.229   1.00 14.49  ? 73  LEU A C   1 
ATOM   539  O O   . LEU A 1 71  ? 5.816   -7.491  5.288   1.00 11.97  ? 73  LEU A O   1 
ATOM   540  C CB  . LEU A 1 71  ? 7.654   -6.368  3.124   1.00 11.38  ? 73  LEU A CB  1 
ATOM   541  C CG  . LEU A 1 71  ? 9.063   -5.938  2.695   1.00 10.97  ? 73  LEU A CG  1 
ATOM   542  C CD1 . LEU A 1 71  ? 9.021   -4.530  2.126   1.00 11.00  ? 73  LEU A CD1 1 
ATOM   543  C CD2 . LEU A 1 71  ? 10.009  -5.994  3.889   1.00 13.10  ? 73  LEU A CD2 1 
ATOM   544  N N   . LEU A 1 72  ? 5.329   -8.842  3.559   1.00 11.86  ? 74  LEU A N   1 
ATOM   545  C CA  . LEU A 1 72  ? 3.989   -9.128  4.049   1.00 10.62  ? 74  LEU A CA  1 
ATOM   546  C C   . LEU A 1 72  ? 3.570   -10.535 3.655   1.00 12.83  ? 74  LEU A C   1 
ATOM   547  O O   . LEU A 1 72  ? 3.831   -10.980 2.529   1.00 7.90   ? 74  LEU A O   1 
ATOM   548  C CB  . LEU A 1 72  ? 2.997   -8.098  3.495   1.00 9.78   ? 74  LEU A CB  1 
ATOM   549  C CG  . LEU A 1 72  ? 1.527   -8.255  3.894   1.00 10.35  ? 74  LEU A CG  1 
ATOM   550  C CD1 . LEU A 1 72  ? 0.988   -6.939  4.431   1.00 14.63  ? 74  LEU A CD1 1 
ATOM   551  C CD2 . LEU A 1 72  ? 0.726   -8.712  2.694   1.00 11.41  ? 74  LEU A CD2 1 
ATOM   552  N N   . GLY A 1 73  ? 2.940   -11.227 4.603   1.00 11.05  ? 75  GLY A N   1 
ATOM   553  C CA  . GLY A 1 73  ? 2.468   -12.581 4.385   1.00 10.96  ? 75  GLY A CA  1 
ATOM   554  C C   . GLY A 1 73  ? 1.019   -12.704 4.822   1.00 11.31  ? 75  GLY A C   1 
ATOM   555  O O   . GLY A 1 73  ? 0.376   -11.698 5.113   1.00 8.60   ? 75  GLY A O   1 
ATOM   556  N N   . ASP A 1 74  ? 0.500   -13.926 4.901   1.00 14.24  ? 76  ASP A N   1 
ATOM   557  C CA  . ASP A 1 74  ? -0.899  -14.097 5.273   1.00 16.14  ? 76  ASP A CA  1 
ATOM   558  C C   . ASP A 1 74  ? -1.234  -13.673 6.703   1.00 11.24  ? 76  ASP A C   1 
ATOM   559  O O   . ASP A 1 74  ? -2.341  -13.204 6.959   1.00 11.13  ? 76  ASP A O   1 
ATOM   560  C CB  . ASP A 1 74  ? -1.352  -15.540 5.016   1.00 23.95  ? 76  ASP A CB  1 
ATOM   561  C CG  . ASP A 1 74  ? -0.764  -16.527 5.996   1.00 25.60  ? 76  ASP A CG  1 
ATOM   562  O OD1 . ASP A 1 74  ? 0.451   -16.453 6.263   1.00 36.61  ? 76  ASP A OD1 1 
ATOM   563  O OD2 . ASP A 1 74  ? -1.523  -17.389 6.489   1.00 38.77  ? 76  ASP A OD2 1 
ATOM   564  N N   . ARG A 1 75  ? -0.293  -13.820 7.631   1.00 12.89  ? 77  ARG A N   1 
ATOM   565  C CA  . ARG A 1 75  ? -0.555  -13.416 9.013   1.00 18.09  ? 77  ARG A CA  1 
ATOM   566  C C   . ARG A 1 75  ? -0.832  -11.921 9.080   1.00 10.48  ? 77  ARG A C   1 
ATOM   567  O O   . ARG A 1 75  ? -1.812  -11.486 9.688   1.00 13.47  ? 77  ARG A O   1 
ATOM   568  C CB  . ARG A 1 75  ? 0.635   -13.742 9.913   1.00 22.49  ? 77  ARG A CB  1 
ATOM   569  C CG  . ARG A 1 75  ? 0.885   -15.223 10.128  1.00 36.77  ? 77  ARG A CG  1 
ATOM   570  C CD  . ARG A 1 75  ? 2.082   -15.407 11.037  1.00 48.21  ? 77  ARG A CD  1 
ATOM   571  N NE  . ARG A 1 75  ? 3.260   -14.731 10.502  1.00 57.67  ? 77  ARG A NE  1 
ATOM   572  C CZ  . ARG A 1 75  ? 4.191   -14.148 11.251  1.00 64.66  ? 77  ARG A CZ  1 
ATOM   573  N NH1 . ARG A 1 75  ? 4.084   -14.154 12.573  1.00 67.85  ? 77  ARG A NH1 1 
ATOM   574  N NH2 . ARG A 1 75  ? 5.229   -13.556 10.675  1.00 67.93  ? 77  ARG A NH2 1 
ATOM   575  N N   . LEU A 1 76  ? 0.041   -11.133 8.461   1.00 12.33  ? 78  LEU A N   1 
ATOM   576  C CA  . LEU A 1 76  ? -0.128  -9.684  8.460   1.00 11.44  ? 78  LEU A CA  1 
ATOM   577  C C   . LEU A 1 76  ? -1.332  -9.252  7.636   1.00 13.09  ? 78  LEU A C   1 
ATOM   578  O O   . LEU A 1 76  ? -2.017  -8.290  7.990   1.00 10.05  ? 78  LEU A O   1 
ATOM   579  C CB  . LEU A 1 76  ? 1.148   -8.999  7.951   1.00 11.04  ? 78  LEU A CB  1 
ATOM   580  C CG  . LEU A 1 76  ? 2.194   -8.712  9.040   1.00 14.82  ? 78  LEU A CG  1 
ATOM   581  C CD1 . LEU A 1 76  ? 2.493   -9.970  9.831   1.00 20.16  ? 78  LEU A CD1 1 
ATOM   582  C CD2 . LEU A 1 76  ? 3.462   -8.162  8.401   1.00 16.78  ? 78  LEU A CD2 1 
ATOM   583  N N   . ALA A 1 77  ? -1.596  -9.950  6.536   1.00 12.57  ? 79  ALA A N   1 
ATOM   584  C CA  . ALA A 1 77  ? -2.748  -9.610  5.706   1.00 9.84   ? 79  ALA A CA  1 
ATOM   585  C C   . ALA A 1 77  ? -4.010  -9.880  6.526   1.00 10.48  ? 79  ALA A C   1 
ATOM   586  O O   . ALA A 1 77  ? -4.998  -9.155  6.436   1.00 9.13   ? 79  ALA A O   1 
ATOM   587  C CB  . ALA A 1 77  ? -2.756  -10.451 4.432   1.00 11.28  ? 79  ALA A CB  1 
ATOM   588  N N   . GLN A 1 78  ? -3.958  -10.930 7.337   1.00 9.71   ? 80  GLN A N   1 
ATOM   589  C CA  . GLN A 1 78  ? -5.084  -11.295 8.189   1.00 9.46   ? 80  GLN A CA  1 
ATOM   590  C C   . GLN A 1 78  ? -5.356  -10.167 9.184   1.00 12.90  ? 80  GLN A C   1 
ATOM   591  O O   . GLN A 1 78  ? -6.510  -9.817  9.444   1.00 14.67  ? 80  GLN A O   1 
ATOM   592  C CB  . GLN A 1 78  ? -4.761  -12.589 8.928   1.00 11.61  ? 80  GLN A CB  1 
ATOM   593  C CG  . GLN A 1 78  ? -5.878  -13.130 9.792   1.00 17.70  ? 80  GLN A CG  1 
ATOM   594  C CD  . GLN A 1 78  ? -5.532  -14.490 10.362  1.00 25.05  ? 80  GLN A CD  1 
ATOM   595  O OE1 . GLN A 1 78  ? -4.604  -14.623 11.157  1.00 35.49  ? 80  GLN A OE1 1 
ATOM   596  N NE2 . GLN A 1 78  ? -6.271  -15.510 9.946   1.00 31.65  ? 80  GLN A NE2 1 
ATOM   597  N N   . ILE A 1 79  ? -4.291  -9.600  9.744   1.00 13.93  ? 81  ILE A N   1 
ATOM   598  C CA  . ILE A 1 79  ? -4.440  -8.501  10.692  1.00 12.97  ? 81  ILE A CA  1 
ATOM   599  C C   . ILE A 1 79  ? -5.129  -7.347  9.974   1.00 12.00  ? 81  ILE A C   1 
ATOM   600  O O   . ILE A 1 79  ? -6.040  -6.716  10.515  1.00 11.62  ? 81  ILE A O   1 
ATOM   601  C CB  . ILE A 1 79  ? -3.065  -8.019  11.225  1.00 11.94  ? 81  ILE A CB  1 
ATOM   602  C CG1 . ILE A 1 79  ? -2.400  -9.128  12.042  1.00 12.75  ? 81  ILE A CG1 1 
ATOM   603  C CG2 . ILE A 1 79  ? -3.242  -6.765  12.075  1.00 11.04  ? 81  ILE A CG2 1 
ATOM   604  C CD1 . ILE A 1 79  ? -1.002  -8.786  12.502  1.00 18.79  ? 81  ILE A CD1 1 
ATOM   605  N N   . ALA A 1 80  ? -4.698  -7.078  8.745   1.00 10.40  ? 82  ALA A N   1 
ATOM   606  C CA  . ALA A 1 80  ? -5.286  -6.001  7.961   1.00 10.88  ? 82  ALA A CA  1 
ATOM   607  C C   . ALA A 1 80  ? -6.787  -6.221  7.779   1.00 12.76  ? 82  ALA A C   1 
ATOM   608  O O   . ALA A 1 80  ? -7.567  -5.269  7.811   1.00 15.39  ? 82  ALA A O   1 
ATOM   609  C CB  . ALA A 1 80  ? -4.594  -5.896  6.603   1.00 10.85  ? 82  ALA A CB  1 
ATOM   610  N N   . CYS A 1 81  ? -7.194  -7.472  7.586   1.00 12.43  ? 83  CYS A N   1 
ATOM   611  C CA  . CYS A 1 81  ? -8.612  -7.786  7.422   1.00 10.90  ? 83  CYS A CA  1 
ATOM   612  C C   . CYS A 1 81  ? -9.365  -7.635  8.739   1.00 13.02  ? 83  CYS A C   1 
ATOM   613  O O   . CYS A 1 81  ? -10.455 -7.069  8.781   1.00 9.72   ? 83  CYS A O   1 
ATOM   614  C CB  . CYS A 1 81  ? -8.798  -9.215  6.912   1.00 15.28  ? 83  CYS A CB  1 
ATOM   615  S SG  . CYS A 1 81  ? -8.301  -9.462  5.202   1.00 16.23  ? 83  CYS A SG  1 
ATOM   616  N N   . GLU A 1 82  ? -8.775  -8.147  9.814   1.00 10.67  ? 84  GLU A N   1 
ATOM   617  C CA  . GLU A 1 82  ? -9.399  -8.084  11.130  1.00 15.14  ? 84  GLU A CA  1 
ATOM   618  C C   . GLU A 1 82  ? -9.599  -6.656  11.633  1.00 15.74  ? 84  GLU A C   1 
ATOM   619  O O   . GLU A 1 82  ? -10.562 -6.378  12.350  1.00 13.21  ? 84  GLU A O   1 
ATOM   620  C CB  . GLU A 1 82  ? -8.562  -8.866  12.147  1.00 14.45  ? 84  GLU A CB  1 
ATOM   621  C CG  . GLU A 1 82  ? -8.274  -10.295 11.735  1.00 13.64  ? 84  GLU A CG  1 
ATOM   622  C CD  . GLU A 1 82  ? -7.414  -11.038 12.740  1.00 18.46  ? 84  GLU A CD  1 
ATOM   623  O OE1 . GLU A 1 82  ? -6.557  -10.397 13.382  1.00 18.74  ? 84  GLU A OE1 1 
ATOM   624  O OE2 . GLU A 1 82  ? -7.583  -12.267 12.875  1.00 19.22  ? 84  GLU A OE2 1 
ATOM   625  N N   . ARG A 1 83  ? -8.701  -5.748  11.262  1.00 10.93  ? 85  ARG A N   1 
ATOM   626  C CA  . ARG A 1 83  ? -8.818  -4.370  11.727  1.00 12.89  ? 85  ARG A CA  1 
ATOM   627  C C   . ARG A 1 83  ? -9.477  -3.439  10.709  1.00 12.67  ? 85  ARG A C   1 
ATOM   628  O O   . ARG A 1 83  ? -9.481  -2.221  10.873  1.00 10.86  ? 85  ARG A O   1 
ATOM   629  C CB  . ARG A 1 83  ? -7.437  -3.846  12.148  1.00 14.76  ? 85  ARG A CB  1 
ATOM   630  C CG  . ARG A 1 83  ? -6.768  -4.735  13.184  1.00 10.22  ? 85  ARG A CG  1 
ATOM   631  C CD  . ARG A 1 83  ? -5.566  -4.082  13.857  1.00 15.90  ? 85  ARG A CD  1 
ATOM   632  N NE  . ARG A 1 83  ? -5.928  -2.851  14.555  1.00 10.42  ? 85  ARG A NE  1 
ATOM   633  C CZ  . ARG A 1 83  ? -5.745  -1.630  14.063  1.00 17.70  ? 85  ARG A CZ  1 
ATOM   634  N NH1 . ARG A 1 83  ? -5.192  -1.469  12.869  1.00 12.39  ? 85  ARG A NH1 1 
ATOM   635  N NH2 . ARG A 1 83  ? -6.124  -0.565  14.763  1.00 15.29  ? 85  ARG A NH2 1 
ATOM   636  N N   . GLY A 1 84  ? -10.035 -4.028  9.655   1.00 12.65  ? 86  GLY A N   1 
ATOM   637  C CA  . GLY A 1 84  ? -10.729 -3.258  8.640   1.00 9.84   ? 86  GLY A CA  1 
ATOM   638  C C   . GLY A 1 84  ? -9.934  -2.272  7.803   1.00 11.60  ? 86  GLY A C   1 
ATOM   639  O O   . GLY A 1 84  ? -10.446 -1.212  7.453   1.00 10.65  ? 86  GLY A O   1 
ATOM   640  N N   . LEU A 1 85  ? -8.694  -2.606  7.469   1.00 10.34  ? 87  LEU A N   1 
ATOM   641  C CA  . LEU A 1 85  ? -7.892  -1.712  6.646   1.00 9.31   ? 87  LEU A CA  1 
ATOM   642  C C   . LEU A 1 85  ? -8.342  -1.857  5.190   1.00 10.17  ? 87  LEU A C   1 
ATOM   643  O O   . LEU A 1 85  ? -8.927  -2.874  4.813   1.00 10.60  ? 87  LEU A O   1 
ATOM   644  C CB  . LEU A 1 85  ? -6.402  -2.049  6.790   1.00 14.37  ? 87  LEU A CB  1 
ATOM   645  C CG  . LEU A 1 85  ? -5.762  -1.752  8.157   1.00 21.26  ? 87  LEU A CG  1 
ATOM   646  C CD1 . LEU A 1 85  ? -6.464  -2.536  9.244   1.00 26.42  ? 87  LEU A CD1 1 
ATOM   647  C CD2 . LEU A 1 85  ? -4.283  -2.111  8.126   1.00 14.22  ? 87  LEU A CD2 1 
ATOM   648  N N   . ALA A 1 86  ? -8.085  -0.833  4.381   1.00 8.91   ? 88  ALA A N   1 
ATOM   649  C CA  . ALA A 1 86  ? -8.473  -0.849  2.971   1.00 12.33  ? 88  ALA A CA  1 
ATOM   650  C C   . ALA A 1 86  ? -7.522  -1.706  2.138   1.00 12.58  ? 88  ALA A C   1 
ATOM   651  O O   . ALA A 1 86  ? -7.954  -2.462  1.264   1.00 12.39  ? 88  ALA A O   1 
ATOM   652  C CB  . ALA A 1 86  ? -8.504  0.575   2.424   1.00 11.56  ? 88  ALA A CB  1 
ATOM   653  N N   . GLY A 1 87  ? -6.227  -1.583  2.409   1.00 9.47   ? 89  GLY A N   1 
ATOM   654  C CA  . GLY A 1 87  ? -5.255  -2.363  1.667   1.00 10.31  ? 89  GLY A CA  1 
ATOM   655  C C   . GLY A 1 87  ? -3.818  -1.986  1.957   1.00 9.10   ? 89  GLY A C   1 
ATOM   656  O O   . GLY A 1 87  ? -3.546  -1.143  2.816   1.00 9.58   ? 89  GLY A O   1 
ATOM   657  N N   . VAL A 1 88  ? -2.899  -2.623  1.242   1.00 8.65   ? 90  VAL A N   1 
ATOM   658  C CA  . VAL A 1 88  ? -1.474  -2.365  1.404   1.00 6.53   ? 90  VAL A CA  1 
ATOM   659  C C   . VAL A 1 88  ? -0.822  -2.251  0.026   1.00 9.58   ? 90  VAL A C   1 
ATOM   660  O O   . VAL A 1 88  ? -1.145  -3.013  -0.884  1.00 11.37  ? 90  VAL A O   1 
ATOM   661  C CB  . VAL A 1 88  ? -0.776  -3.517  2.176   1.00 10.80  ? 90  VAL A CB  1 
ATOM   662  C CG1 . VAL A 1 88  ? 0.666   -3.133  2.491   1.00 8.35   ? 90  VAL A CG1 1 
ATOM   663  C CG2 . VAL A 1 88  ? -1.544  -3.842  3.458   1.00 8.86   ? 90  VAL A CG2 1 
ATOM   664  N N   . ILE A 1 89  ? 0.079   -1.285  -0.123  1.00 6.34   ? 91  ILE A N   1 
ATOM   665  C CA  . ILE A 1 89  ? 0.807   -1.078  -1.376  1.00 7.01   ? 91  ILE A CA  1 
ATOM   666  C C   . ILE A 1 89  ? 2.275   -1.185  -0.995  1.00 11.27  ? 91  ILE A C   1 
ATOM   667  O O   . ILE A 1 89  ? 2.772   -0.407  -0.178  1.00 9.56   ? 91  ILE A O   1 
ATOM   668  C CB  . ILE A 1 89  ? 0.513   0.308   -1.979  1.00 8.27   ? 91  ILE A CB  1 
ATOM   669  C CG1 . ILE A 1 89  ? -0.972  0.397   -2.347  1.00 8.34   ? 91  ILE A CG1 1 
ATOM   670  C CG2 . ILE A 1 89  ? 1.390   0.538   -3.208  1.00 9.69   ? 91  ILE A CG2 1 
ATOM   671  C CD1 . ILE A 1 89  ? -1.426  1.767   -2.804  1.00 10.77  ? 91  ILE A CD1 1 
ATOM   672  N N   . ILE A 1 90  ? 2.973   -2.147  -1.592  1.00 10.46  ? 92  ILE A N   1 
ATOM   673  C CA  . ILE A 1 90  ? 4.366   -2.389  -1.237  1.00 12.61  ? 92  ILE A CA  1 
ATOM   674  C C   . ILE A 1 90  ? 5.396   -2.272  -2.353  1.00 10.17  ? 92  ILE A C   1 
ATOM   675  O O   . ILE A 1 90  ? 5.311   -2.962  -3.368  1.00 9.00   ? 92  ILE A O   1 
ATOM   676  C CB  . ILE A 1 90  ? 4.509   -3.803  -0.619  1.00 8.13   ? 92  ILE A CB  1 
ATOM   677  C CG1 . ILE A 1 90  ? 3.409   -4.025  0.420   1.00 9.12   ? 92  ILE A CG1 1 
ATOM   678  C CG2 . ILE A 1 90  ? 5.887   -3.967  0.010   1.00 11.69  ? 92  ILE A CG2 1 
ATOM   679  C CD1 . ILE A 1 90  ? 3.391   -5.414  1.019   1.00 11.98  ? 92  ILE A CD1 1 
ATOM   680  N N   . HIS A 1 91  ? 6.370   -1.388  -2.158  1.00 9.27   ? 93  HIS A N   1 
ATOM   681  C CA  . HIS A 1 91  ? 7.451   -1.239  -3.122  1.00 10.43  ? 93  HIS A CA  1 
ATOM   682  C C   . HIS A 1 91  ? 8.424   -2.310  -2.647  1.00 10.96  ? 93  HIS A C   1 
ATOM   683  O O   . HIS A 1 91  ? 9.441   -2.026  -2.003  1.00 7.47   ? 93  HIS A O   1 
ATOM   684  C CB  . HIS A 1 91  ? 8.073   0.157   -3.032  1.00 11.18  ? 93  HIS A CB  1 
ATOM   685  C CG  . HIS A 1 91  ? 9.206   0.378   -3.988  1.00 9.82   ? 93  HIS A CG  1 
ATOM   686  N ND1 . HIS A 1 91  ? 9.270   -0.237  -5.220  1.00 16.84  ? 93  HIS A ND1 1 
ATOM   687  C CD2 . HIS A 1 91  ? 10.312  1.151   -3.896  1.00 8.76   ? 93  HIS A CD2 1 
ATOM   688  C CE1 . HIS A 1 91  ? 10.372  0.146   -5.845  1.00 9.82   ? 93  HIS A CE1 1 
ATOM   689  N NE2 . HIS A 1 91  ? 11.022  0.989   -5.061  1.00 13.33  ? 93  HIS A NE2 1 
ATOM   690  N N   . GLY A 1 92  ? 8.062   -3.554  -2.951  1.00 11.38  ? 94  GLY A N   1 
ATOM   691  C CA  . GLY A 1 92  ? 8.838   -4.710  -2.547  1.00 11.22  ? 94  GLY A CA  1 
ATOM   692  C C   . GLY A 1 92  ? 8.007   -5.959  -2.792  1.00 12.02  ? 94  GLY A C   1 
ATOM   693  O O   . GLY A 1 92  ? 7.018   -5.907  -3.525  1.00 11.48  ? 94  GLY A O   1 
ATOM   694  N N   . CYS A 1 93  ? 8.376   -7.074  -2.169  1.00 10.63  ? 95  CYS A N   1 
ATOM   695  C CA  . CYS A 1 93  ? 7.658   -8.328  -2.382  1.00 10.67  ? 95  CYS A CA  1 
ATOM   696  C C   . CYS A 1 93  ? 6.807   -8.818  -1.216  1.00 10.16  ? 95  CYS A C   1 
ATOM   697  O O   . CYS A 1 93  ? 6.919   -8.339  -0.089  1.00 10.34  ? 95  CYS A O   1 
ATOM   698  C CB  . CYS A 1 93  ? 8.650   -9.436  -2.750  1.00 13.43  ? 95  CYS A CB  1 
ATOM   699  S SG  . CYS A 1 93  ? 9.558   -9.161  -4.280  1.00 13.54  ? 95  CYS A SG  1 
ATOM   700  N N   . ILE A 1 94  ? 5.950   -9.787  -1.513  1.00 11.79  ? 96  ILE A N   1 
ATOM   701  C CA  . ILE A 1 94  ? 5.099   -10.402 -0.505  1.00 12.45  ? 96  ILE A CA  1 
ATOM   702  C C   . ILE A 1 94  ? 5.219   -11.909 -0.693  1.00 11.32  ? 96  ILE A C   1 
ATOM   703  O O   . ILE A 1 94  ? 5.875   -12.376 -1.629  1.00 8.07   ? 96  ILE A O   1 
ATOM   704  C CB  . ILE A 1 94  ? 3.608   -10.021 -0.687  1.00 13.63  ? 96  ILE A CB  1 
ATOM   705  C CG1 . ILE A 1 94  ? 3.067   -10.623 -1.990  1.00 15.15  ? 96  ILE A CG1 1 
ATOM   706  C CG2 . ILE A 1 94  ? 3.453   -8.508  -0.700  1.00 8.83   ? 96  ILE A CG2 1 
ATOM   707  C CD1 . ILE A 1 94  ? 1.558   -10.572 -2.104  1.00 18.75  ? 96  ILE A CD1 1 
ATOM   708  N N   . ARG A 1 95  ? 4.603   -12.667 0.207   1.00 8.74   ? 97  ARG A N   1 
ATOM   709  C CA  . ARG A 1 95  ? 4.578   -14.116 0.093   1.00 9.18   ? 97  ARG A CA  1 
ATOM   710  C C   . ARG A 1 95  ? 3.184   -14.559 0.532   1.00 8.03   ? 97  ARG A C   1 
ATOM   711  O O   . ARG A 1 95  ? 2.373   -13.722 0.935   1.00 10.22  ? 97  ARG A O   1 
ATOM   712  C CB  . ARG A 1 95  ? 5.682   -14.770 0.931   1.00 9.57   ? 97  ARG A CB  1 
ATOM   713  C CG  . ARG A 1 95  ? 5.576   -14.618 2.435   1.00 14.52  ? 97  ARG A CG  1 
ATOM   714  C CD  . ARG A 1 95  ? 6.765   -15.328 3.077   1.00 16.65  ? 97  ARG A CD  1 
ATOM   715  N NE  . ARG A 1 95  ? 6.578   -15.585 4.501   1.00 14.65  ? 97  ARG A NE  1 
ATOM   716  C CZ  . ARG A 1 95  ? 7.380   -16.357 5.228   1.00 19.67  ? 97  ARG A CZ  1 
ATOM   717  N NH1 . ARG A 1 95  ? 8.431   -16.947 4.668   1.00 15.71  ? 97  ARG A NH1 1 
ATOM   718  N NH2 . ARG A 1 95  ? 7.118   -16.560 6.512   1.00 17.59  ? 97  ARG A NH2 1 
ATOM   719  N N   . ASP A 1 96  ? 2.907   -15.856 0.452   1.00 9.56   ? 98  ASP A N   1 
ATOM   720  C CA  . ASP A 1 96  ? 1.587   -16.396 0.782   1.00 11.03  ? 98  ASP A CA  1 
ATOM   721  C C   . ASP A 1 96  ? 0.577   -15.743 -0.162  1.00 12.67  ? 98  ASP A C   1 
ATOM   722  O O   . ASP A 1 96  ? -0.566  -15.479 0.221   1.00 9.56   ? 98  ASP A O   1 
ATOM   723  C CB  . ASP A 1 96  ? 1.193   -16.095 2.233   1.00 14.75  ? 98  ASP A CB  1 
ATOM   724  C CG  . ASP A 1 96  ? 2.154   -16.696 3.242   1.00 17.15  ? 98  ASP A CG  1 
ATOM   725  O OD1 . ASP A 1 96  ? 2.591   -17.851 3.047   1.00 14.08  ? 98  ASP A OD1 1 
ATOM   726  O OD2 . ASP A 1 96  ? 2.463   -16.013 4.238   1.00 16.84  ? 98  ASP A OD2 1 
ATOM   727  N N   . SER A 1 97  ? 1.004   -15.494 -1.400  1.00 9.93   ? 99  SER A N   1 
ATOM   728  C CA  . SER A 1 97  ? 0.145   -14.861 -2.395  1.00 12.48  ? 99  SER A CA  1 
ATOM   729  C C   . SER A 1 97  ? -1.106  -15.680 -2.672  1.00 13.10  ? 99  SER A C   1 
ATOM   730  O O   . SER A 1 97  ? -2.162  -15.126 -2.960  1.00 12.98  ? 99  SER A O   1 
ATOM   731  C CB  . SER A 1 97  ? 0.915   -14.623 -3.705  1.00 15.26  ? 99  SER A CB  1 
ATOM   732  O OG  . SER A 1 97  ? 1.350   -15.837 -4.295  1.00 16.50  ? 99  SER A OG  1 
ATOM   733  N N   . ALA A 1 98  ? -0.994  -16.999 -2.581  1.00 11.30  ? 100 ALA A N   1 
ATOM   734  C CA  . ALA A 1 98  ? -2.152  -17.852 -2.817  1.00 13.00  ? 100 ALA A CA  1 
ATOM   735  C C   . ALA A 1 98  ? -3.230  -17.542 -1.780  1.00 15.26  ? 100 ALA A C   1 
ATOM   736  O O   . ALA A 1 98  ? -4.396  -17.341 -2.120  1.00 16.25  ? 100 ALA A O   1 
ATOM   737  C CB  . ALA A 1 98  ? -1.747  -19.315 -2.732  1.00 15.21  ? 100 ALA A CB  1 
ATOM   738  N N   . GLU A 1 99  ? -2.824  -17.495 -0.516  1.00 13.58  ? 101 GLU A N   1 
ATOM   739  C CA  . GLU A 1 99  ? -3.737  -17.224 0.591   1.00 13.11  ? 101 GLU A CA  1 
ATOM   740  C C   . GLU A 1 99  ? -4.289  -15.795 0.572   1.00 14.65  ? 101 GLU A C   1 
ATOM   741  O O   . GLU A 1 99  ? -5.468  -15.564 0.862   1.00 12.76  ? 101 GLU A O   1 
ATOM   742  C CB  . GLU A 1 99  ? -3.029  -17.480 1.926   1.00 13.06  ? 101 GLU A CB  1 
ATOM   743  C CG  . GLU A 1 99  ? -2.619  -18.935 2.170   1.00 15.70  ? 101 GLU A CG  1 
ATOM   744  C CD  . GLU A 1 99  ? -1.407  -19.371 1.354   1.00 22.19  ? 101 GLU A CD  1 
ATOM   745  O OE1 . GLU A 1 99  ? -0.824  -18.532 0.638   1.00 23.19  ? 101 GLU A OE1 1 
ATOM   746  O OE2 . GLU A 1 99  ? -1.031  -20.559 1.436   1.00 22.22  ? 101 GLU A OE2 1 
ATOM   747  N N   . ILE A 1 100 ? -3.433  -14.838 0.236   1.00 11.08  ? 102 ILE A N   1 
ATOM   748  C CA  . ILE A 1 100 ? -3.839  -13.438 0.191   1.00 11.43  ? 102 ILE A CA  1 
ATOM   749  C C   . ILE A 1 100 ? -4.852  -13.184 -0.926  1.00 12.51  ? 102 ILE A C   1 
ATOM   750  O O   . ILE A 1 100 ? -5.720  -12.320 -0.805  1.00 8.86   ? 102 ILE A O   1 
ATOM   751  C CB  . ILE A 1 100 ? -2.594  -12.535 0.025   1.00 7.55   ? 102 ILE A CB  1 
ATOM   752  C CG1 . ILE A 1 100 ? -1.813  -12.528 1.346   1.00 8.62   ? 102 ILE A CG1 1 
ATOM   753  C CG2 . ILE A 1 100 ? -3.000  -11.124 -0.413  1.00 7.14   ? 102 ILE A CG2 1 
ATOM   754  C CD1 . ILE A 1 100 ? -0.413  -11.936 1.252   1.00 9.85   ? 102 ILE A CD1 1 
ATOM   755  N N   . GLY A 1 101 ? -4.752  -13.951 -2.007  1.00 10.24  ? 103 GLY A N   1 
ATOM   756  C CA  . GLY A 1 101 ? -5.686  -13.780 -3.106  1.00 11.51  ? 103 GLY A CA  1 
ATOM   757  C C   . GLY A 1 101 ? -7.124  -14.081 -2.711  1.00 15.03  ? 103 GLY A C   1 
ATOM   758  O O   . GLY A 1 101 ? -8.065  -13.680 -3.402  1.00 10.20  ? 103 GLY A O   1 
ATOM   759  N N   . ALA A 1 102 ? -7.298  -14.784 -1.594  1.00 10.54  ? 104 ALA A N   1 
ATOM   760  C CA  . ALA A 1 102 ? -8.628  -15.152 -1.107  1.00 13.13  ? 104 ALA A CA  1 
ATOM   761  C C   . ALA A 1 102 ? -9.168  -14.199 -0.040  1.00 17.62  ? 104 ALA A C   1 
ATOM   762  O O   . ALA A 1 102 ? -10.274 -14.389 0.469   1.00 16.30  ? 104 ALA A O   1 
ATOM   763  C CB  . ALA A 1 102 ? -8.594  -16.577 -0.555  1.00 15.95  ? 104 ALA A CB  1 
ATOM   764  N N   . MET A 1 103 ? -8.394  -13.170 0.288   1.00 12.40  ? 105 MET A N   1 
ATOM   765  C CA  . MET A 1 103 ? -8.798  -12.206 1.310   1.00 13.99  ? 105 MET A CA  1 
ATOM   766  C C   . MET A 1 103 ? -9.416  -10.936 0.732   1.00 14.64  ? 105 MET A C   1 
ATOM   767  O O   . MET A 1 103 ? -8.960  -10.418 -0.288  1.00 14.34  ? 105 MET A O   1 
ATOM   768  C CB  . MET A 1 103 ? -7.594  -11.855 2.188   1.00 11.32  ? 105 MET A CB  1 
ATOM   769  C CG  . MET A 1 103 ? -7.043  -13.047 2.959   1.00 16.40  ? 105 MET A CG  1 
ATOM   770  S SD  . MET A 1 103 ? -5.639  -12.622 4.017   1.00 22.60  ? 105 MET A SD  1 
ATOM   771  C CE  . MET A 1 103 ? -4.572  -14.008 3.722   1.00 24.30  ? 105 MET A CE  1 
ATOM   772  N N   . PRO A 1 104 ? -10.467 -10.413 1.391   1.00 14.18  ? 106 PRO A N   1 
ATOM   773  C CA  . PRO A 1 104 ? -11.182 -9.202  0.970   1.00 12.91  ? 106 PRO A CA  1 
ATOM   774  C C   . PRO A 1 104 ? -10.442 -7.895  1.248   1.00 17.98  ? 106 PRO A C   1 
ATOM   775  O O   . PRO A 1 104 ? -10.986 -6.975  1.866   1.00 16.05  ? 106 PRO A O   1 
ATOM   776  C CB  . PRO A 1 104 ? -12.488 -9.299  1.746   1.00 14.80  ? 106 PRO A CB  1 
ATOM   777  C CG  . PRO A 1 104 ? -12.029 -9.884  3.053   1.00 16.42  ? 106 PRO A CG  1 
ATOM   778  C CD  . PRO A 1 104 ? -11.084 -10.990 2.601   1.00 18.36  ? 106 PRO A CD  1 
ATOM   779  N N   . ILE A 1 105 ? -9.201  -7.812  0.785   1.00 10.04  ? 107 ILE A N   1 
ATOM   780  C CA  . ILE A 1 105 ? -8.408  -6.615  0.987   1.00 12.83  ? 107 ILE A CA  1 
ATOM   781  C C   . ILE A 1 105 ? -7.517  -6.383  -0.227  1.00 13.54  ? 107 ILE A C   1 
ATOM   782  O O   . ILE A 1 105 ? -7.239  -7.307  -0.987  1.00 11.88  ? 107 ILE A O   1 
ATOM   783  C CB  . ILE A 1 105 ? -7.547  -6.748  2.260   1.00 18.80  ? 107 ILE A CB  1 
ATOM   784  C CG1 . ILE A 1 105 ? -6.973  -5.388  2.641   1.00 22.17  ? 107 ILE A CG1 1 
ATOM   785  C CG2 . ILE A 1 105 ? -6.445  -7.773  2.039   1.00 14.97  ? 107 ILE A CG2 1 
ATOM   786  C CD1 . ILE A 1 105 ? -6.341  -5.359  4.002   1.00 27.61  ? 107 ILE A CD1 1 
ATOM   787  N N   . GLY A 1 106 ? -7.088  -5.143  -0.424  1.00 13.56  ? 108 GLY A N   1 
ATOM   788  C CA  . GLY A 1 106 ? -6.227  -4.852  -1.552  1.00 7.78   ? 108 GLY A CA  1 
ATOM   789  C C   . GLY A 1 106 ? -4.768  -5.044  -1.193  1.00 11.39  ? 108 GLY A C   1 
ATOM   790  O O   . GLY A 1 106 ? -4.333  -4.660  -0.108  1.00 7.31   ? 108 GLY A O   1 
ATOM   791  N N   . VAL A 1 107 ? -4.014  -5.671  -2.089  1.00 8.70   ? 109 VAL A N   1 
ATOM   792  C CA  . VAL A 1 107 ? -2.588  -5.877  -1.870  1.00 11.64  ? 109 VAL A CA  1 
ATOM   793  C C   . VAL A 1 107 ? -1.857  -5.765  -3.202  1.00 10.99  ? 109 VAL A C   1 
ATOM   794  O O   . VAL A 1 107 ? -2.066  -6.579  -4.101  1.00 10.40  ? 109 VAL A O   1 
ATOM   795  C CB  . VAL A 1 107 ? -2.267  -7.270  -1.269  1.00 12.88  ? 109 VAL A CB  1 
ATOM   796  C CG1 . VAL A 1 107 ? -0.751  -7.423  -1.111  1.00 6.17   ? 109 VAL A CG1 1 
ATOM   797  C CG2 . VAL A 1 107 ? -2.947  -7.441  0.080   1.00 10.17  ? 109 VAL A CG2 1 
ATOM   798  N N   . MET A 1 108 ? -1.019  -4.742  -3.325  1.00 9.18   ? 110 MET A N   1 
ATOM   799  C CA  . MET A 1 108 ? -0.229  -4.531  -4.535  1.00 9.37   ? 110 MET A CA  1 
ATOM   800  C C   . MET A 1 108 ? 1.244   -4.571  -4.161  1.00 10.44  ? 110 MET A C   1 
ATOM   801  O O   . MET A 1 108 ? 1.653   -3.998  -3.148  1.00 10.94  ? 110 MET A O   1 
ATOM   802  C CB  . MET A 1 108 ? -0.548  -3.176  -5.177  1.00 9.38   ? 110 MET A CB  1 
ATOM   803  C CG  . MET A 1 108 ? -1.957  -3.050  -5.724  1.00 14.25  ? 110 MET A CG  1 
ATOM   804  S SD  . MET A 1 108 ? -2.178  -1.471  -6.556  1.00 16.60  ? 110 MET A SD  1 
ATOM   805  C CE  . MET A 1 108 ? -3.244  -1.941  -7.918  1.00 21.05  ? 110 MET A CE  1 
ATOM   806  N N   . ALA A 1 109 ? 2.036   -5.249  -4.985  1.00 10.46  ? 111 ALA A N   1 
ATOM   807  C CA  . ALA A 1 109 ? 3.471   -5.378  -4.748  1.00 8.25   ? 111 ALA A CA  1 
ATOM   808  C C   . ALA A 1 109 ? 4.146   -5.611  -6.096  1.00 9.46   ? 111 ALA A C   1 
ATOM   809  O O   . ALA A 1 109 ? 3.466   -5.814  -7.103  1.00 8.65   ? 111 ALA A O   1 
ATOM   810  C CB  . ALA A 1 109 ? 3.733   -6.546  -3.814  1.00 7.84   ? 111 ALA A CB  1 
ATOM   811  N N   . ILE A 1 110 ? 5.474   -5.589  -6.134  1.00 7.24   ? 112 ILE A N   1 
ATOM   812  C CA  . ILE A 1 110 ? 6.154   -5.790  -7.411  1.00 7.08   ? 112 ILE A CA  1 
ATOM   813  C C   . ILE A 1 110 ? 6.515   -7.241  -7.690  1.00 13.29  ? 112 ILE A C   1 
ATOM   814  O O   . ILE A 1 110 ? 6.983   -7.568  -8.783  1.00 12.72  ? 112 ILE A O   1 
ATOM   815  C CB  . ILE A 1 110 ? 7.431   -4.926  -7.525  1.00 9.89   ? 112 ILE A CB  1 
ATOM   816  C CG1 . ILE A 1 110 ? 8.456   -5.344  -6.470  1.00 16.13  ? 112 ILE A CG1 1 
ATOM   817  C CG2 . ILE A 1 110 ? 7.065   -3.455  -7.373  1.00 11.73  ? 112 ILE A CG2 1 
ATOM   818  C CD1 . ILE A 1 110 ? 9.822   -4.713  -6.664  1.00 21.10  ? 112 ILE A CD1 1 
ATOM   819  N N   . GLY A 1 111 ? 6.289   -8.113  -6.713  1.00 10.54  ? 113 GLY A N   1 
ATOM   820  C CA  . GLY A 1 111 ? 6.599   -9.516  -6.917  1.00 9.14   ? 113 GLY A CA  1 
ATOM   821  C C   . GLY A 1 111 ? 6.441   -10.346 -5.661  1.00 11.66  ? 113 GLY A C   1 
ATOM   822  O O   . GLY A 1 111 ? 5.999   -9.846  -4.629  1.00 10.20  ? 113 GLY A O   1 
ATOM   823  N N   . THR A 1 112 ? 6.791   -11.624 -5.758  1.00 10.49  ? 114 THR A N   1 
ATOM   824  C CA  . THR A 1 112 ? 6.701   -12.529 -4.623  1.00 11.10  ? 114 THR A CA  1 
ATOM   825  C C   . THR A 1 112 ? 8.086   -13.065 -4.301  1.00 13.51  ? 114 THR A C   1 
ATOM   826  O O   . THR A 1 112 ? 8.951   -13.140 -5.171  1.00 11.77  ? 114 THR A O   1 
ATOM   827  C CB  . THR A 1 112 ? 5.777   -13.731 -4.915  1.00 11.39  ? 114 THR A CB  1 
ATOM   828  O OG1 . THR A 1 112 ? 6.288   -14.476 -6.030  1.00 11.42  ? 114 THR A OG1 1 
ATOM   829  C CG2 . THR A 1 112 ? 4.360   -13.254 -5.223  1.00 14.79  ? 114 THR A CG2 1 
ATOM   830  N N   . CYS A 1 113 ? 8.281   -13.426 -3.039  1.00 13.21  ? 115 CYS A N   1 
ATOM   831  C CA  . CYS A 1 113 ? 9.541   -13.977 -2.556  1.00 12.65  ? 115 CYS A CA  1 
ATOM   832  C C   . CYS A 1 113 ? 9.187   -14.807 -1.331  1.00 8.80   ? 115 CYS A C   1 
ATOM   833  O O   . CYS A 1 113 ? 8.566   -14.303 -0.398  1.00 10.47  ? 115 CYS A O   1 
ATOM   834  C CB  . CYS A 1 113 ? 10.502  -12.860 -2.160  1.00 14.77  ? 115 CYS A CB  1 
ATOM   835  S SG  . CYS A 1 113 ? 12.053  -13.484 -1.476  1.00 15.54  ? 115 CYS A SG  1 
ATOM   836  N N   . PRO A 1 114 ? 9.578   -16.091 -1.316  1.00 10.60  ? 116 PRO A N   1 
ATOM   837  C CA  . PRO A 1 114 ? 9.278   -16.981 -0.190  1.00 11.47  ? 116 PRO A CA  1 
ATOM   838  C C   . PRO A 1 114 ? 10.079  -16.746 1.089   1.00 13.06  ? 116 PRO A C   1 
ATOM   839  O O   . PRO A 1 114 ? 9.691   -17.222 2.158   1.00 13.89  ? 116 PRO A O   1 
ATOM   840  C CB  . PRO A 1 114 ? 9.538   -18.365 -0.779  1.00 12.86  ? 116 PRO A CB  1 
ATOM   841  C CG  . PRO A 1 114 ? 10.721  -18.106 -1.660  1.00 12.71  ? 116 PRO A CG  1 
ATOM   842  C CD  . PRO A 1 114 ? 10.330  -16.809 -2.364  1.00 10.54  ? 116 PRO A CD  1 
ATOM   843  N N   . VAL A 1 115 ? 11.181  -16.006 0.990   1.00 11.64  ? 117 VAL A N   1 
ATOM   844  C CA  . VAL A 1 115 ? 12.027  -15.747 2.156   1.00 12.12  ? 117 VAL A CA  1 
ATOM   845  C C   . VAL A 1 115 ? 11.478  -14.674 3.098   1.00 13.13  ? 117 VAL A C   1 
ATOM   846  O O   . VAL A 1 115 ? 11.115  -13.580 2.668   1.00 11.30  ? 117 VAL A O   1 
ATOM   847  C CB  . VAL A 1 115 ? 13.450  -15.326 1.726   1.00 13.02  ? 117 VAL A CB  1 
ATOM   848  C CG1 . VAL A 1 115 ? 14.326  -15.119 2.956   1.00 15.26  ? 117 VAL A CG1 1 
ATOM   849  C CG2 . VAL A 1 115 ? 14.051  -16.383 0.804   1.00 11.54  ? 117 VAL A CG2 1 
ATOM   850  N N   . LYS A 1 116 ? 11.436  -14.991 4.388   1.00 10.09  ? 118 LYS A N   1 
ATOM   851  C CA  . LYS A 1 116 ? 10.934  -14.045 5.385   1.00 20.21  ? 118 LYS A CA  1 
ATOM   852  C C   . LYS A 1 116 ? 11.886  -12.859 5.524   1.00 14.80  ? 118 LYS A C   1 
ATOM   853  O O   . LYS A 1 116 ? 13.094  -12.989 5.314   1.00 15.94  ? 118 LYS A O   1 
ATOM   854  C CB  . LYS A 1 116 ? 10.767  -14.742 6.745   1.00 17.91  ? 118 LYS A CB  1 
ATOM   855  C CG  . LYS A 1 116 ? 12.059  -14.973 7.537   1.00 26.23  ? 118 LYS A CG  1 
ATOM   856  C CD  . LYS A 1 116 ? 13.205  -15.466 6.661   1.00 35.60  ? 118 LYS A CD  1 
ATOM   857  C CE  . LYS A 1 116 ? 14.298  -16.149 7.469   1.00 39.36  ? 118 LYS A CE  1 
ATOM   858  N NZ  . LYS A 1 116 ? 13.887  -17.524 7.871   1.00 32.38  ? 118 LYS A NZ  1 
ATOM   859  N N   . SER A 1 117 ? 11.340  -11.700 5.874   1.00 12.65  ? 119 SER A N   1 
ATOM   860  C CA  . SER A 1 117 ? 12.164  -10.514 6.039   1.00 15.20  ? 119 SER A CA  1 
ATOM   861  C C   . SER A 1 117 ? 12.783  -10.498 7.429   1.00 12.70  ? 119 SER A C   1 
ATOM   862  O O   . SER A 1 117 ? 12.378  -11.262 8.310   1.00 11.09  ? 119 SER A O   1 
ATOM   863  C CB  . SER A 1 117 ? 11.327  -9.251  5.831   1.00 15.55  ? 119 SER A CB  1 
ATOM   864  O OG  . SER A 1 117 ? 10.191  -9.249  6.676   1.00 19.33  ? 119 SER A OG  1 
ATOM   865  N N   . LYS A 1 118 ? 13.773  -9.633  7.619   1.00 12.19  ? 120 LYS A N   1 
ATOM   866  C CA  . LYS A 1 118 ? 14.430  -9.507  8.912   1.00 17.43  ? 120 LYS A CA  1 
ATOM   867  C C   . LYS A 1 118 ? 13.423  -8.992  9.932   1.00 17.88  ? 120 LYS A C   1 
ATOM   868  O O   . LYS A 1 118 ? 12.409  -8.398  9.565   1.00 15.67  ? 120 LYS A O   1 
ATOM   869  C CB  . LYS A 1 118 ? 15.618  -8.547  8.808   1.00 17.39  ? 120 LYS A CB  1 
ATOM   870  C CG  . LYS A 1 118 ? 16.790  -9.123  8.032   1.00 21.70  ? 120 LYS A CG  1 
ATOM   871  C CD  . LYS A 1 118 ? 17.952  -8.152  7.972   1.00 33.66  ? 120 LYS A CD  1 
ATOM   872  C CE  . LYS A 1 118 ? 19.185  -8.822  7.386   1.00 40.13  ? 120 LYS A CE  1 
ATOM   873  N NZ  . LYS A 1 118 ? 18.911  -9.424  6.052   1.00 46.04  ? 120 LYS A NZ  1 
ATOM   874  N N   . LYS A 1 119 ? 13.701  -9.226  11.209  1.00 11.97  ? 121 LYS A N   1 
ATOM   875  C CA  . LYS A 1 119 ? 12.806  -8.792  12.276  1.00 14.85  ? 121 LYS A CA  1 
ATOM   876  C C   . LYS A 1 119 ? 13.574  -7.974  13.314  1.00 16.55  ? 121 LYS A C   1 
ATOM   877  O O   . LYS A 1 119 ? 13.504  -8.246  14.515  1.00 17.44  ? 121 LYS A O   1 
ATOM   878  C CB  . LYS A 1 119 ? 12.167  -10.017 12.938  1.00 16.77  ? 121 LYS A CB  1 
ATOM   879  C CG  . LYS A 1 119 ? 11.337  -10.887 11.987  1.00 20.27  ? 121 LYS A CG  1 
ATOM   880  C CD  . LYS A 1 119 ? 10.002  -10.233 11.653  1.00 15.91  ? 121 LYS A CD  1 
ATOM   881  C CE  . LYS A 1 119 ? 9.184   -11.069 10.671  1.00 17.58  ? 121 LYS A CE  1 
ATOM   882  N NZ  . LYS A 1 119 ? 9.797   -11.100 9.311   1.00 15.57  ? 121 LYS A NZ  1 
ATOM   883  N N   . GLU A 1 120 ? 14.290  -6.957  12.845  1.00 17.76  ? 122 GLU A N   1 
ATOM   884  C CA  . GLU A 1 120 ? 15.091  -6.116  13.727  1.00 18.66  ? 122 GLU A CA  1 
ATOM   885  C C   . GLU A 1 120 ? 14.430  -4.799  14.119  1.00 18.42  ? 122 GLU A C   1 
ATOM   886  O O   . GLU A 1 120 ? 14.831  -4.167  15.096  1.00 17.15  ? 122 GLU A O   1 
ATOM   887  C CB  . GLU A 1 120 ? 16.445  -5.850  13.070  1.00 19.57  ? 122 GLU A CB  1 
ATOM   888  C CG  . GLU A 1 120 ? 17.115  -7.124  12.582  1.00 24.48  ? 122 GLU A CG  1 
ATOM   889  C CD  . GLU A 1 120 ? 18.503  -6.890  12.033  1.00 32.21  ? 122 GLU A CD  1 
ATOM   890  O OE1 . GLU A 1 120 ? 18.667  -6.006  11.165  1.00 30.74  ? 122 GLU A OE1 1 
ATOM   891  O OE2 . GLU A 1 120 ? 19.433  -7.599  12.465  1.00 36.64  ? 122 GLU A OE2 1 
ATOM   892  N N   . GLY A 1 121 ? 13.424  -4.379  13.361  1.00 12.83  ? 123 GLY A N   1 
ATOM   893  C CA  . GLY A 1 121 ? 12.741  -3.140  13.683  1.00 16.22  ? 123 GLY A CA  1 
ATOM   894  C C   . GLY A 1 121 ? 13.365  -1.897  13.079  1.00 14.27  ? 123 GLY A C   1 
ATOM   895  O O   . GLY A 1 121 ? 13.016  -0.780  13.455  1.00 18.24  ? 123 GLY A O   1 
ATOM   896  N N   . LYS A 1 122 ? 14.293  -2.079  12.146  1.00 15.53  ? 124 LYS A N   1 
ATOM   897  C CA  . LYS A 1 122 ? 14.937  -0.945  11.495  1.00 16.45  ? 124 LYS A CA  1 
ATOM   898  C C   . LYS A 1 122 ? 13.938  -0.315  10.525  1.00 12.81  ? 124 LYS A C   1 
ATOM   899  O O   . LYS A 1 122 ? 13.066  -1.001  9.991   1.00 16.75  ? 124 LYS A O   1 
ATOM   900  C CB  . LYS A 1 122 ? 16.198  -1.413  10.766  1.00 17.04  ? 124 LYS A CB  1 
ATOM   901  C CG  . LYS A 1 122 ? 17.198  -2.078  11.709  1.00 19.23  ? 124 LYS A CG  1 
ATOM   902  C CD  . LYS A 1 122 ? 18.366  -2.732  10.986  1.00 23.10  ? 124 LYS A CD  1 
ATOM   903  C CE  . LYS A 1 122 ? 19.307  -1.711  10.384  1.00 13.62  ? 124 LYS A CE  1 
ATOM   904  N NZ  . LYS A 1 122 ? 20.584  -2.361  9.954   1.00 19.04  ? 124 LYS A NZ  1 
ATOM   905  N N   . GLY A 1 123 ? 14.062  0.992   10.312  1.00 14.02  ? 125 GLY A N   1 
ATOM   906  C CA  . GLY A 1 123 ? 13.152  1.695   9.424   1.00 11.31  ? 125 GLY A CA  1 
ATOM   907  C C   . GLY A 1 123 ? 12.378  2.756   10.185  1.00 15.25  ? 125 GLY A C   1 
ATOM   908  O O   . GLY A 1 123 ? 12.672  3.024   11.350  1.00 14.45  ? 125 GLY A O   1 
ATOM   909  N N   . ALA A 1 124 ? 11.386  3.362   9.542   1.00 11.35  ? 126 ALA A N   1 
ATOM   910  C CA  . ALA A 1 124 ? 10.594  4.394   10.200  1.00 12.35  ? 126 ALA A CA  1 
ATOM   911  C C   . ALA A 1 124 ? 9.168   4.477   9.679   1.00 14.50  ? 126 ALA A C   1 
ATOM   912  O O   . ALA A 1 124 ? 8.901   4.188   8.515   1.00 15.63  ? 126 ALA A O   1 
ATOM   913  C CB  . ALA A 1 124 ? 11.276  5.748   10.043  1.00 16.78  ? 126 ALA A CB  1 
ATOM   914  N N   . ARG A 1 125 ? 8.253   4.880   10.555  1.00 13.09  ? 127 ARG A N   1 
ATOM   915  C CA  . ARG A 1 125 ? 6.853   5.036   10.185  1.00 13.95  ? 127 ARG A CA  1 
ATOM   916  C C   . ARG A 1 125 ? 6.546   6.527   10.085  1.00 14.91  ? 127 ARG A C   1 
ATOM   917  O O   . ARG A 1 125 ? 7.291   7.364   10.601  1.00 13.54  ? 127 ARG A O   1 
ATOM   918  C CB  . ARG A 1 125 ? 5.932   4.410   11.245  1.00 15.02  ? 127 ARG A CB  1 
ATOM   919  C CG  . ARG A 1 125 ? 5.981   2.894   11.341  1.00 16.29  ? 127 ARG A CG  1 
ATOM   920  C CD  . ARG A 1 125 ? 5.090   2.396   12.472  1.00 13.11  ? 127 ARG A CD  1 
ATOM   921  N NE  . ARG A 1 125 ? 3.707   2.847   12.314  1.00 15.02  ? 127 ARG A NE  1 
ATOM   922  C CZ  . ARG A 1 125 ? 2.753   2.678   13.223  1.00 14.13  ? 127 ARG A CZ  1 
ATOM   923  N NH1 . ARG A 1 125 ? 3.024   2.064   14.367  1.00 11.57  ? 127 ARG A NH1 1 
ATOM   924  N NH2 . ARG A 1 125 ? 1.527   3.132   12.994  1.00 11.01  ? 127 ARG A NH2 1 
ATOM   925  N N   . ASP A 1 126 ? 5.452   6.847   9.403   1.00 15.47  ? 128 ASP A N   1 
ATOM   926  C CA  . ASP A 1 126 ? 4.984   8.221   9.252   1.00 15.34  ? 128 ASP A CA  1 
ATOM   927  C C   . ASP A 1 126 ? 5.959   9.219   8.630   1.00 16.13  ? 128 ASP A C   1 
ATOM   928  O O   . ASP A 1 126 ? 5.935   10.402  8.968   1.00 15.54  ? 128 ASP A O   1 
ATOM   929  C CB  . ASP A 1 126 ? 4.517   8.751   10.609  1.00 19.42  ? 128 ASP A CB  1 
ATOM   930  C CG  . ASP A 1 126 ? 3.591   7.786   11.324  1.00 26.42  ? 128 ASP A CG  1 
ATOM   931  O OD1 . ASP A 1 126 ? 2.631   7.302   10.692  1.00 30.40  ? 128 ASP A OD1 1 
ATOM   932  O OD2 . ASP A 1 126 ? 3.819   7.512   12.521  1.00 32.46  ? 128 ASP A OD2 1 
ATOM   933  N N   . VAL A 1 127 ? 6.815   8.746   7.730   1.00 14.93  ? 129 VAL A N   1 
ATOM   934  C CA  . VAL A 1 127 ? 7.757   9.624   7.046   1.00 16.55  ? 129 VAL A CA  1 
ATOM   935  C C   . VAL A 1 127 ? 7.298   9.747   5.597   1.00 16.98  ? 129 VAL A C   1 
ATOM   936  O O   . VAL A 1 127 ? 6.444   8.981   5.145   1.00 11.89  ? 129 VAL A O   1 
ATOM   937  C CB  . VAL A 1 127 ? 9.203   9.058   7.063   1.00 18.59  ? 129 VAL A CB  1 
ATOM   938  C CG1 . VAL A 1 127 ? 9.726   9.000   8.493   1.00 19.41  ? 129 VAL A CG1 1 
ATOM   939  C CG2 . VAL A 1 127 ? 9.237   7.680   6.425   1.00 15.89  ? 129 VAL A CG2 1 
ATOM   940  N N   . VAL A 1 128 ? 7.849   10.716  4.873   1.00 11.27  ? 130 VAL A N   1 
ATOM   941  C CA  . VAL A 1 128 ? 7.486   10.897  3.475   1.00 15.03  ? 130 VAL A CA  1 
ATOM   942  C C   . VAL A 1 128 ? 8.255   9.874   2.648   1.00 15.44  ? 130 VAL A C   1 
ATOM   943  O O   . VAL A 1 128 ? 9.472   9.749   2.778   1.00 16.74  ? 130 VAL A O   1 
ATOM   944  C CB  . VAL A 1 128 ? 7.837   12.316  2.986   1.00 19.61  ? 130 VAL A CB  1 
ATOM   945  C CG1 . VAL A 1 128 ? 7.518   12.449  1.507   1.00 16.90  ? 130 VAL A CG1 1 
ATOM   946  C CG2 . VAL A 1 128 ? 7.055   13.348  3.791   1.00 18.86  ? 130 VAL A CG2 1 
ATOM   947  N N   . LEU A 1 129 ? 7.540   9.130   1.811   1.00 11.57  ? 131 LEU A N   1 
ATOM   948  C CA  . LEU A 1 129 ? 8.171   8.121   0.977   1.00 14.91  ? 131 LEU A CA  1 
ATOM   949  C C   . LEU A 1 129 ? 8.353   8.675   -0.426  1.00 14.17  ? 131 LEU A C   1 
ATOM   950  O O   . LEU A 1 129 ? 7.605   9.556   -0.858  1.00 14.06  ? 131 LEU A O   1 
ATOM   951  C CB  . LEU A 1 129 ? 7.306   6.858   0.919   1.00 9.76   ? 131 LEU A CB  1 
ATOM   952  C CG  . LEU A 1 129 ? 6.844   6.267   2.252   1.00 14.93  ? 131 LEU A CG  1 
ATOM   953  C CD1 . LEU A 1 129 ? 5.912   5.099   1.979   1.00 12.41  ? 131 LEU A CD1 1 
ATOM   954  C CD2 . LEU A 1 129 ? 8.043   5.821   3.079   1.00 10.45  ? 131 LEU A CD2 1 
ATOM   955  N N   . GLU A 1 130 ? 9.349   8.157   -1.133  1.00 13.48  ? 132 GLU A N   1 
ATOM   956  C CA  . GLU A 1 130 ? 9.621   8.594   -2.492  1.00 19.55  ? 132 GLU A CA  1 
ATOM   957  C C   . GLU A 1 130 ? 9.995   7.436   -3.407  1.00 15.98  ? 132 GLU A C   1 
ATOM   958  O O   . GLU A 1 130 ? 11.121  6.946   -3.376  1.00 14.54  ? 132 GLU A O   1 
ATOM   959  C CB  . GLU A 1 130 ? 10.748  9.631   -2.498  1.00 24.71  ? 132 GLU A CB  1 
ATOM   960  C CG  . GLU A 1 130 ? 10.361  10.971  -1.904  1.00 35.34  ? 132 GLU A CG  1 
ATOM   961  C CD  . GLU A 1 130 ? 11.528  11.936  -1.831  1.00 43.85  ? 132 GLU A CD  1 
ATOM   962  O OE1 . GLU A 1 130 ? 12.190  12.146  -2.870  1.00 45.78  ? 132 GLU A OE1 1 
ATOM   963  O OE2 . GLU A 1 130 ? 11.779  12.486  -0.738  1.00 49.27  ? 132 GLU A OE2 1 
ATOM   964  N N   . PHE A 1 131 ? 9.035   6.995   -4.216  1.00 16.83  ? 133 PHE A N   1 
ATOM   965  C CA  . PHE A 1 131 ? 9.271   5.916   -5.169  1.00 13.60  ? 133 PHE A CA  1 
ATOM   966  C C   . PHE A 1 131 ? 8.185   5.924   -6.238  1.00 10.84  ? 133 PHE A C   1 
ATOM   967  O O   . PHE A 1 131 ? 7.111   6.494   -6.037  1.00 13.11  ? 133 PHE A O   1 
ATOM   968  C CB  . PHE A 1 131 ? 9.307   4.547   -4.474  1.00 14.72  ? 133 PHE A CB  1 
ATOM   969  C CG  . PHE A 1 131 ? 7.990   4.116   -3.893  1.00 15.11  ? 133 PHE A CG  1 
ATOM   970  C CD1 . PHE A 1 131 ? 7.671   4.399   -2.568  1.00 10.69  ? 133 PHE A CD1 1 
ATOM   971  C CD2 . PHE A 1 131 ? 7.072   3.412   -4.670  1.00 14.23  ? 133 PHE A CD2 1 
ATOM   972  C CE1 . PHE A 1 131 ? 6.454   3.982   -2.019  1.00 11.62  ? 133 PHE A CE1 1 
ATOM   973  C CE2 . PHE A 1 131 ? 5.852   2.991   -4.133  1.00 10.79  ? 133 PHE A CE2 1 
ATOM   974  C CZ  . PHE A 1 131 ? 5.545   3.278   -2.802  1.00 8.78   ? 133 PHE A CZ  1 
ATOM   975  N N   . GLY A 1 132 ? 8.476   5.297   -7.373  1.00 13.32  ? 134 GLY A N   1 
ATOM   976  C CA  . GLY A 1 132 ? 7.515   5.241   -8.460  1.00 11.87  ? 134 GLY A CA  1 
ATOM   977  C C   . GLY A 1 132 ? 7.188   6.613   -9.010  1.00 15.65  ? 134 GLY A C   1 
ATOM   978  O O   . GLY A 1 132 ? 6.133   6.813   -9.611  1.00 16.65  ? 134 GLY A O   1 
ATOM   979  N N   . GLY A 1 133 ? 8.101   7.558   -8.802  1.00 15.43  ? 135 GLY A N   1 
ATOM   980  C CA  . GLY A 1 133 ? 7.898   8.914   -9.283  1.00 17.99  ? 135 GLY A CA  1 
ATOM   981  C C   . GLY A 1 133 ? 6.835   9.652   -8.495  1.00 17.09  ? 135 GLY A C   1 
ATOM   982  O O   . GLY A 1 133 ? 6.304   10.665  -8.952  1.00 16.63  ? 135 GLY A O   1 
ATOM   983  N N   . VAL A 1 134 ? 6.529   9.154   -7.301  1.00 14.66  ? 136 VAL A N   1 
ATOM   984  C CA  . VAL A 1 134 ? 5.505   9.766   -6.461  1.00 10.73  ? 136 VAL A CA  1 
ATOM   985  C C   . VAL A 1 134 ? 6.002   10.063  -5.048  1.00 13.25  ? 136 VAL A C   1 
ATOM   986  O O   . VAL A 1 134 ? 6.826   9.332   -4.500  1.00 10.84  ? 136 VAL A O   1 
ATOM   987  C CB  . VAL A 1 134 ? 4.251   8.844   -6.364  1.00 11.81  ? 136 VAL A CB  1 
ATOM   988  C CG1 . VAL A 1 134 ? 3.277   9.359   -5.300  1.00 12.15  ? 136 VAL A CG1 1 
ATOM   989  C CG2 . VAL A 1 134 ? 3.557   8.780   -7.713  1.00 11.62  ? 136 VAL A CG2 1 
ATOM   990  N N   . ARG A 1 135 ? 5.499   11.150  -4.472  1.00 12.38  ? 137 ARG A N   1 
ATOM   991  C CA  . ARG A 1 135 ? 5.846   11.535  -3.108  1.00 11.43  ? 137 ARG A CA  1 
ATOM   992  C C   . ARG A 1 135 ? 4.635   11.116  -2.281  1.00 10.64  ? 137 ARG A C   1 
ATOM   993  O O   . ARG A 1 135 ? 3.550   11.677  -2.436  1.00 13.54  ? 137 ARG A O   1 
ATOM   994  C CB  . ARG A 1 135 ? 6.051   13.051  -3.021  1.00 18.12  ? 137 ARG A CB  1 
ATOM   995  C CG  . ARG A 1 135 ? 6.468   13.568  -1.652  1.00 20.69  ? 137 ARG A CG  1 
ATOM   996  C CD  . ARG A 1 135 ? 6.334   15.090  -1.597  1.00 30.79  ? 137 ARG A CD  1 
ATOM   997  N NE  . ARG A 1 135 ? 6.790   15.658  -0.331  1.00 38.08  ? 137 ARG A NE  1 
ATOM   998  C CZ  . ARG A 1 135 ? 8.063   15.712  0.049   1.00 43.71  ? 137 ARG A CZ  1 
ATOM   999  N NH1 . ARG A 1 135 ? 9.012   15.229  -0.741  1.00 46.72  ? 137 ARG A NH1 1 
ATOM   1000 N NH2 . ARG A 1 135 ? 8.388   16.251  1.217   1.00 44.92  ? 137 ARG A NH2 1 
ATOM   1001 N N   . TRP A 1 136 ? 4.821   10.117  -1.422  1.00 10.64  ? 138 TRP A N   1 
ATOM   1002 C CA  . TRP A 1 136 ? 3.744   9.595   -0.587  1.00 9.72   ? 138 TRP A CA  1 
ATOM   1003 C C   . TRP A 1 136 ? 3.792   10.205  0.814   1.00 10.48  ? 138 TRP A C   1 
ATOM   1004 O O   . TRP A 1 136 ? 4.672   9.876   1.607   1.00 14.84  ? 138 TRP A O   1 
ATOM   1005 C CB  . TRP A 1 136 ? 3.858   8.069   -0.482  1.00 10.34  ? 138 TRP A CB  1 
ATOM   1006 C CG  . TRP A 1 136 ? 4.103   7.386   -1.800  1.00 12.90  ? 138 TRP A CG  1 
ATOM   1007 C CD1 . TRP A 1 136 ? 5.266   7.378   -2.516  1.00 10.48  ? 138 TRP A CD1 1 
ATOM   1008 C CD2 . TRP A 1 136 ? 3.161   6.616   -2.556  1.00 9.81   ? 138 TRP A CD2 1 
ATOM   1009 N NE1 . TRP A 1 136 ? 5.108   6.649   -3.671  1.00 8.65   ? 138 TRP A NE1 1 
ATOM   1010 C CE2 . TRP A 1 136 ? 3.825   6.169   -3.720  1.00 6.17   ? 138 TRP A CE2 1 
ATOM   1011 C CE3 . TRP A 1 136 ? 1.821   6.257   -2.362  1.00 11.83  ? 138 TRP A CE3 1 
ATOM   1012 C CZ2 . TRP A 1 136 ? 3.193   5.379   -4.691  1.00 10.18  ? 138 TRP A CZ2 1 
ATOM   1013 C CZ3 . TRP A 1 136 ? 1.191   5.472   -3.327  1.00 13.73  ? 138 TRP A CZ3 1 
ATOM   1014 C CH2 . TRP A 1 136 ? 1.879   5.042   -4.475  1.00 14.58  ? 138 TRP A CH2 1 
ATOM   1015 N N   . GLU A 1 137 ? 2.832   11.074  1.116   1.00 14.27  ? 139 GLU A N   1 
ATOM   1016 C CA  . GLU A 1 137 ? 2.775   11.750  2.409   1.00 19.35  ? 139 GLU A CA  1 
ATOM   1017 C C   . GLU A 1 137 ? 1.695   11.220  3.344   1.00 17.15  ? 139 GLU A C   1 
ATOM   1018 O O   . GLU A 1 137 ? 0.596   10.885  2.913   1.00 15.91  ? 139 GLU A O   1 
ATOM   1019 C CB  . GLU A 1 137 ? 2.542   13.250  2.203   1.00 20.34  ? 139 GLU A CB  1 
ATOM   1020 C CG  . GLU A 1 137 ? 3.682   13.988  1.523   1.00 30.22  ? 139 GLU A CG  1 
ATOM   1021 C CD  . GLU A 1 137 ? 3.374   15.463  1.324   1.00 36.51  ? 139 GLU A CD  1 
ATOM   1022 O OE1 . GLU A 1 137 ? 2.891   16.102  2.282   1.00 41.46  ? 139 GLU A OE1 1 
ATOM   1023 O OE2 . GLU A 1 137 ? 3.620   15.981  0.214   1.00 35.90  ? 139 GLU A OE2 1 
ATOM   1024 N N   . PRO A 1 138 ? 1.998   11.139  4.649   1.00 17.53  ? 140 PRO A N   1 
ATOM   1025 C CA  . PRO A 1 138 ? 1.006   10.650  5.607   1.00 16.37  ? 140 PRO A CA  1 
ATOM   1026 C C   . PRO A 1 138 ? -0.217  11.566  5.549   1.00 16.56  ? 140 PRO A C   1 
ATOM   1027 O O   . PRO A 1 138 ? -0.076  12.783  5.453   1.00 17.71  ? 140 PRO A O   1 
ATOM   1028 C CB  . PRO A 1 138 ? 1.737   10.761  6.943   1.00 17.76  ? 140 PRO A CB  1 
ATOM   1029 C CG  . PRO A 1 138 ? 3.164   10.519  6.561   1.00 17.73  ? 140 PRO A CG  1 
ATOM   1030 C CD  . PRO A 1 138 ? 3.302   11.346  5.302   1.00 20.66  ? 140 PRO A CD  1 
ATOM   1031 N N   . GLY A 1 139 ? -1.410  10.985  5.588   1.00 17.20  ? 141 GLY A N   1 
ATOM   1032 C CA  . GLY A 1 139 ? -2.609  11.802  5.538   1.00 21.83  ? 141 GLY A CA  1 
ATOM   1033 C C   . GLY A 1 139 ? -3.125  12.020  4.128   1.00 23.53  ? 141 GLY A C   1 
ATOM   1034 O O   . GLY A 1 139 ? -4.274  12.421  3.942   1.00 24.33  ? 141 GLY A O   1 
ATOM   1035 N N   . ALA A 1 140 ? -2.276  11.775  3.135   1.00 16.14  ? 142 ALA A N   1 
ATOM   1036 C CA  . ALA A 1 140 ? -2.682  11.926  1.742   1.00 15.48  ? 142 ALA A CA  1 
ATOM   1037 C C   . ALA A 1 140 ? -3.643  10.782  1.434   1.00 16.43  ? 142 ALA A C   1 
ATOM   1038 O O   . ALA A 1 140 ? -3.785  9.863   2.237   1.00 14.60  ? 142 ALA A O   1 
ATOM   1039 C CB  . ALA A 1 140 ? -1.464  11.859  0.822   1.00 17.99  ? 142 ALA A CB  1 
ATOM   1040 N N   . TYR A 1 141 ? -4.304  10.843  0.282   1.00 15.47  ? 143 TYR A N   1 
ATOM   1041 C CA  . TYR A 1 141 ? -5.256  9.806   -0.108  1.00 15.04  ? 143 TYR A CA  1 
ATOM   1042 C C   . TYR A 1 141 ? -4.802  9.057   -1.352  1.00 14.17  ? 143 TYR A C   1 
ATOM   1043 O O   . TYR A 1 141 ? -4.377  9.666   -2.331  1.00 14.37  ? 143 TYR A O   1 
ATOM   1044 C CB  . TYR A 1 141 ? -6.634  10.425  -0.359  1.00 21.20  ? 143 TYR A CB  1 
ATOM   1045 C CG  . TYR A 1 141 ? -7.506  10.515  0.872   1.00 31.87  ? 143 TYR A CG  1 
ATOM   1046 C CD1 . TYR A 1 141 ? -8.367  9.473   1.215   1.00 37.11  ? 143 TYR A CD1 1 
ATOM   1047 C CD2 . TYR A 1 141 ? -7.456  11.630  1.708   1.00 39.49  ? 143 TYR A CD2 1 
ATOM   1048 C CE1 . TYR A 1 141 ? -9.159  9.537   2.360   1.00 41.54  ? 143 TYR A CE1 1 
ATOM   1049 C CE2 . TYR A 1 141 ? -8.244  11.705  2.858   1.00 44.47  ? 143 TYR A CE2 1 
ATOM   1050 C CZ  . TYR A 1 141 ? -9.093  10.655  3.176   1.00 45.91  ? 143 TYR A CZ  1 
ATOM   1051 O OH  . TYR A 1 141 ? -9.874  10.725  4.309   1.00 49.62  ? 143 TYR A OH  1 
ATOM   1052 N N   . VAL A 1 142 ? -4.902  7.732   -1.315  1.00 8.96   ? 144 VAL A N   1 
ATOM   1053 C CA  . VAL A 1 142 ? -4.500  6.924   -2.456  1.00 8.95   ? 144 VAL A CA  1 
ATOM   1054 C C   . VAL A 1 142 ? -5.678  6.126   -3.011  1.00 10.48  ? 144 VAL A C   1 
ATOM   1055 O O   . VAL A 1 142 ? -6.504  5.605   -2.263  1.00 13.40  ? 144 VAL A O   1 
ATOM   1056 C CB  . VAL A 1 142 ? -3.344  5.962   -2.079  1.00 11.68  ? 144 VAL A CB  1 
ATOM   1057 C CG1 . VAL A 1 142 ? -3.789  5.004   -0.982  1.00 5.81   ? 144 VAL A CG1 1 
ATOM   1058 C CG2 . VAL A 1 142 ? -2.876  5.201   -3.310  1.00 10.42  ? 144 VAL A CG2 1 
ATOM   1059 N N   . TYR A 1 143 ? -5.750  6.051   -4.332  1.00 10.08  ? 145 TYR A N   1 
ATOM   1060 C CA  . TYR A 1 143 ? -6.812  5.322   -5.012  1.00 10.38  ? 145 TYR A CA  1 
ATOM   1061 C C   . TYR A 1 143 ? -6.134  4.314   -5.926  1.00 9.67   ? 145 TYR A C   1 
ATOM   1062 O O   . TYR A 1 143 ? -5.253  4.671   -6.709  1.00 8.82   ? 145 TYR A O   1 
ATOM   1063 C CB  . TYR A 1 143 ? -7.662  6.284   -5.843  1.00 12.58  ? 145 TYR A CB  1 
ATOM   1064 C CG  . TYR A 1 143 ? -8.283  7.397   -5.030  1.00 11.25  ? 145 TYR A CG  1 
ATOM   1065 C CD1 . TYR A 1 143 ? -9.505  7.219   -4.384  1.00 13.00  ? 145 TYR A CD1 1 
ATOM   1066 C CD2 . TYR A 1 143 ? -7.630  8.618   -4.878  1.00 14.50  ? 145 TYR A CD2 1 
ATOM   1067 C CE1 . TYR A 1 143 ? -10.064 8.234   -3.605  1.00 19.07  ? 145 TYR A CE1 1 
ATOM   1068 C CE2 . TYR A 1 143 ? -8.177  9.638   -4.103  1.00 17.45  ? 145 TYR A CE2 1 
ATOM   1069 C CZ  . TYR A 1 143 ? -9.393  9.440   -3.469  1.00 22.98  ? 145 TYR A CZ  1 
ATOM   1070 O OH  . TYR A 1 143 ? -9.936  10.452  -2.707  1.00 23.90  ? 145 TYR A OH  1 
ATOM   1071 N N   . ALA A 1 144 ? -6.532  3.055   -5.818  1.00 8.95   ? 146 ALA A N   1 
ATOM   1072 C CA  . ALA A 1 144 ? -5.933  2.024   -6.645  1.00 10.84  ? 146 ALA A CA  1 
ATOM   1073 C C   . ALA A 1 144 ? -6.960  1.110   -7.291  1.00 11.41  ? 146 ALA A C   1 
ATOM   1074 O O   . ALA A 1 144 ? -8.030  0.858   -6.736  1.00 10.30  ? 146 ALA A O   1 
ATOM   1075 C CB  . ALA A 1 144 ? -4.957  1.197   -5.815  1.00 11.41  ? 146 ALA A CB  1 
ATOM   1076 N N   . ASP A 1 145 ? -6.628  0.627   -8.480  1.00 7.56   ? 147 ASP A N   1 
ATOM   1077 C CA  . ASP A 1 145 ? -7.490  -0.306  -9.185  1.00 11.13  ? 147 ASP A CA  1 
ATOM   1078 C C   . ASP A 1 145 ? -6.700  -1.000  -10.283 1.00 12.12  ? 147 ASP A C   1 
ATOM   1079 O O   . ASP A 1 145 ? -5.477  -0.868  -10.355 1.00 9.41   ? 147 ASP A O   1 
ATOM   1080 C CB  . ASP A 1 145 ? -8.753  0.383   -9.738  1.00 6.31   ? 147 ASP A CB  1 
ATOM   1081 C CG  . ASP A 1 145 ? -8.468  1.337   -10.880 1.00 10.42  ? 147 ASP A CG  1 
ATOM   1082 O OD1 . ASP A 1 145 ? -7.308  1.429   -11.327 1.00 9.89   ? 147 ASP A OD1 1 
ATOM   1083 O OD2 . ASP A 1 145 ? -9.429  1.995   -11.335 1.00 12.53  ? 147 ASP A OD2 1 
ATOM   1084 N N   . ALA A 1 146 ? -7.400  -1.749  -11.126 1.00 8.90   ? 148 ALA A N   1 
ATOM   1085 C CA  . ALA A 1 146 ? -6.768  -2.495  -12.208 1.00 14.26  ? 148 ALA A CA  1 
ATOM   1086 C C   . ALA A 1 146 ? -5.959  -1.659  -13.200 1.00 13.94  ? 148 ALA A C   1 
ATOM   1087 O O   . ALA A 1 146 ? -5.071  -2.189  -13.870 1.00 11.17  ? 148 ALA A O   1 
ATOM   1088 C CB  . ALA A 1 146 ? -7.829  -3.303  -12.958 1.00 11.77  ? 148 ALA A CB  1 
ATOM   1089 N N   . ASP A 1 147 ? -6.253  -0.366  -13.300 1.00 10.04  ? 149 ASP A N   1 
ATOM   1090 C CA  . ASP A 1 147 ? -5.532  0.489   -14.244 1.00 7.75   ? 149 ASP A CA  1 
ATOM   1091 C C   . ASP A 1 147 ? -4.299  1.186   -13.678 1.00 9.70   ? 149 ASP A C   1 
ATOM   1092 O O   . ASP A 1 147 ? -3.391  1.546   -14.426 1.00 10.26  ? 149 ASP A O   1 
ATOM   1093 C CB  . ASP A 1 147 ? -6.474  1.538   -14.837 1.00 8.22   ? 149 ASP A CB  1 
ATOM   1094 C CG  . ASP A 1 147 ? -7.571  0.917   -15.674 1.00 13.43  ? 149 ASP A CG  1 
ATOM   1095 O OD1 . ASP A 1 147 ? -7.281  -0.065  -16.387 1.00 10.37  ? 149 ASP A OD1 1 
ATOM   1096 O OD2 . ASP A 1 147 ? -8.714  1.416   -15.630 1.00 11.00  ? 149 ASP A OD2 1 
ATOM   1097 N N   . GLY A 1 148 ? -4.260  1.381   -12.366 1.00 12.31  ? 150 GLY A N   1 
ATOM   1098 C CA  . GLY A 1 148 ? -3.109  2.043   -11.783 1.00 8.64   ? 150 GLY A CA  1 
ATOM   1099 C C   . GLY A 1 148 ? -3.338  2.544   -10.374 1.00 11.21  ? 150 GLY A C   1 
ATOM   1100 O O   . GLY A 1 148 ? -4.274  2.122   -9.692  1.00 9.59   ? 150 GLY A O   1 
ATOM   1101 N N   . VAL A 1 149 ? -2.470  3.452   -9.941  1.00 6.88   ? 151 VAL A N   1 
ATOM   1102 C CA  . VAL A 1 149 ? -2.542  4.026   -8.605  1.00 5.58   ? 151 VAL A CA  1 
ATOM   1103 C C   . VAL A 1 149 ? -2.294  5.529   -8.676  1.00 5.53   ? 151 VAL A C   1 
ATOM   1104 O O   . VAL A 1 149 ? -1.315  5.976   -9.270  1.00 9.76   ? 151 VAL A O   1 
ATOM   1105 C CB  . VAL A 1 149 ? -1.476  3.395   -7.683  1.00 11.84  ? 151 VAL A CB  1 
ATOM   1106 C CG1 . VAL A 1 149 ? -1.543  4.028   -6.296  1.00 7.41   ? 151 VAL A CG1 1 
ATOM   1107 C CG2 . VAL A 1 149 ? -1.683  1.884   -7.603  1.00 8.66   ? 151 VAL A CG2 1 
ATOM   1108 N N   . VAL A 1 150 ? -3.187  6.304   -8.069  1.00 8.56   ? 152 VAL A N   1 
ATOM   1109 C CA  . VAL A 1 150 ? -3.060  7.753   -8.059  1.00 10.40  ? 152 VAL A CA  1 
ATOM   1110 C C   . VAL A 1 150 ? -3.175  8.275   -6.633  1.00 12.95  ? 152 VAL A C   1 
ATOM   1111 O O   . VAL A 1 150 ? -3.902  7.714   -5.811  1.00 12.03  ? 152 VAL A O   1 
ATOM   1112 C CB  . VAL A 1 150 ? -4.133  8.421   -8.947  1.00 9.98   ? 152 VAL A CB  1 
ATOM   1113 C CG1 . VAL A 1 150 ? -3.999  7.909   -10.376 1.00 9.81   ? 152 VAL A CG1 1 
ATOM   1114 C CG2 . VAL A 1 150 ? -5.527  8.140   -8.405  1.00 13.31  ? 152 VAL A CG2 1 
ATOM   1115 N N   . VAL A 1 151 ? -2.451  9.352   -6.350  1.00 13.85  ? 153 VAL A N   1 
ATOM   1116 C CA  . VAL A 1 151 ? -2.432  9.940   -5.017  1.00 11.30  ? 153 VAL A CA  1 
ATOM   1117 C C   . VAL A 1 151 ? -2.849  11.408  -5.008  1.00 14.05  ? 153 VAL A C   1 
ATOM   1118 O O   . VAL A 1 151 ? -2.365  12.204  -5.809  1.00 13.97  ? 153 VAL A O   1 
ATOM   1119 C CB  . VAL A 1 151 ? -1.019  9.839   -4.408  1.00 11.30  ? 153 VAL A CB  1 
ATOM   1120 C CG1 . VAL A 1 151 ? -0.996  10.471  -3.028  1.00 10.99  ? 153 VAL A CG1 1 
ATOM   1121 C CG2 . VAL A 1 151 ? -0.587  8.381   -4.344  1.00 12.11  ? 153 VAL A CG2 1 
ATOM   1122 N N   . ALA A 1 152 ? -3.748  11.756  -4.090  1.00 14.44  ? 154 ALA A N   1 
ATOM   1123 C CA  . ALA A 1 152 ? -4.217  13.132  -3.943  1.00 17.39  ? 154 ALA A CA  1 
ATOM   1124 C C   . ALA A 1 152 ? -3.844  13.589  -2.533  1.00 23.47  ? 154 ALA A C   1 
ATOM   1125 O O   . ALA A 1 152 ? -3.670  12.764  -1.638  1.00 16.45  ? 154 ALA A O   1 
ATOM   1126 C CB  . ALA A 1 152 ? -5.728  13.199  -4.139  1.00 20.64  ? 154 ALA A CB  1 
ATOM   1127 N N   . ASN A 1 153 ? -3.716  14.896  -2.327  1.00 25.62  ? 155 ASN A N   1 
ATOM   1128 C CA  . ASN A 1 153 ? -3.350  15.396  -1.008  1.00 33.17  ? 155 ASN A CA  1 
ATOM   1129 C C   . ASN A 1 153 ? -4.535  15.510  -0.056  1.00 36.76  ? 155 ASN A C   1 
ATOM   1130 O O   . ASN A 1 153 ? -4.400  16.015  1.059   1.00 41.15  ? 155 ASN A O   1 
ATOM   1131 C CB  . ASN A 1 153 ? -2.639  16.746  -1.131  1.00 44.49  ? 155 ASN A CB  1 
ATOM   1132 C CG  . ASN A 1 153 ? -1.229  16.613  -1.676  1.00 53.72  ? 155 ASN A CG  1 
ATOM   1133 O OD1 . ASN A 1 153 ? -0.523  17.606  -1.855  1.00 61.69  ? 155 ASN A OD1 1 
ATOM   1134 N ND2 . ASN A 1 153 ? -0.809  15.378  -1.939  1.00 59.89  ? 155 ASN A ND2 1 
ATOM   1135 N N   . LYS A 1 154 ? -5.693  15.032  -0.496  1.00 31.74  ? 156 LYS A N   1 
ATOM   1136 C CA  . LYS A 1 154 ? -6.900  15.060  0.320   1.00 36.25  ? 156 LYS A CA  1 
ATOM   1137 C C   . LYS A 1 154 ? -8.008  14.229  -0.311  1.00 35.15  ? 156 LYS A C   1 
ATOM   1138 O O   . LYS A 1 154 ? -7.910  13.835  -1.473  1.00 32.18  ? 156 LYS A O   1 
ATOM   1139 C CB  . LYS A 1 154 ? -7.373  16.504  0.532   1.00 36.54  ? 156 LYS A CB  1 
ATOM   1140 C CG  . LYS A 1 154 ? -7.471  17.350  -0.731  1.00 42.92  ? 156 LYS A CG  1 
ATOM   1141 C CD  . LYS A 1 154 ? -8.653  16.962  -1.603  1.00 47.44  ? 156 LYS A CD  1 
ATOM   1142 C CE  . LYS A 1 154 ? -8.794  17.918  -2.776  1.00 52.34  ? 156 LYS A CE  1 
ATOM   1143 N NZ  . LYS A 1 154 ? -7.568  17.949  -3.626  1.00 56.67  ? 156 LYS A NZ  1 
ATOM   1144 N N   . ASP A 1 155 ? -9.055  13.959  0.460   1.00 35.86  ? 157 ASP A N   1 
ATOM   1145 C CA  . ASP A 1 155 ? -10.178 13.175  -0.036  1.00 39.56  ? 157 ASP A CA  1 
ATOM   1146 C C   . ASP A 1 155 ? -10.856 13.941  -1.170  1.00 41.33  ? 157 ASP A C   1 
ATOM   1147 O O   . ASP A 1 155 ? -11.493 14.969  -0.941  1.00 40.90  ? 157 ASP A O   1 
ATOM   1148 C CB  . ASP A 1 155 ? -11.182 12.921  1.090   1.00 43.04  ? 157 ASP A CB  1 
ATOM   1149 C CG  . ASP A 1 155 ? -12.205 11.866  0.727   1.00 45.49  ? 157 ASP A CG  1 
ATOM   1150 O OD1 . ASP A 1 155 ? -12.788 11.957  -0.373  1.00 49.15  ? 157 ASP A OD1 1 
ATOM   1151 O OD2 . ASP A 1 155 ? -12.429 10.949  1.546   1.00 51.36  ? 157 ASP A OD2 1 
ATOM   1152 N N   . LEU A 1 156 ? -10.712 13.435  -2.390  1.00 41.76  ? 158 LEU A N   1 
ATOM   1153 C CA  . LEU A 1 156 ? -11.294 14.078  -3.564  1.00 44.27  ? 158 LEU A CA  1 
ATOM   1154 C C   . LEU A 1 156 ? -12.797 13.865  -3.686  1.00 46.88  ? 158 LEU A C   1 
ATOM   1155 O O   . LEU A 1 156 ? -13.453 14.504  -4.510  1.00 46.45  ? 158 LEU A O   1 
ATOM   1156 C CB  . LEU A 1 156 ? -10.611 13.568  -4.839  1.00 40.74  ? 158 LEU A CB  1 
ATOM   1157 C CG  . LEU A 1 156 ? -9.131  13.900  -5.030  1.00 37.65  ? 158 LEU A CG  1 
ATOM   1158 C CD1 . LEU A 1 156 ? -8.638  13.303  -6.337  1.00 34.76  ? 158 LEU A CD1 1 
ATOM   1159 C CD2 . LEU A 1 156 ? -8.939  15.409  -5.034  1.00 36.37  ? 158 LEU A CD2 1 
ATOM   1160 N N   . LEU A 1 157 ? -13.344 12.973  -2.867  1.00 51.91  ? 159 LEU A N   1 
ATOM   1161 C CA  . LEU A 1 157 ? -14.772 12.681  -2.914  1.00 58.23  ? 159 LEU A CA  1 
ATOM   1162 C C   . LEU A 1 157 ? -15.527 13.230  -1.709  1.00 63.16  ? 159 LEU A C   1 
ATOM   1163 O O   . LEU A 1 157 ? -16.659 12.829  -1.438  1.00 64.31  ? 159 LEU A O   1 
ATOM   1164 C CB  . LEU A 1 157 ? -14.981 11.172  -3.018  1.00 57.22  ? 159 LEU A CB  1 
ATOM   1165 C CG  . LEU A 1 157 ? -14.272 10.522  -4.208  1.00 59.49  ? 159 LEU A CG  1 
ATOM   1166 C CD1 . LEU A 1 157 ? -14.409 9.019   -4.119  1.00 61.00  ? 159 LEU A CD1 1 
ATOM   1167 C CD2 . LEU A 1 157 ? -14.859 11.046  -5.512  1.00 60.76  ? 159 LEU A CD2 1 
ATOM   1168 N N   . ALA A 1 158 ? -14.891 14.149  -0.991  1.00 69.07  ? 160 ALA A N   1 
ATOM   1169 C CA  . ALA A 1 158 ? -15.498 14.767  0.180   1.00 75.58  ? 160 ALA A CA  1 
ATOM   1170 C C   . ALA A 1 158 ? -15.258 16.269  0.111   1.00 79.75  ? 160 ALA A C   1 
ATOM   1171 O O   . ALA A 1 158 ? -15.631 17.016  1.016   1.00 83.57  ? 160 ALA A O   1 
ATOM   1172 C CB  . ALA A 1 158 ? -14.886 14.194  1.451   1.00 75.70  ? 160 ALA A CB  1 
ATOM   1173 N N   . LYS A 1 159 ? -14.633 16.698  -0.981  1.00 85.48  ? 161 LYS A N   1 
ATOM   1174 C CA  . LYS A 1 159 ? -14.324 18.104  -1.197  1.00 89.90  ? 161 LYS A CA  1 
ATOM   1175 C C   . LYS A 1 159 ? -15.455 18.837  -1.910  1.00 92.26  ? 161 LYS A C   1 
ATOM   1176 O O   . LYS A 1 159 ? -16.373 18.218  -2.451  1.00 93.61  ? 161 LYS A O   1 
ATOM   1177 C CB  . LYS A 1 159 ? -13.042 18.234  -2.023  1.00 89.13  ? 161 LYS A CB  1 
ATOM   1178 C CG  . LYS A 1 159 ? -13.096 17.503  -3.358  1.00 87.58  ? 161 LYS A CG  1 
ATOM   1179 C CD  . LYS A 1 159 ? -11.887 17.820  -4.224  1.00 85.98  ? 161 LYS A CD  1 
ATOM   1180 C CE  . LYS A 1 159 ? -11.858 19.289  -4.617  1.00 84.02  ? 161 LYS A CE  1 
ATOM   1181 N NZ  . LYS A 1 159 ? -10.700 19.609  -5.495  1.00 82.69  ? 161 LYS A NZ  1 
ATOM   1182 N N   . ASN A 1 160 ? -15.373 20.163  -1.907  1.00 94.97  ? 162 ASN A N   1 
ATOM   1183 C CA  . ASN A 1 160 ? -16.367 21.008  -2.555  1.00 98.13  ? 162 ASN A CA  1 
ATOM   1184 C C   . ASN A 1 160 ? -15.666 22.218  -3.161  1.00 99.06  ? 162 ASN A C   1 
ATOM   1185 O O   . ASN A 1 160 ? -16.232 22.932  -3.988  1.00 98.53  ? 162 ASN A O   1 
ATOM   1186 C CB  . ASN A 1 160 ? -17.419 21.466  -1.539  1.00 99.94  ? 162 ASN A CB  1 
ATOM   1187 C CG  . ASN A 1 160 ? -16.812 22.218  -0.368  1.00 100.08 ? 162 ASN A CG  1 
ATOM   1188 O OD1 . ASN A 1 160 ? -16.202 23.274  -0.539  1.00 100.08 ? 162 ASN A OD1 1 
ATOM   1189 N ND2 . ASN A 1 160 ? -16.976 21.673  0.833   1.00 100.04 ? 162 ASN A ND2 1 
ATOM   1190 N N   . GLY A 1 161 ? -14.423 22.431  -2.739  1.00 99.35  ? 163 GLY A N   1 
ATOM   1191 C CA  . GLY A 1 161 ? -13.646 23.551  -3.238  1.00 99.60  ? 163 GLY A CA  1 
ATOM   1192 C C   . GLY A 1 161 ? -13.070 24.388  -2.113  1.00 99.68  ? 163 GLY A C   1 
ATOM   1193 O O   . GLY A 1 161 ? -13.371 24.094  -0.936  1.00 98.55  ? 163 GLY A O   1 
HETATM 1194 C C   . ACT B 2 .   ? 7.547   -12.053 6.678   1.00 27.16  ? 600 ACT A C   1 
HETATM 1195 O O   . ACT B 2 .   ? 7.109   -12.462 7.738   1.00 29.64  ? 600 ACT A O   1 
HETATM 1196 O OXT . ACT B 2 .   ? 8.646   -11.526 6.638   1.00 24.71  ? 600 ACT A OXT 1 
HETATM 1197 C CH3 . ACT B 2 .   ? 6.734   -12.201 5.418   1.00 19.95  ? 600 ACT A CH3 1 
HETATM 1198 O O   . HOH C 3 .   ? -2.128  -12.805 12.557  1.00 24.75  ? 601 HOH A O   1 
HETATM 1199 O O   . HOH C 3 .   ? 8.797   -15.075 -7.998  1.00 25.81  ? 602 HOH A O   1 
HETATM 1200 O O   . HOH C 3 .   ? 0.806   1.740   -10.391 1.00 12.72  ? 603 HOH A O   1 
HETATM 1201 O O   . HOH C 3 .   ? 16.408  -18.963 8.350   1.00 68.19  ? 604 HOH A O   1 
HETATM 1202 O O   . HOH C 3 .   ? -0.413  17.179  -16.926 1.00 48.96  ? 605 HOH A O   1 
HETATM 1203 O O   . HOH C 3 .   ? 13.660  7.007   0.029   1.00 49.79  ? 606 HOH A O   1 
HETATM 1204 O O   . HOH C 3 .   ? 2.814   3.758   9.757   1.00 12.05  ? 607 HOH A O   1 
HETATM 1205 O O   . HOH C 3 .   ? -3.828  -5.463  -12.213 1.00 32.83  ? 608 HOH A O   1 
HETATM 1206 O O   . HOH C 3 .   ? 14.086  -13.414 9.765   1.00 29.33  ? 609 HOH A O   1 
HETATM 1207 O O   . HOH C 3 .   ? -6.172  11.978  10.874  1.00 57.66  ? 610 HOH A O   1 
HETATM 1208 O O   . HOH C 3 .   ? 16.196  -7.193  -8.077  1.00 55.06  ? 611 HOH A O   1 
HETATM 1209 O O   . HOH C 3 .   ? 12.392  -4.599  1.357   1.00 11.15  ? 612 HOH A O   1 
HETATM 1210 O O   . HOH C 3 .   ? -2.728  -13.484 -5.070  1.00 12.01  ? 613 HOH A O   1 
HETATM 1211 O O   . HOH C 3 .   ? -11.224 -0.093  -12.333 1.00 14.81  ? 614 HOH A O   1 
HETATM 1212 O O   . HOH C 3 .   ? -10.030 2.866   -13.945 1.00 9.72   ? 615 HOH A O   1 
HETATM 1213 O O   . HOH C 3 .   ? 9.292   8.013   12.737  1.00 41.90  ? 616 HOH A O   1 
HETATM 1214 O O   . HOH C 3 .   ? -2.494  -22.951 -2.325  1.00 30.31  ? 617 HOH A O   1 
HETATM 1215 O O   . HOH C 3 .   ? -9.948  3.045   -6.120  1.00 12.87  ? 618 HOH A O   1 
HETATM 1216 O O   . HOH C 3 .   ? -1.300  -14.217 -7.262  1.00 31.54  ? 619 HOH A O   1 
HETATM 1217 O O   . HOH C 3 .   ? -6.593  -18.147 9.839   1.00 50.74  ? 620 HOH A O   1 
HETATM 1218 O O   . HOH C 3 .   ? -5.320  -6.434  -4.685  1.00 9.96   ? 621 HOH A O   1 
HETATM 1219 O O   . HOH C 3 .   ? 13.948  -3.208  -11.281 1.00 62.50  ? 622 HOH A O   1 
HETATM 1220 O O   . HOH C 3 .   ? -7.237  -4.130  17.220  1.00 30.19  ? 623 HOH A O   1 
HETATM 1221 O O   . HOH C 3 .   ? 16.815  -4.994  9.449   1.00 16.63  ? 624 HOH A O   1 
HETATM 1222 O O   . HOH C 3 .   ? 12.753  7.524   -6.692  1.00 53.28  ? 625 HOH A O   1 
HETATM 1223 O O   . HOH C 3 .   ? 15.724  -10.093 15.293  1.00 56.93  ? 626 HOH A O   1 
HETATM 1224 O O   . HOH C 3 .   ? -3.624  -7.388  15.855  1.00 26.35  ? 627 HOH A O   1 
HETATM 1225 O O   . HOH C 3 .   ? 10.836  2.600   -9.647  1.00 32.57  ? 628 HOH A O   1 
HETATM 1226 O O   . HOH C 3 .   ? 12.625  4.103   -2.669  1.00 25.86  ? 629 HOH A O   1 
HETATM 1227 O O   . HOH C 3 .   ? -12.188 -4.377  -10.414 1.00 32.44  ? 630 HOH A O   1 
HETATM 1228 O O   . HOH C 3 .   ? -5.064  -17.623 5.048   1.00 28.29  ? 631 HOH A O   1 
HETATM 1229 O O   . HOH C 3 .   ? 12.260  -17.724 5.345   1.00 15.75  ? 632 HOH A O   1 
HETATM 1230 O O   . HOH C 3 .   ? -0.294  -0.701  -11.250 1.00 16.37  ? 633 HOH A O   1 
HETATM 1231 O O   . HOH C 3 .   ? 7.508   -8.355  14.405  1.00 37.04  ? 634 HOH A O   1 
HETATM 1232 O O   . HOH C 3 .   ? 14.916  5.822   3.657   1.00 30.14  ? 635 HOH A O   1 
HETATM 1233 O O   . HOH C 3 .   ? -11.274 0.526   -0.241  1.00 18.29  ? 636 HOH A O   1 
HETATM 1234 O O   . HOH C 3 .   ? 4.395   -15.193 6.053   1.00 23.75  ? 637 HOH A O   1 
HETATM 1235 O O   . HOH C 3 .   ? 0.885   0.980   20.322  1.00 53.87  ? 638 HOH A O   1 
HETATM 1236 O O   . HOH C 3 .   ? -13.822 -8.070  -5.152  1.00 44.68  ? 639 HOH A O   1 
HETATM 1237 O O   . HOH C 3 .   ? 15.249  3.410   15.266  1.00 25.88  ? 640 HOH A O   1 
HETATM 1238 O O   . HOH C 3 .   ? -4.223  2.023   17.607  1.00 41.50  ? 641 HOH A O   1 
HETATM 1239 O O   . HOH C 3 .   ? 11.598  4.006   13.703  1.00 22.68  ? 642 HOH A O   1 
HETATM 1240 O O   . HOH C 3 .   ? -0.269  3.828   -12.024 1.00 11.22  ? 643 HOH A O   1 
HETATM 1241 O O   . HOH C 3 .   ? -8.941  -17.223 -4.328  1.00 33.99  ? 644 HOH A O   1 
HETATM 1242 O O   . HOH C 3 .   ? 16.811  -3.098  7.672   1.00 20.78  ? 645 HOH A O   1 
HETATM 1243 O O   . HOH C 3 .   ? -18.538 5.904   -4.797  1.00 56.69  ? 646 HOH A O   1 
HETATM 1244 O O   . HOH C 3 .   ? -0.667  14.009  -4.618  1.00 15.58  ? 647 HOH A O   1 
HETATM 1245 O O   . HOH C 3 .   ? 10.906  -6.772  -0.421  1.00 11.02  ? 648 HOH A O   1 
HETATM 1246 O O   . HOH C 3 .   ? -13.427 -13.396 0.654   1.00 29.20  ? 649 HOH A O   1 
HETATM 1247 O O   . HOH C 3 .   ? 9.580   12.559  6.147   1.00 21.51  ? 650 HOH A O   1 
HETATM 1248 O O   . HOH C 3 .   ? 9.339   -14.165 12.517  1.00 39.69  ? 651 HOH A O   1 
HETATM 1249 O O   . HOH C 3 .   ? 10.958  -2.852  10.495  1.00 16.08  ? 652 HOH A O   1 
HETATM 1250 O O   . HOH C 3 .   ? -10.409 -3.337  0.859   1.00 19.20  ? 653 HOH A O   1 
HETATM 1251 O O   . HOH C 3 .   ? 15.897  -10.883 11.890  1.00 31.32  ? 654 HOH A O   1 
HETATM 1252 O O   . HOH C 3 .   ? 14.042  -14.076 -4.707  1.00 38.60  ? 655 HOH A O   1 
HETATM 1253 O O   . HOH C 3 .   ? 3.028   -15.388 -8.535  1.00 26.20  ? 656 HOH A O   1 
HETATM 1254 O O   . HOH C 3 .   ? 1.752   7.558   8.308   1.00 16.02  ? 657 HOH A O   1 
HETATM 1255 O O   . HOH C 3 .   ? 5.331   -11.015 11.596  1.00 21.05  ? 658 HOH A O   1 
HETATM 1256 O O   . HOH C 3 .   ? 1.885   14.605  5.933   1.00 31.39  ? 659 HOH A O   1 
HETATM 1257 O O   . HOH C 3 .   ? 1.765   -8.564  17.975  1.00 43.15  ? 660 HOH A O   1 
HETATM 1258 O O   . HOH C 3 .   ? -4.948  18.150  -2.112  1.00 65.42  ? 661 HOH A O   1 
HETATM 1259 O O   . HOH C 3 .   ? -0.071  10.670  10.599  1.00 50.17  ? 662 HOH A O   1 
HETATM 1260 O O   . HOH C 3 .   ? -12.750 5.251   5.867   1.00 56.73  ? 663 HOH A O   1 
HETATM 1261 O O   . HOH C 3 .   ? -11.989 -11.855 -1.287  1.00 24.88  ? 664 HOH A O   1 
HETATM 1262 O O   . HOH C 3 .   ? -10.907 -13.536 -3.428  1.00 22.42  ? 665 HOH A O   1 
HETATM 1263 O O   . HOH C 3 .   ? 16.901  -2.669  -3.158  1.00 54.39  ? 666 HOH A O   1 
HETATM 1264 O O   . HOH C 3 .   ? -11.293 5.303   10.230  1.00 24.26  ? 667 HOH A O   1 
HETATM 1265 O O   . HOH C 3 .   ? -12.604 -16.122 0.179   1.00 45.98  ? 668 HOH A O   1 
HETATM 1266 O O   . HOH C 3 .   ? 15.176  1.332   6.325   1.00 21.11  ? 669 HOH A O   1 
HETATM 1267 O O   . HOH C 3 .   ? 1.069   -15.210 -6.999  1.00 16.68  ? 670 HOH A O   1 
HETATM 1268 O O   . HOH C 3 .   ? -7.972  -0.260  12.285  1.00 18.92  ? 671 HOH A O   1 
HETATM 1269 O O   . HOH C 3 .   ? -13.830 -12.651 -9.810  1.00 50.63  ? 672 HOH A O   1 
HETATM 1270 O O   . HOH C 3 .   ? -2.151  -4.343  -10.530 1.00 18.94  ? 673 HOH A O   1 
HETATM 1271 O O   . HOH C 3 .   ? 7.000   -6.127  -11.105 1.00 41.68  ? 674 HOH A O   1 
HETATM 1272 O O   . HOH C 3 .   ? -0.986  -3.555  19.428  1.00 49.49  ? 675 HOH A O   1 
HETATM 1273 O O   . HOH C 3 .   ? -9.280  -13.411 11.073  1.00 29.04  ? 676 HOH A O   1 
HETATM 1274 O O   . HOH C 3 .   ? -8.916  -16.652 8.577   1.00 53.51  ? 677 HOH A O   1 
HETATM 1275 O O   . HOH C 3 .   ? -7.815  7.888   9.092   1.00 35.75  ? 678 HOH A O   1 
HETATM 1276 O O   . HOH C 3 .   ? 14.475  16.984  2.431   1.00 57.28  ? 679 HOH A O   1 
HETATM 1277 O O   . HOH C 3 .   ? 4.213   16.878  -4.067  1.00 36.46  ? 680 HOH A O   1 
HETATM 1278 O O   . HOH C 3 .   ? 1.533   -3.310  17.968  1.00 27.75  ? 681 HOH A O   1 
HETATM 1279 O O   . HOH C 3 .   ? 11.688  -0.141  15.530  1.00 26.45  ? 682 HOH A O   1 
HETATM 1280 O O   . HOH C 3 .   ? -5.435  21.524  -4.605  1.00 62.84  ? 683 HOH A O   1 
HETATM 1281 O O   . HOH C 3 .   ? 17.525  -14.793 6.315   1.00 45.97  ? 684 HOH A O   1 
HETATM 1282 O O   . HOH C 3 .   ? -7.816  -0.237  17.171  1.00 46.18  ? 685 HOH A O   1 
HETATM 1283 O O   . HOH C 3 .   ? 14.799  -1.387  7.483   1.00 21.91  ? 686 HOH A O   1 
HETATM 1284 O O   . HOH C 3 .   ? 17.622  -12.002 4.045   1.00 40.72  ? 687 HOH A O   1 
HETATM 1285 O O   . HOH C 3 .   ? 7.949   -12.419 -8.333  1.00 16.92  ? 688 HOH A O   1 
HETATM 1286 O O   . HOH C 3 .   ? 8.117   10.145  11.766  1.00 36.49  ? 689 HOH A O   1 
HETATM 1287 O O   . HOH C 3 .   ? -12.622 -1.834  5.637   1.00 38.14  ? 690 HOH A O   1 
HETATM 1288 O O   . HOH C 3 .   ? -7.842  -13.014 -6.180  1.00 36.73  ? 691 HOH A O   1 
HETATM 1289 O O   . HOH C 3 .   ? 11.825  8.016   3.540   1.00 40.39  ? 692 HOH A O   1 
HETATM 1290 O O   . HOH C 3 .   ? 1.877   -13.969 15.221  1.00 62.72  ? 693 HOH A O   1 
HETATM 1291 O O   . HOH C 3 .   ? -1.305  -8.808  16.262  1.00 25.81  ? 694 HOH A O   1 
HETATM 1292 O O   . HOH C 3 .   ? -6.035  -4.385  -9.013  1.00 31.65  ? 695 HOH A O   1 
HETATM 1293 O O   . HOH C 3 .   ? -6.492  -8.737  -7.345  1.00 31.14  ? 696 HOH A O   1 
HETATM 1294 O O   . HOH C 3 .   ? -2.671  -22.299 3.180   1.00 55.52  ? 697 HOH A O   1 
HETATM 1295 O O   . HOH C 3 .   ? 11.696  11.799  1.875   1.00 32.15  ? 698 HOH A O   1 
HETATM 1296 O O   . HOH C 3 .   ? 0.476   18.373  1.113   1.00 53.64  ? 699 HOH A O   1 
HETATM 1297 O O   . HOH C 3 .   ? 16.138  -14.360 -1.501  1.00 31.88  ? 700 HOH A O   1 
HETATM 1298 O O   . HOH C 3 .   ? -8.771  19.606  -10.117 1.00 47.01  ? 701 HOH A O   1 
HETATM 1299 O O   . HOH C 3 .   ? 3.910   -6.362  16.857  1.00 45.77  ? 702 HOH A O   1 
HETATM 1300 O O   . HOH C 3 .   ? 5.867   17.275  3.340   1.00 49.02  ? 703 HOH A O   1 
HETATM 1301 O O   . HOH C 3 .   ? 8.224   13.292  -7.129  1.00 48.14  ? 704 HOH A O   1 
HETATM 1302 O O   . HOH C 3 .   ? -12.936 -9.722  -2.355  1.00 33.08  ? 705 HOH A O   1 
HETATM 1303 O O   . HOH C 3 .   ? -11.692 -2.425  -1.381  1.00 33.44  ? 706 HOH A O   1 
HETATM 1304 O O   . HOH C 3 .   ? 4.545   -11.149 16.212  1.00 66.00  ? 707 HOH A O   1 
HETATM 1305 O O   . HOH C 3 .   ? -4.970  -11.080 -8.756  1.00 38.55  ? 708 HOH A O   1 
HETATM 1306 O O   . HOH C 3 .   ? -14.226 15.342  -16.641 1.00 45.33  ? 709 HOH A O   1 
HETATM 1307 O O   . HOH C 3 .   ? -15.897 5.435   -17.455 1.00 40.05  ? 710 HOH A O   1 
HETATM 1308 O O   . HOH C 3 .   ? 1.681   16.496  -9.828  1.00 47.25  ? 711 HOH A O   1 
HETATM 1309 O O   . HOH C 3 .   ? -6.359  -19.578 -1.384  1.00 48.53  ? 712 HOH A O   1 
HETATM 1310 O O   . HOH C 3 .   ? 13.584  -10.126 -11.537 1.00 44.81  ? 713 HOH A O   1 
HETATM 1311 O O   . HOH C 3 .   ? -12.332 8.211   4.193   1.00 36.61  ? 714 HOH A O   1 
HETATM 1312 O O   . HOH C 3 .   ? 2.415   -15.423 7.790   1.00 27.92  ? 715 HOH A O   1 
HETATM 1313 O O   . HOH C 3 .   ? -0.453  -6.376  -13.347 1.00 41.60  ? 716 HOH A O   1 
HETATM 1314 O O   . HOH C 3 .   ? 15.972  -4.662  -6.750  1.00 63.66  ? 717 HOH A O   1 
HETATM 1315 O O   . HOH C 3 .   ? -3.853  -11.886 14.181  1.00 37.68  ? 718 HOH A O   1 
HETATM 1316 O O   . HOH C 3 .   ? 0.315   -3.407  -13.470 1.00 30.09  ? 719 HOH A O   1 
HETATM 1317 O O   . HOH C 3 .   ? 15.002  -2.097  -6.953  1.00 51.83  ? 720 HOH A O   1 
HETATM 1318 O O   . HOH C 3 .   ? -12.391 -6.798  -6.816  1.00 29.79  ? 721 HOH A O   1 
HETATM 1319 O O   . HOH C 3 .   ? -3.933  -18.874 9.728   1.00 45.64  ? 722 HOH A O   1 
HETATM 1320 O O   . HOH C 3 .   ? 14.269  13.634  2.737   1.00 58.90  ? 723 HOH A O   1 
HETATM 1321 O O   . HOH C 3 .   ? 11.111  6.487   0.443   1.00 18.21  ? 724 HOH A O   1 
HETATM 1322 O O   . HOH C 3 .   ? -3.001  6.686   13.294  1.00 60.19  ? 725 HOH A O   1 
HETATM 1323 O O   . HOH C 3 .   ? -1.948  -7.939  -11.222 1.00 18.68  ? 726 HOH A O   1 
HETATM 1324 O O   . HOH C 3 .   ? -6.168  -6.144  -10.997 1.00 22.01  ? 727 HOH A O   1 
HETATM 1325 O O   . HOH C 3 .   ? 7.293   3.104   15.675  1.00 31.64  ? 728 HOH A O   1 
HETATM 1326 O O   . HOH C 3 .   ? -1.368  -11.312 -9.341  1.00 27.57  ? 729 HOH A O   1 
HETATM 1327 O O   . HOH C 3 .   ? -16.975 3.454   -11.312 1.00 51.16  ? 730 HOH A O   1 
HETATM 1328 O O   . HOH C 3 .   ? 13.634  -6.565  -11.315 1.00 55.30  ? 731 HOH A O   1 
HETATM 1329 O O   . HOH C 3 .   ? 10.757  9.435   -12.037 1.00 44.06  ? 732 HOH A O   1 
HETATM 1330 O O   . HOH C 3 .   ? 14.547  2.286   -6.291  1.00 38.94  ? 733 HOH A O   1 
HETATM 1331 O O   . HOH C 3 .   ? -7.600  -10.629 16.904  1.00 47.30  ? 734 HOH A O   1 
HETATM 1332 O O   . HOH C 3 .   ? -5.840  -7.988  14.594  1.00 19.26  ? 735 HOH A O   1 
HETATM 1333 O O   . HOH C 3 .   ? 17.857  -2.585  -9.732  1.00 41.56  ? 736 HOH A O   1 
HETATM 1334 O O   . HOH C 3 .   ? 11.108  4.381   -7.700  1.00 18.80  ? 737 HOH A O   1 
HETATM 1335 O O   . HOH C 3 .   ? -9.068  -16.527 3.692   1.00 30.50  ? 738 HOH A O   1 
HETATM 1336 O O   . HOH C 3 .   ? 6.806   -8.769  11.670  1.00 19.33  ? 739 HOH A O   1 
HETATM 1337 O O   . HOH C 3 .   ? 13.374  5.747   7.195   1.00 17.79  ? 740 HOH A O   1 
HETATM 1338 O O   . HOH C 3 .   ? 17.017  4.623   -0.636  1.00 37.86  ? 741 HOH A O   1 
HETATM 1339 O O   . HOH C 3 .   ? -10.828 3.650   2.996   1.00 17.37  ? 742 HOH A O   1 
HETATM 1340 O O   . HOH C 3 .   ? -11.936 -0.829  1.853   1.00 34.07  ? 743 HOH A O   1 
HETATM 1341 O O   . HOH C 3 .   ? -13.181 0.042   -3.472  1.00 41.32  ? 744 HOH A O   1 
HETATM 1342 O O   . HOH C 3 .   ? -12.479 -4.528  -5.674  1.00 23.24  ? 745 HOH A O   1 
HETATM 1343 O O   . HOH C 3 .   ? -14.526 -2.522  -1.416  1.00 38.97  ? 746 HOH A O   1 
HETATM 1344 O O   . HOH C 3 .   ? 12.374  -6.480  16.618  1.00 36.74  ? 747 HOH A O   1 
HETATM 1345 O O   . HOH C 3 .   ? 14.672  1.990   13.209  1.00 16.70  ? 748 HOH A O   1 
HETATM 1346 O O   . HOH C 3 .   ? 11.949  -13.181 -5.864  1.00 38.27  ? 749 HOH A O   1 
HETATM 1347 O O   . HOH C 3 .   ? 15.049  2.163   3.937   1.00 30.26  ? 750 HOH A O   1 
HETATM 1348 O O   . HOH C 3 .   ? -15.291 5.775   -10.822 1.00 21.37  ? 751 HOH A O   1 
HETATM 1349 O O   . HOH C 3 .   ? -10.321 -2.488  -10.881 1.00 14.51  ? 752 HOH A O   1 
HETATM 1350 O O   . HOH C 3 .   ? -14.945 11.320  -14.684 1.00 45.81  ? 753 HOH A O   1 
HETATM 1351 O O   . HOH C 3 .   ? -17.405 12.110  -8.958  1.00 54.83  ? 754 HOH A O   1 
HETATM 1352 O O   . HOH C 3 .   ? -18.933 6.974   -15.114 1.00 53.60  ? 755 HOH A O   1 
HETATM 1353 O O   . HOH C 3 .   ? -19.494 14.649  -11.443 1.00 56.47  ? 756 HOH A O   1 
HETATM 1354 O O   . HOH C 3 .   ? -19.098 7.105   -12.415 1.00 53.61  ? 757 HOH A O   1 
HETATM 1355 O O   . HOH C 3 .   ? -5.329  22.365  -8.858  1.00 55.48  ? 758 HOH A O   1 
HETATM 1356 O O   . HOH C 3 .   ? 3.711   10.268  -13.236 1.00 38.38  ? 759 HOH A O   1 
HETATM 1357 O O   . HOH C 3 .   ? 8.616   2.011   -13.264 1.00 52.56  ? 760 HOH A O   1 
HETATM 1358 O O   . HOH C 3 .   ? 8.358   -3.126  -14.358 1.00 64.88  ? 761 HOH A O   1 
HETATM 1359 O O   . HOH C 3 .   ? 9.317   -9.602  -12.417 1.00 40.53  ? 762 HOH A O   1 
HETATM 1360 O O   . HOH C 3 .   ? 9.190   -3.365  -10.777 1.00 43.60  ? 763 HOH A O   1 
HETATM 1361 O O   . HOH C 3 .   ? 3.834   -12.417 -9.026  1.00 22.65  ? 764 HOH A O   1 
HETATM 1362 O O   . HOH C 3 .   ? -11.859 2.630   -3.998  1.00 20.58  ? 765 HOH A O   1 
HETATM 1363 O O   . HOH C 3 .   ? -6.468  12.270  5.935   1.00 37.68  ? 766 HOH A O   1 
HETATM 1364 O O   . HOH C 3 .   ? -5.654  6.576   8.323   1.00 39.04  ? 767 HOH A O   1 
HETATM 1365 O O   . HOH C 3 .   ? -4.948  10.431  7.691   1.00 44.13  ? 768 HOH A O   1 
HETATM 1366 O O   . HOH C 3 .   ? -9.882  7.506   11.002  1.00 41.80  ? 769 HOH A O   1 
HETATM 1367 O O   . HOH C 3 .   ? -8.307  8.585   13.199  1.00 47.40  ? 770 HOH A O   1 
HETATM 1368 O O   . HOH C 3 .   ? 16.580  4.764   1.982   1.00 41.98  ? 771 HOH A O   1 
HETATM 1369 O O   . HOH C 3 .   ? 18.673  0.119   -6.385  1.00 65.00  ? 772 HOH A O   1 
HETATM 1370 O O   . HOH C 3 .   ? 18.182  -0.036  -1.701  1.00 26.02  ? 773 HOH A O   1 
HETATM 1371 O O   . HOH C 3 .   ? 15.887  0.489   15.239  1.00 33.88  ? 774 HOH A O   1 
HETATM 1372 O O   . HOH C 3 .   ? 14.830  -1.813  16.562  1.00 29.61  ? 775 HOH A O   1 
HETATM 1373 O O   . HOH C 3 .   ? 11.416  -4.008  17.431  1.00 40.77  ? 776 HOH A O   1 
HETATM 1374 O O   . HOH C 3 .   ? 9.565   -11.532 15.385  1.00 45.97  ? 777 HOH A O   1 
HETATM 1375 O O   . HOH C 3 .   ? 4.837   3.236   17.232  1.00 58.65  ? 778 HOH A O   1 
HETATM 1376 O O   . HOH C 3 .   ? 5.579   1.152   15.575  1.00 15.36  ? 779 HOH A O   1 
HETATM 1377 O O   . HOH C 3 .   ? 16.373  -7.170  -5.093  1.00 16.52  ? 780 HOH A O   1 
HETATM 1378 O O   . HOH C 3 .   ? -8.218  -7.664  15.934  1.00 27.65  ? 781 HOH A O   1 
HETATM 1379 O O   . HOH C 3 .   ? -5.527  -17.348 -4.396  1.00 26.47  ? 782 HOH A O   1 
HETATM 1380 O O   . HOH C 3 .   ? -7.186  -19.534 1.458   1.00 46.98  ? 783 HOH A O   1 
HETATM 1381 O O   . HOH C 3 .   ? -6.740  -17.165 2.673   1.00 17.35  ? 784 HOH A O   1 
HETATM 1382 O O   . HOH C 3 .   ? 16.240  -5.307  17.027  1.00 26.61  ? 785 HOH A O   1 
HETATM 1383 O O   . HOH C 3 .   ? 9.646   11.067  -6.596  1.00 45.91  ? 786 HOH A O   1 
HETATM 1384 O O   . HOH C 3 .   ? 1.336   12.126  -1.039  1.00 16.53  ? 787 HOH A O   1 
HETATM 1385 O O   . HOH C 3 .   ? 12.777  4.336   -5.714  1.00 29.40  ? 788 HOH A O   1 
HETATM 1386 O O   . HOH C 3 .   ? 11.419  -0.559  -8.513  1.00 31.42  ? 789 HOH A O   1 
HETATM 1387 O O   . HOH C 3 .   ? 14.053  -0.417  -10.993 1.00 76.63  ? 790 HOH A O   1 
HETATM 1388 O O   . HOH C 3 .   ? 1.314   -18.833 -1.765  1.00 9.86   ? 791 HOH A O   1 
HETATM 1389 O O   . HOH C 3 .   ? -9.316  -19.467 7.041   1.00 66.83  ? 792 HOH A O   1 
HETATM 1390 O O   . HOH C 3 .   ? -12.656 -13.771 -14.426 1.00 41.03  ? 793 HOH A O   1 
HETATM 1391 O O   . HOH C 3 .   ? 10.708  -15.494 -5.991  1.00 27.19  ? 794 HOH A O   1 
HETATM 1392 O O   . HOH C 3 .   ? -0.564  -22.433 -0.465  1.00 15.20  ? 795 HOH A O   1 
HETATM 1393 O O   . HOH C 3 .   ? 5.082   -11.284 8.870   1.00 26.81  ? 796 HOH A O   1 
HETATM 1394 O O   . HOH C 3 .   ? 1.779   16.146  -18.199 1.00 68.74  ? 797 HOH A O   1 
HETATM 1395 O O   . HOH C 3 .   ? 0.701   12.060  -15.734 1.00 37.99  ? 798 HOH A O   1 
HETATM 1396 O O   . HOH C 3 .   ? 13.124  9.472   0.900   1.00 54.44  ? 799 HOH A O   1 
HETATM 1397 O O   . HOH C 3 .   ? 9.269   17.766  3.215   1.00 63.87  ? 800 HOH A O   1 
HETATM 1398 O O   . HOH C 3 .   ? 12.046  17.990  3.699   1.00 47.83  ? 801 HOH A O   1 
HETATM 1399 O O   . HOH C 3 .   ? 6.872   -16.295 13.935  1.00 44.68  ? 802 HOH A O   1 
HETATM 1400 O O   . HOH C 3 .   ? 7.735   -14.843 9.896   1.00 42.21  ? 803 HOH A O   1 
HETATM 1401 O O   . HOH C 3 .   ? 13.680  8.510   -4.274  1.00 53.88  ? 804 HOH A O   1 
HETATM 1402 O O   . HOH C 3 .   ? 17.505  -7.559  16.314  1.00 42.27  ? 805 HOH A O   1 
HETATM 1403 O O   . HOH C 3 .   ? 5.795   3.235   -16.432 1.00 38.37  ? 806 HOH A O   1 
HETATM 1404 O O   . HOH C 3 .   ? 9.855   5.055   -15.040 1.00 54.11  ? 807 HOH A O   1 
HETATM 1405 O O   . HOH C 3 .   ? 12.720  4.262   -13.506 1.00 54.48  ? 808 HOH A O   1 
HETATM 1406 O O   . HOH C 3 .   ? -14.009 -3.000  -4.343  1.00 44.18  ? 809 HOH A O   1 
HETATM 1407 O O   . HOH C 3 .   ? 1.734   2.773   17.008  1.00 28.84  ? 810 HOH A O   1 
HETATM 1408 O O   . HOH C 3 .   ? -8.236  4.294   14.974  1.00 49.63  ? 811 HOH A O   1 
HETATM 1409 O O   . HOH C 3 .   ? -17.896 3.212   -3.100  1.00 40.58  ? 812 HOH A O   1 
HETATM 1410 O O   . HOH C 3 .   ? -14.262 6.383   -5.107  1.00 44.73  ? 813 HOH A O   1 
HETATM 1411 O O   . HOH C 3 .   ? 1.463   -10.994 -10.296 1.00 53.72  ? 814 HOH A O   1 
HETATM 1412 O O   . HOH C 3 .   ? -1.656  15.656  2.622   1.00 51.27  ? 815 HOH A O   1 
HETATM 1413 O O   . HOH C 3 .   ? -7.229  1.945   15.271  1.00 28.82  ? 816 HOH A O   1 
HETATM 1414 O O   . HOH C 3 .   ? -13.102 -10.768 -12.043 1.00 59.49  ? 817 HOH A O   1 
HETATM 1415 O O   . HOH C 3 .   ? -8.807  -13.298 -14.259 1.00 45.82  ? 818 HOH A O   1 
HETATM 1416 O O   . HOH C 3 .   ? 6.669   -3.417  -11.611 1.00 45.54  ? 819 HOH A O   1 
HETATM 1417 O O   . HOH C 3 .   ? 2.794   15.432  -2.153  1.00 33.28  ? 820 HOH A O   1 
HETATM 1418 O O   . HOH C 3 .   ? 15.972  -12.515 6.288   1.00 32.81  ? 821 HOH A O   1 
HETATM 1419 O O   . HOH C 3 .   ? -18.928 11.985  -11.021 1.00 44.74  ? 822 HOH A O   1 
HETATM 1420 O O   . HOH C 3 .   ? 8.604   -7.204  -13.254 1.00 61.86  ? 823 HOH A O   1 
HETATM 1421 O O   . HOH C 3 .   ? 17.368  2.367   -2.315  1.00 41.70  ? 824 HOH A O   1 
HETATM 1422 O O   . HOH C 3 .   ? -15.987 1.043   -10.485 1.00 34.32  ? 825 HOH A O   1 
HETATM 1423 O O   . HOH C 3 .   ? -17.418 9.236   -12.322 1.00 45.04  ? 826 HOH A O   1 
HETATM 1424 O O   . HOH C 3 .   ? 2.278   12.270  -11.573 1.00 39.06  ? 827 HOH A O   1 
HETATM 1425 O O   . HOH C 3 .   ? 5.330   13.433  -8.244  1.00 43.62  ? 828 HOH A O   1 
HETATM 1426 O O   . HOH C 3 .   ? 2.408   15.480  -12.225 1.00 53.01  ? 829 HOH A O   1 
HETATM 1427 O O   . HOH C 3 .   ? 3.604   14.309  -10.157 1.00 39.20  ? 830 HOH A O   1 
HETATM 1428 O O   . HOH C 3 .   ? 2.541   14.295  -14.841 1.00 55.76  ? 831 HOH A O   1 
HETATM 1429 O O   . HOH C 3 .   ? 0.257   14.307  -13.311 1.00 46.68  ? 832 HOH A O   1 
HETATM 1430 O O   . HOH C 3 .   ? -2.808  -1.710  -11.159 1.00 21.28  ? 833 HOH A O   1 
HETATM 1431 O O   . HOH C 3 .   ? -2.057  -2.412  -13.817 1.00 29.25  ? 834 HOH A O   1 
HETATM 1432 O O   . HOH C 3 .   ? 6.329   -8.620  -13.659 1.00 53.82  ? 835 HOH A O   1 
HETATM 1433 O O   . HOH C 3 .   ? 10.426  -11.290 -7.308  1.00 26.40  ? 836 HOH A O   1 
HETATM 1434 O O   . HOH C 3 .   ? 6.066   -12.248 -10.421 1.00 33.56  ? 837 HOH A O   1 
HETATM 1435 O O   . HOH C 3 .   ? 7.483   -10.137 -10.499 1.00 33.97  ? 838 HOH A O   1 
HETATM 1436 O O   . HOH C 3 .   ? -11.141 7.698   0.637   1.00 32.36  ? 839 HOH A O   1 
HETATM 1437 O O   . HOH C 3 .   ? 0.986   5.383   10.928  1.00 16.99  ? 840 HOH A O   1 
HETATM 1438 O O   . HOH C 3 .   ? -1.737  6.342   11.041  1.00 32.22  ? 841 HOH A O   1 
HETATM 1439 O O   . HOH C 3 .   ? -0.911  4.851   14.399  1.00 39.34  ? 842 HOH A O   1 
HETATM 1440 O O   . HOH C 3 .   ? -3.242  5.372   15.538  1.00 64.56  ? 843 HOH A O   1 
HETATM 1441 O O   . HOH C 3 .   ? 21.817  -9.963  -3.186  1.00 49.28  ? 844 HOH A O   1 
HETATM 1442 O O   . HOH C 3 .   ? -13.036 3.055   4.232   1.00 38.23  ? 845 HOH A O   1 
HETATM 1443 O O   . HOH C 3 .   ? -3.742  -4.447  17.001  1.00 21.62  ? 846 HOH A O   1 
HETATM 1444 O O   . HOH C 3 .   ? 10.347  8.159   -7.322  1.00 20.75  ? 847 HOH A O   1 
HETATM 1445 O O   . HOH C 3 .   ? -0.823  8.629   8.291   1.00 32.89  ? 848 HOH A O   1 
HETATM 1446 O O   . HOH C 3 .   ? 2.254   12.027  10.885  1.00 50.22  ? 849 HOH A O   1 
HETATM 1447 O O   . HOH C 3 .   ? -7.871  18.429  -13.395 1.00 31.44  ? 850 HOH A O   1 
HETATM 1448 O O   . HOH C 3 .   ? -5.498  9.605   12.053  1.00 44.75  ? 851 HOH A O   1 
HETATM 1449 O O   . HOH C 3 .   ? 12.930  -3.833  -7.710  1.00 33.06  ? 852 HOH A O   1 
HETATM 1450 O O   . HOH C 3 .   ? 11.063  0.852   -14.618 1.00 64.88  ? 853 HOH A O   1 
HETATM 1451 O O   . HOH C 3 .   ? 12.378  3.029   -15.871 1.00 49.57  ? 854 HOH A O   1 
HETATM 1452 O O   . HOH C 3 .   ? 10.663  -4.941  -12.857 1.00 63.11  ? 855 HOH A O   1 
HETATM 1453 O O   . HOH C 3 .   ? -12.198 15.308  -18.663 1.00 67.52  ? 856 HOH A O   1 
HETATM 1454 O O   . HOH C 3 .   ? 9.053   4.825   13.393  1.00 28.08  ? 857 HOH A O   1 
HETATM 1455 O O   . HOH C 3 .   ? 2.986   -12.363 7.396   1.00 7.12   ? 858 HOH A O   1 
# 
loop_
_pdbx_poly_seq_scheme.asym_id 
_pdbx_poly_seq_scheme.entity_id 
_pdbx_poly_seq_scheme.seq_id 
_pdbx_poly_seq_scheme.mon_id 
_pdbx_poly_seq_scheme.ndb_seq_num 
_pdbx_poly_seq_scheme.pdb_seq_num 
_pdbx_poly_seq_scheme.auth_seq_num 
_pdbx_poly_seq_scheme.pdb_mon_id 
_pdbx_poly_seq_scheme.auth_mon_id 
_pdbx_poly_seq_scheme.pdb_strand_id 
_pdbx_poly_seq_scheme.pdb_ins_code 
_pdbx_poly_seq_scheme.hetero 
A 1 1   MET 1   3   3   MET MET A . n 
A 1 2   LYS 2   4   4   LYS LYS A . n 
A 1 3   THR 3   5   5   THR THR A . n 
A 1 4   ALA 4   6   6   ALA ALA A . n 
A 1 5   ASP 5   7   7   ASP ASP A . n 
A 1 6   LEU 6   8   8   LEU LEU A . n 
A 1 7   CYS 7   9   9   CYS CYS A . n 
A 1 8   ASP 8   10  10  ASP ASP A . n 
A 1 9   GLN 9   11  11  GLN GLN A . n 
A 1 10  PHE 10  12  12  PHE PHE A . n 
A 1 11  LEU 11  13  13  LEU LEU A . n 
A 1 12  ASP 12  14  14  ASP ASP A . n 
A 1 13  GLU 13  15  15  GLU GLU A . n 
A 1 14  LEU 14  16  16  LEU LEU A . n 
A 1 15  GLN 15  17  17  GLN GLN A . n 
A 1 16  VAL 16  18  18  VAL VAL A . n 
A 1 17  CYS 17  19  19  CYS CYS A . n 
A 1 18  GLU 18  20  20  GLU GLU A . n 
A 1 19  LEU 19  21  21  LEU LEU A . n 
A 1 20  PRO 20  22  22  PRO PRO A . n 
A 1 21  PHE 21  23  23  PHE PHE A . n 
A 1 22  GLN 22  24  24  GLN GLN A . n 
A 1 23  SER 23  25  25  SER SER A . n 
A 1 24  TYR 24  26  26  TYR TYR A . n 
A 1 25  GLY 25  27  27  GLY GLY A . n 
A 1 26  GLY 26  28  28  GLY GLY A . n 
A 1 27  LYS 27  29  29  LYS LYS A . n 
A 1 28  ARG 28  30  30  ARG ARG A . n 
A 1 29  MET 29  31  31  MET MET A . n 
A 1 30  PHE 30  32  32  PHE PHE A . n 
A 1 31  SER 31  33  33  SER SER A . n 
A 1 32  GLY 32  34  34  GLY GLY A . n 
A 1 33  PRO 33  35  35  PRO PRO A . n 
A 1 34  ILE 34  36  36  ILE ILE A . n 
A 1 35  ALA 35  37  37  ALA ALA A . n 
A 1 36  THR 36  38  38  THR THR A . n 
A 1 37  VAL 37  39  39  VAL VAL A . n 
A 1 38  ASP 38  40  40  ASP ASP A . n 
A 1 39  VAL 39  41  41  VAL VAL A . n 
A 1 40  PHE 40  42  42  PHE PHE A . n 
A 1 41  GLU 41  43  43  GLU GLU A . n 
A 1 42  ASP 42  44  44  ASP ASP A . n 
A 1 43  ASN 43  45  45  ASN ASN A . n 
A 1 44  VAL 44  46  46  VAL VAL A . n 
A 1 45  LEU 45  47  47  LEU LEU A . n 
A 1 46  VAL 46  48  48  VAL VAL A . n 
A 1 47  ARG 47  49  49  ARG ARG A . n 
A 1 48  GLU 48  50  50  GLU GLU A . n 
A 1 49  ALA 49  51  51  ALA ALA A . n 
A 1 50  LEU 50  52  52  LEU LEU A . n 
A 1 51  GLU 51  53  53  GLU GLU A . n 
A 1 52  THR 52  54  54  THR THR A . n 
A 1 53  VAL 53  55  55  VAL VAL A . n 
A 1 54  PRO 54  56  56  PRO PRO A . n 
A 1 55  PRO 55  57  57  PRO PRO A . n 
A 1 56  GLY 56  58  58  GLY GLY A . n 
A 1 57  THR 57  59  59  THR THR A . n 
A 1 58  VAL 58  60  60  VAL VAL A . n 
A 1 59  LEU 59  61  61  LEU LEU A . n 
A 1 60  VAL 60  62  62  VAL VAL A . n 
A 1 61  VAL 61  63  63  VAL VAL A . n 
A 1 62  ASP 62  64  64  ASP ASP A . n 
A 1 63  GLY 63  65  65  GLY GLY A . n 
A 1 64  LYS 64  66  66  LYS LYS A . n 
A 1 65  GLY 65  67  67  GLY GLY A . n 
A 1 66  SER 66  68  68  SER SER A . n 
A 1 67  ARG 67  69  69  ARG ARG A . n 
A 1 68  ARG 68  70  70  ARG ARG A . n 
A 1 69  VAL 69  71  71  VAL VAL A . n 
A 1 70  ALA 70  72  72  ALA ALA A . n 
A 1 71  LEU 71  73  73  LEU LEU A . n 
A 1 72  LEU 72  74  74  LEU LEU A . n 
A 1 73  GLY 73  75  75  GLY GLY A . n 
A 1 74  ASP 74  76  76  ASP ASP A . n 
A 1 75  ARG 75  77  77  ARG ARG A . n 
A 1 76  LEU 76  78  78  LEU LEU A . n 
A 1 77  ALA 77  79  79  ALA ALA A . n 
A 1 78  GLN 78  80  80  GLN GLN A . n 
A 1 79  ILE 79  81  81  ILE ILE A . n 
A 1 80  ALA 80  82  82  ALA ALA A . n 
A 1 81  CYS 81  83  83  CYS CYS A . n 
A 1 82  GLU 82  84  84  GLU GLU A . n 
A 1 83  ARG 83  85  85  ARG ARG A . n 
A 1 84  GLY 84  86  86  GLY GLY A . n 
A 1 85  LEU 85  87  87  LEU LEU A . n 
A 1 86  ALA 86  88  88  ALA ALA A . n 
A 1 87  GLY 87  89  89  GLY GLY A . n 
A 1 88  VAL 88  90  90  VAL VAL A . n 
A 1 89  ILE 89  91  91  ILE ILE A . n 
A 1 90  ILE 90  92  92  ILE ILE A . n 
A 1 91  HIS 91  93  93  HIS HIS A . n 
A 1 92  GLY 92  94  94  GLY GLY A . n 
A 1 93  CYS 93  95  95  CYS CYS A . n 
A 1 94  ILE 94  96  96  ILE ILE A . n 
A 1 95  ARG 95  97  97  ARG ARG A . n 
A 1 96  ASP 96  98  98  ASP ASP A . n 
A 1 97  SER 97  99  99  SER SER A . n 
A 1 98  ALA 98  100 100 ALA ALA A . n 
A 1 99  GLU 99  101 101 GLU GLU A . n 
A 1 100 ILE 100 102 102 ILE ILE A . n 
A 1 101 GLY 101 103 103 GLY GLY A . n 
A 1 102 ALA 102 104 104 ALA ALA A . n 
A 1 103 MET 103 105 105 MET MET A . n 
A 1 104 PRO 104 106 106 PRO PRO A . n 
A 1 105 ILE 105 107 107 ILE ILE A . n 
A 1 106 GLY 106 108 108 GLY GLY A . n 
A 1 107 VAL 107 109 109 VAL VAL A . n 
A 1 108 MET 108 110 110 MET MET A . n 
A 1 109 ALA 109 111 111 ALA ALA A . n 
A 1 110 ILE 110 112 112 ILE ILE A . n 
A 1 111 GLY 111 113 113 GLY GLY A . n 
A 1 112 THR 112 114 114 THR THR A . n 
A 1 113 CYS 113 115 115 CYS CYS A . n 
A 1 114 PRO 114 116 116 PRO PRO A . n 
A 1 115 VAL 115 117 117 VAL VAL A . n 
A 1 116 LYS 116 118 118 LYS LYS A . n 
A 1 117 SER 117 119 119 SER SER A . n 
A 1 118 LYS 118 120 120 LYS LYS A . n 
A 1 119 LYS 119 121 121 LYS LYS A . n 
A 1 120 GLU 120 122 122 GLU GLU A . n 
A 1 121 GLY 121 123 123 GLY GLY A . n 
A 1 122 LYS 122 124 124 LYS LYS A . n 
A 1 123 GLY 123 125 125 GLY GLY A . n 
A 1 124 ALA 124 126 126 ALA ALA A . n 
A 1 125 ARG 125 127 127 ARG ARG A . n 
A 1 126 ASP 126 128 128 ASP ASP A . n 
A 1 127 VAL 127 129 129 VAL VAL A . n 
A 1 128 VAL 128 130 130 VAL VAL A . n 
A 1 129 LEU 129 131 131 LEU LEU A . n 
A 1 130 GLU 130 132 132 GLU GLU A . n 
A 1 131 PHE 131 133 133 PHE PHE A . n 
A 1 132 GLY 132 134 134 GLY GLY A . n 
A 1 133 GLY 133 135 135 GLY GLY A . n 
A 1 134 VAL 134 136 136 VAL VAL A . n 
A 1 135 ARG 135 137 137 ARG ARG A . n 
A 1 136 TRP 136 138 138 TRP TRP A . n 
A 1 137 GLU 137 139 139 GLU GLU A . n 
A 1 138 PRO 138 140 140 PRO PRO A . n 
A 1 139 GLY 139 141 141 GLY GLY A . n 
A 1 140 ALA 140 142 142 ALA ALA A . n 
A 1 141 TYR 141 143 143 TYR TYR A . n 
A 1 142 VAL 142 144 144 VAL VAL A . n 
A 1 143 TYR 143 145 145 TYR TYR A . n 
A 1 144 ALA 144 146 146 ALA ALA A . n 
A 1 145 ASP 145 147 147 ASP ASP A . n 
A 1 146 ALA 146 148 148 ALA ALA A . n 
A 1 147 ASP 147 149 149 ASP ASP A . n 
A 1 148 GLY 148 150 150 GLY GLY A . n 
A 1 149 VAL 149 151 151 VAL VAL A . n 
A 1 150 VAL 150 152 152 VAL VAL A . n 
A 1 151 VAL 151 153 153 VAL VAL A . n 
A 1 152 ALA 152 154 154 ALA ALA A . n 
A 1 153 ASN 153 155 155 ASN ASN A . n 
A 1 154 LYS 154 156 156 LYS LYS A . n 
A 1 155 ASP 155 157 157 ASP ASP A . n 
A 1 156 LEU 156 158 158 LEU LEU A . n 
A 1 157 LEU 157 159 159 LEU LEU A . n 
A 1 158 ALA 158 160 160 ALA ALA A . n 
A 1 159 LYS 159 161 161 LYS LYS A . n 
A 1 160 ASN 160 162 162 ASN ASN A . n 
A 1 161 GLY 161 163 163 GLY GLY A . n 
# 
_pdbx_SG_project.id                    1 
_pdbx_SG_project.project_name          'NPPSFA, National Project on Protein Structural and Functional Analyses' 
_pdbx_SG_project.full_name_of_center   'RIKEN Structural Genomics/Proteomics Initiative' 
_pdbx_SG_project.initial_of_center     RSGI 
# 
loop_
_pdbx_nonpoly_scheme.asym_id 
_pdbx_nonpoly_scheme.entity_id 
_pdbx_nonpoly_scheme.mon_id 
_pdbx_nonpoly_scheme.ndb_seq_num 
_pdbx_nonpoly_scheme.pdb_seq_num 
_pdbx_nonpoly_scheme.auth_seq_num 
_pdbx_nonpoly_scheme.pdb_mon_id 
_pdbx_nonpoly_scheme.auth_mon_id 
_pdbx_nonpoly_scheme.pdb_strand_id 
_pdbx_nonpoly_scheme.pdb_ins_code 
B 2 ACT 1   600 600 ACT ACT A . 
C 3 HOH 1   601 201 HOH HOH A . 
C 3 HOH 2   602 202 HOH HOH A . 
C 3 HOH 3   603 203 HOH HOH A . 
C 3 HOH 4   604 204 HOH HOH A . 
C 3 HOH 5   605 205 HOH HOH A . 
C 3 HOH 6   606 206 HOH HOH A . 
C 3 HOH 7   607 207 HOH HOH A . 
C 3 HOH 8   608 208 HOH HOH A . 
C 3 HOH 9   609 209 HOH HOH A . 
C 3 HOH 10  610 210 HOH HOH A . 
C 3 HOH 11  611 211 HOH HOH A . 
C 3 HOH 12  612 212 HOH HOH A . 
C 3 HOH 13  613 213 HOH HOH A . 
C 3 HOH 14  614 214 HOH HOH A . 
C 3 HOH 15  615 215 HOH HOH A . 
C 3 HOH 16  616 216 HOH HOH A . 
C 3 HOH 17  617 217 HOH HOH A . 
C 3 HOH 18  618 218 HOH HOH A . 
C 3 HOH 19  619 219 HOH HOH A . 
C 3 HOH 20  620 220 HOH HOH A . 
C 3 HOH 21  621 221 HOH HOH A . 
C 3 HOH 22  622 222 HOH HOH A . 
C 3 HOH 23  623 223 HOH HOH A . 
C 3 HOH 24  624 224 HOH HOH A . 
C 3 HOH 25  625 225 HOH HOH A . 
C 3 HOH 26  626 226 HOH HOH A . 
C 3 HOH 27  627 227 HOH HOH A . 
C 3 HOH 28  628 228 HOH HOH A . 
C 3 HOH 29  629 229 HOH HOH A . 
C 3 HOH 30  630 230 HOH HOH A . 
C 3 HOH 31  631 231 HOH HOH A . 
C 3 HOH 32  632 232 HOH HOH A . 
C 3 HOH 33  633 233 HOH HOH A . 
C 3 HOH 34  634 234 HOH HOH A . 
C 3 HOH 35  635 235 HOH HOH A . 
C 3 HOH 36  636 236 HOH HOH A . 
C 3 HOH 37  637 237 HOH HOH A . 
C 3 HOH 38  638 238 HOH HOH A . 
C 3 HOH 39  639 239 HOH HOH A . 
C 3 HOH 40  640 240 HOH HOH A . 
C 3 HOH 41  641 241 HOH HOH A . 
C 3 HOH 42  642 242 HOH HOH A . 
C 3 HOH 43  643 243 HOH HOH A . 
C 3 HOH 44  644 244 HOH HOH A . 
C 3 HOH 45  645 245 HOH HOH A . 
C 3 HOH 46  646 246 HOH HOH A . 
C 3 HOH 47  647 247 HOH HOH A . 
C 3 HOH 48  648 248 HOH HOH A . 
C 3 HOH 49  649 249 HOH HOH A . 
C 3 HOH 50  650 250 HOH HOH A . 
C 3 HOH 51  651 251 HOH HOH A . 
C 3 HOH 52  652 252 HOH HOH A . 
C 3 HOH 53  653 253 HOH HOH A . 
C 3 HOH 54  654 254 HOH HOH A . 
C 3 HOH 55  655 255 HOH HOH A . 
C 3 HOH 56  656 256 HOH HOH A . 
C 3 HOH 57  657 257 HOH HOH A . 
C 3 HOH 58  658 258 HOH HOH A . 
C 3 HOH 59  659 259 HOH HOH A . 
C 3 HOH 60  660 260 HOH HOH A . 
C 3 HOH 61  661 261 HOH HOH A . 
C 3 HOH 62  662 262 HOH HOH A . 
C 3 HOH 63  663 263 HOH HOH A . 
C 3 HOH 64  664 264 HOH HOH A . 
C 3 HOH 65  665 265 HOH HOH A . 
C 3 HOH 66  666 266 HOH HOH A . 
C 3 HOH 67  667 267 HOH HOH A . 
C 3 HOH 68  668 268 HOH HOH A . 
C 3 HOH 69  669 269 HOH HOH A . 
C 3 HOH 70  670 270 HOH HOH A . 
C 3 HOH 71  671 271 HOH HOH A . 
C 3 HOH 72  672 272 HOH HOH A . 
C 3 HOH 73  673 273 HOH HOH A . 
C 3 HOH 74  674 274 HOH HOH A . 
C 3 HOH 75  675 275 HOH HOH A . 
C 3 HOH 76  676 276 HOH HOH A . 
C 3 HOH 77  677 277 HOH HOH A . 
C 3 HOH 78  678 278 HOH HOH A . 
C 3 HOH 79  679 279 HOH HOH A . 
C 3 HOH 80  680 280 HOH HOH A . 
C 3 HOH 81  681 281 HOH HOH A . 
C 3 HOH 82  682 282 HOH HOH A . 
C 3 HOH 83  683 283 HOH HOH A . 
C 3 HOH 84  684 284 HOH HOH A . 
C 3 HOH 85  685 285 HOH HOH A . 
C 3 HOH 86  686 286 HOH HOH A . 
C 3 HOH 87  687 287 HOH HOH A . 
C 3 HOH 88  688 288 HOH HOH A . 
C 3 HOH 89  689 289 HOH HOH A . 
C 3 HOH 90  690 290 HOH HOH A . 
C 3 HOH 91  691 291 HOH HOH A . 
C 3 HOH 92  692 292 HOH HOH A . 
C 3 HOH 93  693 293 HOH HOH A . 
C 3 HOH 94  694 294 HOH HOH A . 
C 3 HOH 95  695 295 HOH HOH A . 
C 3 HOH 96  696 296 HOH HOH A . 
C 3 HOH 97  697 297 HOH HOH A . 
C 3 HOH 98  698 298 HOH HOH A . 
C 3 HOH 99  699 299 HOH HOH A . 
C 3 HOH 100 700 300 HOH HOH A . 
C 3 HOH 101 701 301 HOH HOH A . 
C 3 HOH 102 702 302 HOH HOH A . 
C 3 HOH 103 703 303 HOH HOH A . 
C 3 HOH 104 704 304 HOH HOH A . 
C 3 HOH 105 705 305 HOH HOH A . 
C 3 HOH 106 706 306 HOH HOH A . 
C 3 HOH 107 707 307 HOH HOH A . 
C 3 HOH 108 708 308 HOH HOH A . 
C 3 HOH 109 709 309 HOH HOH A . 
C 3 HOH 110 710 310 HOH HOH A . 
C 3 HOH 111 711 311 HOH HOH A . 
C 3 HOH 112 712 312 HOH HOH A . 
C 3 HOH 113 713 313 HOH HOH A . 
C 3 HOH 114 714 314 HOH HOH A . 
C 3 HOH 115 715 315 HOH HOH A . 
C 3 HOH 116 716 316 HOH HOH A . 
C 3 HOH 117 717 317 HOH HOH A . 
C 3 HOH 118 718 318 HOH HOH A . 
C 3 HOH 119 719 319 HOH HOH A . 
C 3 HOH 120 720 320 HOH HOH A . 
C 3 HOH 121 721 321 HOH HOH A . 
C 3 HOH 122 722 322 HOH HOH A . 
C 3 HOH 123 723 323 HOH HOH A . 
C 3 HOH 124 724 324 HOH HOH A . 
C 3 HOH 125 725 325 HOH HOH A . 
C 3 HOH 126 726 326 HOH HOH A . 
C 3 HOH 127 727 327 HOH HOH A . 
C 3 HOH 128 728 328 HOH HOH A . 
C 3 HOH 129 729 329 HOH HOH A . 
C 3 HOH 130 730 330 HOH HOH A . 
C 3 HOH 131 731 331 HOH HOH A . 
C 3 HOH 132 732 332 HOH HOH A . 
C 3 HOH 133 733 333 HOH HOH A . 
C 3 HOH 134 734 334 HOH HOH A . 
C 3 HOH 135 735 335 HOH HOH A . 
C 3 HOH 136 736 336 HOH HOH A . 
C 3 HOH 137 737 337 HOH HOH A . 
C 3 HOH 138 738 338 HOH HOH A . 
C 3 HOH 139 739 339 HOH HOH A . 
C 3 HOH 140 740 340 HOH HOH A . 
C 3 HOH 141 741 341 HOH HOH A . 
C 3 HOH 142 742 342 HOH HOH A . 
C 3 HOH 143 743 343 HOH HOH A . 
C 3 HOH 144 744 344 HOH HOH A . 
C 3 HOH 145 745 345 HOH HOH A . 
C 3 HOH 146 746 346 HOH HOH A . 
C 3 HOH 147 747 347 HOH HOH A . 
C 3 HOH 148 748 348 HOH HOH A . 
C 3 HOH 149 749 349 HOH HOH A . 
C 3 HOH 150 750 350 HOH HOH A . 
C 3 HOH 151 751 351 HOH HOH A . 
C 3 HOH 152 752 352 HOH HOH A . 
C 3 HOH 153 753 353 HOH HOH A . 
C 3 HOH 154 754 354 HOH HOH A . 
C 3 HOH 155 755 355 HOH HOH A . 
C 3 HOH 156 756 356 HOH HOH A . 
C 3 HOH 157 757 357 HOH HOH A . 
C 3 HOH 158 758 358 HOH HOH A . 
C 3 HOH 159 759 359 HOH HOH A . 
C 3 HOH 160 760 360 HOH HOH A . 
C 3 HOH 161 761 361 HOH HOH A . 
C 3 HOH 162 762 362 HOH HOH A . 
C 3 HOH 163 763 363 HOH HOH A . 
C 3 HOH 164 764 364 HOH HOH A . 
C 3 HOH 165 765 365 HOH HOH A . 
C 3 HOH 166 766 366 HOH HOH A . 
C 3 HOH 167 767 367 HOH HOH A . 
C 3 HOH 168 768 368 HOH HOH A . 
C 3 HOH 169 769 369 HOH HOH A . 
C 3 HOH 170 770 370 HOH HOH A . 
C 3 HOH 171 771 371 HOH HOH A . 
C 3 HOH 172 772 372 HOH HOH A . 
C 3 HOH 173 773 373 HOH HOH A . 
C 3 HOH 174 774 374 HOH HOH A . 
C 3 HOH 175 775 375 HOH HOH A . 
C 3 HOH 176 776 376 HOH HOH A . 
C 3 HOH 177 777 377 HOH HOH A . 
C 3 HOH 178 778 378 HOH HOH A . 
C 3 HOH 179 779 379 HOH HOH A . 
C 3 HOH 180 780 380 HOH HOH A . 
C 3 HOH 181 781 381 HOH HOH A . 
C 3 HOH 182 782 382 HOH HOH A . 
C 3 HOH 183 783 383 HOH HOH A . 
C 3 HOH 184 784 384 HOH HOH A . 
C 3 HOH 185 785 385 HOH HOH A . 
C 3 HOH 186 786 386 HOH HOH A . 
C 3 HOH 187 787 387 HOH HOH A . 
C 3 HOH 188 788 388 HOH HOH A . 
C 3 HOH 189 789 389 HOH HOH A . 
C 3 HOH 190 790 390 HOH HOH A . 
C 3 HOH 191 791 391 HOH HOH A . 
C 3 HOH 192 792 392 HOH HOH A . 
C 3 HOH 193 793 393 HOH HOH A . 
C 3 HOH 194 794 394 HOH HOH A . 
C 3 HOH 195 795 395 HOH HOH A . 
C 3 HOH 196 796 396 HOH HOH A . 
C 3 HOH 197 797 397 HOH HOH A . 
C 3 HOH 198 798 398 HOH HOH A . 
C 3 HOH 199 799 399 HOH HOH A . 
C 3 HOH 200 800 400 HOH HOH A . 
C 3 HOH 201 801 401 HOH HOH A . 
C 3 HOH 202 802 402 HOH HOH A . 
C 3 HOH 203 803 403 HOH HOH A . 
C 3 HOH 204 804 404 HOH HOH A . 
C 3 HOH 205 805 405 HOH HOH A . 
C 3 HOH 206 806 406 HOH HOH A . 
C 3 HOH 207 807 407 HOH HOH A . 
C 3 HOH 208 808 408 HOH HOH A . 
C 3 HOH 209 809 409 HOH HOH A . 
C 3 HOH 210 810 410 HOH HOH A . 
C 3 HOH 211 811 411 HOH HOH A . 
C 3 HOH 212 812 412 HOH HOH A . 
C 3 HOH 213 813 413 HOH HOH A . 
C 3 HOH 214 814 414 HOH HOH A . 
C 3 HOH 215 815 415 HOH HOH A . 
C 3 HOH 216 816 416 HOH HOH A . 
C 3 HOH 217 817 417 HOH HOH A . 
C 3 HOH 218 818 418 HOH HOH A . 
C 3 HOH 219 819 419 HOH HOH A . 
C 3 HOH 220 820 420 HOH HOH A . 
C 3 HOH 221 821 421 HOH HOH A . 
C 3 HOH 222 822 422 HOH HOH A . 
C 3 HOH 223 823 423 HOH HOH A . 
C 3 HOH 224 824 424 HOH HOH A . 
C 3 HOH 225 825 425 HOH HOH A . 
C 3 HOH 226 826 426 HOH HOH A . 
C 3 HOH 227 827 427 HOH HOH A . 
C 3 HOH 228 828 428 HOH HOH A . 
C 3 HOH 229 829 429 HOH HOH A . 
C 3 HOH 230 830 430 HOH HOH A . 
C 3 HOH 231 831 431 HOH HOH A . 
C 3 HOH 232 832 432 HOH HOH A . 
C 3 HOH 233 833 433 HOH HOH A . 
C 3 HOH 234 834 434 HOH HOH A . 
C 3 HOH 235 835 435 HOH HOH A . 
C 3 HOH 236 836 436 HOH HOH A . 
C 3 HOH 237 837 437 HOH HOH A . 
C 3 HOH 238 838 438 HOH HOH A . 
C 3 HOH 239 839 439 HOH HOH A . 
C 3 HOH 240 840 440 HOH HOH A . 
C 3 HOH 241 841 441 HOH HOH A . 
C 3 HOH 242 842 442 HOH HOH A . 
C 3 HOH 243 843 443 HOH HOH A . 
C 3 HOH 244 844 444 HOH HOH A . 
C 3 HOH 245 845 445 HOH HOH A . 
C 3 HOH 246 846 446 HOH HOH A . 
C 3 HOH 247 847 447 HOH HOH A . 
C 3 HOH 248 848 448 HOH HOH A . 
C 3 HOH 249 849 449 HOH HOH A . 
C 3 HOH 250 850 450 HOH HOH A . 
C 3 HOH 251 851 451 HOH HOH A . 
C 3 HOH 252 852 452 HOH HOH A . 
C 3 HOH 253 853 453 HOH HOH A . 
C 3 HOH 254 854 454 HOH HOH A . 
C 3 HOH 255 855 455 HOH HOH A . 
C 3 HOH 256 856 456 HOH HOH A . 
C 3 HOH 257 857 457 HOH HOH A . 
C 3 HOH 258 858 458 HOH HOH A . 
# 
_pdbx_struct_assembly.id                   1 
_pdbx_struct_assembly.details              author_defined_assembly 
_pdbx_struct_assembly.method_details       ? 
_pdbx_struct_assembly.oligomeric_details   trimeric 
_pdbx_struct_assembly.oligomeric_count     3 
# 
_pdbx_struct_assembly_gen.assembly_id       1 
_pdbx_struct_assembly_gen.oper_expression   1,2,3 
_pdbx_struct_assembly_gen.asym_id_list      A,B,C 
# 
loop_
_pdbx_struct_oper_list.id 
_pdbx_struct_oper_list.type 
_pdbx_struct_oper_list.name 
_pdbx_struct_oper_list.symmetry_operation 
_pdbx_struct_oper_list.matrix[1][1] 
_pdbx_struct_oper_list.matrix[1][2] 
_pdbx_struct_oper_list.matrix[1][3] 
_pdbx_struct_oper_list.vector[1] 
_pdbx_struct_oper_list.matrix[2][1] 
_pdbx_struct_oper_list.matrix[2][2] 
_pdbx_struct_oper_list.matrix[2][3] 
_pdbx_struct_oper_list.vector[2] 
_pdbx_struct_oper_list.matrix[3][1] 
_pdbx_struct_oper_list.matrix[3][2] 
_pdbx_struct_oper_list.matrix[3][3] 
_pdbx_struct_oper_list.vector[3] 
1 'identity operation'         1_555 x,y,z     1.0000000000 0.0000000000 0.0000000000  0.0000000000  0.0000000000 1.0000000000  0.0000000000  0.0000000000   0.0000000000  0.0000000000  1.0000000000  0.0000000000   
2 'crystal symmetry operation' 2_555 -y,x-y,z  0.6620124122 0.4289497063 -0.6146069602 -4.2550775764 0.7346053059 -0.2087250850 0.6455918862  -4.4701220635  0.1486425600  -0.8788833759 -0.4532873272 -32.3847462213 
3 'crystal symmetry operation' 3_555 -x+y,-x,z 0.6620124122 0.7346053059 0.1486425600  10.9144411381 0.4289497063 -0.2087250850 -0.8788833759 -27.5702274163 -0.6146069602 0.6455918862  -0.4532873272 -14.4089208174 
# 
loop_
_pdbx_audit_revision_history.ordinal 
_pdbx_audit_revision_history.data_content_type 
_pdbx_audit_revision_history.major_revision 
_pdbx_audit_revision_history.minor_revision 
_pdbx_audit_revision_history.revision_date 
1 'Structure model' 1 0 2007-10-02 
2 'Structure model' 1 1 2011-07-13 
3 'Structure model' 1 2 2017-10-18 
4 'Structure model' 1 3 2023-10-25 
# 
_pdbx_audit_revision_details.ordinal             1 
_pdbx_audit_revision_details.revision_ordinal    1 
_pdbx_audit_revision_details.data_content_type   'Structure model' 
_pdbx_audit_revision_details.provider            repository 
_pdbx_audit_revision_details.type                'Initial release' 
_pdbx_audit_revision_details.description         ? 
_pdbx_audit_revision_details.details             ? 
# 
loop_
_pdbx_audit_revision_group.ordinal 
_pdbx_audit_revision_group.revision_ordinal 
_pdbx_audit_revision_group.data_content_type 
_pdbx_audit_revision_group.group 
1 2 'Structure model' 'Source and taxonomy'       
2 2 'Structure model' 'Version format compliance' 
3 3 'Structure model' 'Refinement description'    
4 4 'Structure model' 'Data collection'           
5 4 'Structure model' 'Database references'       
6 4 'Structure model' 'Derived calculations'      
7 4 'Structure model' 'Refinement description'    
# 
loop_
_pdbx_audit_revision_category.ordinal 
_pdbx_audit_revision_category.revision_ordinal 
_pdbx_audit_revision_category.data_content_type 
_pdbx_audit_revision_category.category 
1 3 'Structure model' software                      
2 4 'Structure model' chem_comp_atom                
3 4 'Structure model' chem_comp_bond                
4 4 'Structure model' database_2                    
5 4 'Structure model' pdbx_initial_refinement_model 
6 4 'Structure model' struct_site                   
# 
loop_
_pdbx_audit_revision_item.ordinal 
_pdbx_audit_revision_item.revision_ordinal 
_pdbx_audit_revision_item.data_content_type 
_pdbx_audit_revision_item.item 
1 3 'Structure model' '_software.name'                      
2 4 'Structure model' '_database_2.pdbx_DOI'                
3 4 'Structure model' '_database_2.pdbx_database_accession' 
4 4 'Structure model' '_struct_site.pdbx_auth_asym_id'      
5 4 'Structure model' '_struct_site.pdbx_auth_comp_id'      
6 4 'Structure model' '_struct_site.pdbx_auth_seq_id'       
# 
loop_
_software.name 
_software.classification 
_software.version 
_software.citation_id 
_software.pdbx_ordinal 
CNS       refinement        1.1 ? 1 
HKL-2000  'data collection' .   ? 2 
HKL-2000  'data reduction'  .   ? 3 
SCALEPACK 'data scaling'    .   ? 4 
MOLREP    phasing           .   ? 5 
# 
_pdbx_validate_torsion.id              1 
_pdbx_validate_torsion.PDB_model_num   1 
_pdbx_validate_torsion.auth_comp_id    ASN 
_pdbx_validate_torsion.auth_asym_id    A 
_pdbx_validate_torsion.auth_seq_id     162 
_pdbx_validate_torsion.PDB_ins_code    ? 
_pdbx_validate_torsion.label_alt_id    ? 
_pdbx_validate_torsion.phi             -144.01 
_pdbx_validate_torsion.psi             -14.79 
# 
loop_
_chem_comp_atom.comp_id 
_chem_comp_atom.atom_id 
_chem_comp_atom.type_symbol 
_chem_comp_atom.pdbx_aromatic_flag 
_chem_comp_atom.pdbx_stereo_config 
_chem_comp_atom.pdbx_ordinal 
ACT C    C N N 1   
ACT O    O N N 2   
ACT OXT  O N N 3   
ACT CH3  C N N 4   
ACT H1   H N N 5   
ACT H2   H N N 6   
ACT H3   H N N 7   
ALA N    N N N 8   
ALA CA   C N S 9   
ALA C    C N N 10  
ALA O    O N N 11  
ALA CB   C N N 12  
ALA OXT  O N N 13  
ALA H    H N N 14  
ALA H2   H N N 15  
ALA HA   H N N 16  
ALA HB1  H N N 17  
ALA HB2  H N N 18  
ALA HB3  H N N 19  
ALA HXT  H N N 20  
ARG N    N N N 21  
ARG CA   C N S 22  
ARG C    C N N 23  
ARG O    O N N 24  
ARG CB   C N N 25  
ARG CG   C N N 26  
ARG CD   C N N 27  
ARG NE   N N N 28  
ARG CZ   C N N 29  
ARG NH1  N N N 30  
ARG NH2  N N N 31  
ARG OXT  O N N 32  
ARG H    H N N 33  
ARG H2   H N N 34  
ARG HA   H N N 35  
ARG HB2  H N N 36  
ARG HB3  H N N 37  
ARG HG2  H N N 38  
ARG HG3  H N N 39  
ARG HD2  H N N 40  
ARG HD3  H N N 41  
ARG HE   H N N 42  
ARG HH11 H N N 43  
ARG HH12 H N N 44  
ARG HH21 H N N 45  
ARG HH22 H N N 46  
ARG HXT  H N N 47  
ASN N    N N N 48  
ASN CA   C N S 49  
ASN C    C N N 50  
ASN O    O N N 51  
ASN CB   C N N 52  
ASN CG   C N N 53  
ASN OD1  O N N 54  
ASN ND2  N N N 55  
ASN OXT  O N N 56  
ASN H    H N N 57  
ASN H2   H N N 58  
ASN HA   H N N 59  
ASN HB2  H N N 60  
ASN HB3  H N N 61  
ASN HD21 H N N 62  
ASN HD22 H N N 63  
ASN HXT  H N N 64  
ASP N    N N N 65  
ASP CA   C N S 66  
ASP C    C N N 67  
ASP O    O N N 68  
ASP CB   C N N 69  
ASP CG   C N N 70  
ASP OD1  O N N 71  
ASP OD2  O N N 72  
ASP OXT  O N N 73  
ASP H    H N N 74  
ASP H2   H N N 75  
ASP HA   H N N 76  
ASP HB2  H N N 77  
ASP HB3  H N N 78  
ASP HD2  H N N 79  
ASP HXT  H N N 80  
CYS N    N N N 81  
CYS CA   C N R 82  
CYS C    C N N 83  
CYS O    O N N 84  
CYS CB   C N N 85  
CYS SG   S N N 86  
CYS OXT  O N N 87  
CYS H    H N N 88  
CYS H2   H N N 89  
CYS HA   H N N 90  
CYS HB2  H N N 91  
CYS HB3  H N N 92  
CYS HG   H N N 93  
CYS HXT  H N N 94  
GLN N    N N N 95  
GLN CA   C N S 96  
GLN C    C N N 97  
GLN O    O N N 98  
GLN CB   C N N 99  
GLN CG   C N N 100 
GLN CD   C N N 101 
GLN OE1  O N N 102 
GLN NE2  N N N 103 
GLN OXT  O N N 104 
GLN H    H N N 105 
GLN H2   H N N 106 
GLN HA   H N N 107 
GLN HB2  H N N 108 
GLN HB3  H N N 109 
GLN HG2  H N N 110 
GLN HG3  H N N 111 
GLN HE21 H N N 112 
GLN HE22 H N N 113 
GLN HXT  H N N 114 
GLU N    N N N 115 
GLU CA   C N S 116 
GLU C    C N N 117 
GLU O    O N N 118 
GLU CB   C N N 119 
GLU CG   C N N 120 
GLU CD   C N N 121 
GLU OE1  O N N 122 
GLU OE2  O N N 123 
GLU OXT  O N N 124 
GLU H    H N N 125 
GLU H2   H N N 126 
GLU HA   H N N 127 
GLU HB2  H N N 128 
GLU HB3  H N N 129 
GLU HG2  H N N 130 
GLU HG3  H N N 131 
GLU HE2  H N N 132 
GLU HXT  H N N 133 
GLY N    N N N 134 
GLY CA   C N N 135 
GLY C    C N N 136 
GLY O    O N N 137 
GLY OXT  O N N 138 
GLY H    H N N 139 
GLY H2   H N N 140 
GLY HA2  H N N 141 
GLY HA3  H N N 142 
GLY HXT  H N N 143 
HIS N    N N N 144 
HIS CA   C N S 145 
HIS C    C N N 146 
HIS O    O N N 147 
HIS CB   C N N 148 
HIS CG   C Y N 149 
HIS ND1  N Y N 150 
HIS CD2  C Y N 151 
HIS CE1  C Y N 152 
HIS NE2  N Y N 153 
HIS OXT  O N N 154 
HIS H    H N N 155 
HIS H2   H N N 156 
HIS HA   H N N 157 
HIS HB2  H N N 158 
HIS HB3  H N N 159 
HIS HD1  H N N 160 
HIS HD2  H N N 161 
HIS HE1  H N N 162 
HIS HE2  H N N 163 
HIS HXT  H N N 164 
HOH O    O N N 165 
HOH H1   H N N 166 
HOH H2   H N N 167 
ILE N    N N N 168 
ILE CA   C N S 169 
ILE C    C N N 170 
ILE O    O N N 171 
ILE CB   C N S 172 
ILE CG1  C N N 173 
ILE CG2  C N N 174 
ILE CD1  C N N 175 
ILE OXT  O N N 176 
ILE H    H N N 177 
ILE H2   H N N 178 
ILE HA   H N N 179 
ILE HB   H N N 180 
ILE HG12 H N N 181 
ILE HG13 H N N 182 
ILE HG21 H N N 183 
ILE HG22 H N N 184 
ILE HG23 H N N 185 
ILE HD11 H N N 186 
ILE HD12 H N N 187 
ILE HD13 H N N 188 
ILE HXT  H N N 189 
LEU N    N N N 190 
LEU CA   C N S 191 
LEU C    C N N 192 
LEU O    O N N 193 
LEU CB   C N N 194 
LEU CG   C N N 195 
LEU CD1  C N N 196 
LEU CD2  C N N 197 
LEU OXT  O N N 198 
LEU H    H N N 199 
LEU H2   H N N 200 
LEU HA   H N N 201 
LEU HB2  H N N 202 
LEU HB3  H N N 203 
LEU HG   H N N 204 
LEU HD11 H N N 205 
LEU HD12 H N N 206 
LEU HD13 H N N 207 
LEU HD21 H N N 208 
LEU HD22 H N N 209 
LEU HD23 H N N 210 
LEU HXT  H N N 211 
LYS N    N N N 212 
LYS CA   C N S 213 
LYS C    C N N 214 
LYS O    O N N 215 
LYS CB   C N N 216 
LYS CG   C N N 217 
LYS CD   C N N 218 
LYS CE   C N N 219 
LYS NZ   N N N 220 
LYS OXT  O N N 221 
LYS H    H N N 222 
LYS H2   H N N 223 
LYS HA   H N N 224 
LYS HB2  H N N 225 
LYS HB3  H N N 226 
LYS HG2  H N N 227 
LYS HG3  H N N 228 
LYS HD2  H N N 229 
LYS HD3  H N N 230 
LYS HE2  H N N 231 
LYS HE3  H N N 232 
LYS HZ1  H N N 233 
LYS HZ2  H N N 234 
LYS HZ3  H N N 235 
LYS HXT  H N N 236 
MET N    N N N 237 
MET CA   C N S 238 
MET C    C N N 239 
MET O    O N N 240 
MET CB   C N N 241 
MET CG   C N N 242 
MET SD   S N N 243 
MET CE   C N N 244 
MET OXT  O N N 245 
MET H    H N N 246 
MET H2   H N N 247 
MET HA   H N N 248 
MET HB2  H N N 249 
MET HB3  H N N 250 
MET HG2  H N N 251 
MET HG3  H N N 252 
MET HE1  H N N 253 
MET HE2  H N N 254 
MET HE3  H N N 255 
MET HXT  H N N 256 
PHE N    N N N 257 
PHE CA   C N S 258 
PHE C    C N N 259 
PHE O    O N N 260 
PHE CB   C N N 261 
PHE CG   C Y N 262 
PHE CD1  C Y N 263 
PHE CD2  C Y N 264 
PHE CE1  C Y N 265 
PHE CE2  C Y N 266 
PHE CZ   C Y N 267 
PHE OXT  O N N 268 
PHE H    H N N 269 
PHE H2   H N N 270 
PHE HA   H N N 271 
PHE HB2  H N N 272 
PHE HB3  H N N 273 
PHE HD1  H N N 274 
PHE HD2  H N N 275 
PHE HE1  H N N 276 
PHE HE2  H N N 277 
PHE HZ   H N N 278 
PHE HXT  H N N 279 
PRO N    N N N 280 
PRO CA   C N S 281 
PRO C    C N N 282 
PRO O    O N N 283 
PRO CB   C N N 284 
PRO CG   C N N 285 
PRO CD   C N N 286 
PRO OXT  O N N 287 
PRO H    H N N 288 
PRO HA   H N N 289 
PRO HB2  H N N 290 
PRO HB3  H N N 291 
PRO HG2  H N N 292 
PRO HG3  H N N 293 
PRO HD2  H N N 294 
PRO HD3  H N N 295 
PRO HXT  H N N 296 
SER N    N N N 297 
SER CA   C N S 298 
SER C    C N N 299 
SER O    O N N 300 
SER CB   C N N 301 
SER OG   O N N 302 
SER OXT  O N N 303 
SER H    H N N 304 
SER H2   H N N 305 
SER HA   H N N 306 
SER HB2  H N N 307 
SER HB3  H N N 308 
SER HG   H N N 309 
SER HXT  H N N 310 
THR N    N N N 311 
THR CA   C N S 312 
THR C    C N N 313 
THR O    O N N 314 
THR CB   C N R 315 
THR OG1  O N N 316 
THR CG2  C N N 317 
THR OXT  O N N 318 
THR H    H N N 319 
THR H2   H N N 320 
THR HA   H N N 321 
THR HB   H N N 322 
THR HG1  H N N 323 
THR HG21 H N N 324 
THR HG22 H N N 325 
THR HG23 H N N 326 
THR HXT  H N N 327 
TRP N    N N N 328 
TRP CA   C N S 329 
TRP C    C N N 330 
TRP O    O N N 331 
TRP CB   C N N 332 
TRP CG   C Y N 333 
TRP CD1  C Y N 334 
TRP CD2  C Y N 335 
TRP NE1  N Y N 336 
TRP CE2  C Y N 337 
TRP CE3  C Y N 338 
TRP CZ2  C Y N 339 
TRP CZ3  C Y N 340 
TRP CH2  C Y N 341 
TRP OXT  O N N 342 
TRP H    H N N 343 
TRP H2   H N N 344 
TRP HA   H N N 345 
TRP HB2  H N N 346 
TRP HB3  H N N 347 
TRP HD1  H N N 348 
TRP HE1  H N N 349 
TRP HE3  H N N 350 
TRP HZ2  H N N 351 
TRP HZ3  H N N 352 
TRP HH2  H N N 353 
TRP HXT  H N N 354 
TYR N    N N N 355 
TYR CA   C N S 356 
TYR C    C N N 357 
TYR O    O N N 358 
TYR CB   C N N 359 
TYR CG   C Y N 360 
TYR CD1  C Y N 361 
TYR CD2  C Y N 362 
TYR CE1  C Y N 363 
TYR CE2  C Y N 364 
TYR CZ   C Y N 365 
TYR OH   O N N 366 
TYR OXT  O N N 367 
TYR H    H N N 368 
TYR H2   H N N 369 
TYR HA   H N N 370 
TYR HB2  H N N 371 
TYR HB3  H N N 372 
TYR HD1  H N N 373 
TYR HD2  H N N 374 
TYR HE1  H N N 375 
TYR HE2  H N N 376 
TYR HH   H N N 377 
TYR HXT  H N N 378 
VAL N    N N N 379 
VAL CA   C N S 380 
VAL C    C N N 381 
VAL O    O N N 382 
VAL CB   C N N 383 
VAL CG1  C N N 384 
VAL CG2  C N N 385 
VAL OXT  O N N 386 
VAL H    H N N 387 
VAL H2   H N N 388 
VAL HA   H N N 389 
VAL HB   H N N 390 
VAL HG11 H N N 391 
VAL HG12 H N N 392 
VAL HG13 H N N 393 
VAL HG21 H N N 394 
VAL HG22 H N N 395 
VAL HG23 H N N 396 
VAL HXT  H N N 397 
# 
loop_
_chem_comp_bond.comp_id 
_chem_comp_bond.atom_id_1 
_chem_comp_bond.atom_id_2 
_chem_comp_bond.value_order 
_chem_comp_bond.pdbx_aromatic_flag 
_chem_comp_bond.pdbx_stereo_config 
_chem_comp_bond.pdbx_ordinal 
ACT C   O    doub N N 1   
ACT C   OXT  sing N N 2   
ACT C   CH3  sing N N 3   
ACT CH3 H1   sing N N 4   
ACT CH3 H2   sing N N 5   
ACT CH3 H3   sing N N 6   
ALA N   CA   sing N N 7   
ALA N   H    sing N N 8   
ALA N   H2   sing N N 9   
ALA CA  C    sing N N 10  
ALA CA  CB   sing N N 11  
ALA CA  HA   sing N N 12  
ALA C   O    doub N N 13  
ALA C   OXT  sing N N 14  
ALA CB  HB1  sing N N 15  
ALA CB  HB2  sing N N 16  
ALA CB  HB3  sing N N 17  
ALA OXT HXT  sing N N 18  
ARG N   CA   sing N N 19  
ARG N   H    sing N N 20  
ARG N   H2   sing N N 21  
ARG CA  C    sing N N 22  
ARG CA  CB   sing N N 23  
ARG CA  HA   sing N N 24  
ARG C   O    doub N N 25  
ARG C   OXT  sing N N 26  
ARG CB  CG   sing N N 27  
ARG CB  HB2  sing N N 28  
ARG CB  HB3  sing N N 29  
ARG CG  CD   sing N N 30  
ARG CG  HG2  sing N N 31  
ARG CG  HG3  sing N N 32  
ARG CD  NE   sing N N 33  
ARG CD  HD2  sing N N 34  
ARG CD  HD3  sing N N 35  
ARG NE  CZ   sing N N 36  
ARG NE  HE   sing N N 37  
ARG CZ  NH1  sing N N 38  
ARG CZ  NH2  doub N N 39  
ARG NH1 HH11 sing N N 40  
ARG NH1 HH12 sing N N 41  
ARG NH2 HH21 sing N N 42  
ARG NH2 HH22 sing N N 43  
ARG OXT HXT  sing N N 44  
ASN N   CA   sing N N 45  
ASN N   H    sing N N 46  
ASN N   H2   sing N N 47  
ASN CA  C    sing N N 48  
ASN CA  CB   sing N N 49  
ASN CA  HA   sing N N 50  
ASN C   O    doub N N 51  
ASN C   OXT  sing N N 52  
ASN CB  CG   sing N N 53  
ASN CB  HB2  sing N N 54  
ASN CB  HB3  sing N N 55  
ASN CG  OD1  doub N N 56  
ASN CG  ND2  sing N N 57  
ASN ND2 HD21 sing N N 58  
ASN ND2 HD22 sing N N 59  
ASN OXT HXT  sing N N 60  
ASP N   CA   sing N N 61  
ASP N   H    sing N N 62  
ASP N   H2   sing N N 63  
ASP CA  C    sing N N 64  
ASP CA  CB   sing N N 65  
ASP CA  HA   sing N N 66  
ASP C   O    doub N N 67  
ASP C   OXT  sing N N 68  
ASP CB  CG   sing N N 69  
ASP CB  HB2  sing N N 70  
ASP CB  HB3  sing N N 71  
ASP CG  OD1  doub N N 72  
ASP CG  OD2  sing N N 73  
ASP OD2 HD2  sing N N 74  
ASP OXT HXT  sing N N 75  
CYS N   CA   sing N N 76  
CYS N   H    sing N N 77  
CYS N   H2   sing N N 78  
CYS CA  C    sing N N 79  
CYS CA  CB   sing N N 80  
CYS CA  HA   sing N N 81  
CYS C   O    doub N N 82  
CYS C   OXT  sing N N 83  
CYS CB  SG   sing N N 84  
CYS CB  HB2  sing N N 85  
CYS CB  HB3  sing N N 86  
CYS SG  HG   sing N N 87  
CYS OXT HXT  sing N N 88  
GLN N   CA   sing N N 89  
GLN N   H    sing N N 90  
GLN N   H2   sing N N 91  
GLN CA  C    sing N N 92  
GLN CA  CB   sing N N 93  
GLN CA  HA   sing N N 94  
GLN C   O    doub N N 95  
GLN C   OXT  sing N N 96  
GLN CB  CG   sing N N 97  
GLN CB  HB2  sing N N 98  
GLN CB  HB3  sing N N 99  
GLN CG  CD   sing N N 100 
GLN CG  HG2  sing N N 101 
GLN CG  HG3  sing N N 102 
GLN CD  OE1  doub N N 103 
GLN CD  NE2  sing N N 104 
GLN NE2 HE21 sing N N 105 
GLN NE2 HE22 sing N N 106 
GLN OXT HXT  sing N N 107 
GLU N   CA   sing N N 108 
GLU N   H    sing N N 109 
GLU N   H2   sing N N 110 
GLU CA  C    sing N N 111 
GLU CA  CB   sing N N 112 
GLU CA  HA   sing N N 113 
GLU C   O    doub N N 114 
GLU C   OXT  sing N N 115 
GLU CB  CG   sing N N 116 
GLU CB  HB2  sing N N 117 
GLU CB  HB3  sing N N 118 
GLU CG  CD   sing N N 119 
GLU CG  HG2  sing N N 120 
GLU CG  HG3  sing N N 121 
GLU CD  OE1  doub N N 122 
GLU CD  OE2  sing N N 123 
GLU OE2 HE2  sing N N 124 
GLU OXT HXT  sing N N 125 
GLY N   CA   sing N N 126 
GLY N   H    sing N N 127 
GLY N   H2   sing N N 128 
GLY CA  C    sing N N 129 
GLY CA  HA2  sing N N 130 
GLY CA  HA3  sing N N 131 
GLY C   O    doub N N 132 
GLY C   OXT  sing N N 133 
GLY OXT HXT  sing N N 134 
HIS N   CA   sing N N 135 
HIS N   H    sing N N 136 
HIS N   H2   sing N N 137 
HIS CA  C    sing N N 138 
HIS CA  CB   sing N N 139 
HIS CA  HA   sing N N 140 
HIS C   O    doub N N 141 
HIS C   OXT  sing N N 142 
HIS CB  CG   sing N N 143 
HIS CB  HB2  sing N N 144 
HIS CB  HB3  sing N N 145 
HIS CG  ND1  sing Y N 146 
HIS CG  CD2  doub Y N 147 
HIS ND1 CE1  doub Y N 148 
HIS ND1 HD1  sing N N 149 
HIS CD2 NE2  sing Y N 150 
HIS CD2 HD2  sing N N 151 
HIS CE1 NE2  sing Y N 152 
HIS CE1 HE1  sing N N 153 
HIS NE2 HE2  sing N N 154 
HIS OXT HXT  sing N N 155 
HOH O   H1   sing N N 156 
HOH O   H2   sing N N 157 
ILE N   CA   sing N N 158 
ILE N   H    sing N N 159 
ILE N   H2   sing N N 160 
ILE CA  C    sing N N 161 
ILE CA  CB   sing N N 162 
ILE CA  HA   sing N N 163 
ILE C   O    doub N N 164 
ILE C   OXT  sing N N 165 
ILE CB  CG1  sing N N 166 
ILE CB  CG2  sing N N 167 
ILE CB  HB   sing N N 168 
ILE CG1 CD1  sing N N 169 
ILE CG1 HG12 sing N N 170 
ILE CG1 HG13 sing N N 171 
ILE CG2 HG21 sing N N 172 
ILE CG2 HG22 sing N N 173 
ILE CG2 HG23 sing N N 174 
ILE CD1 HD11 sing N N 175 
ILE CD1 HD12 sing N N 176 
ILE CD1 HD13 sing N N 177 
ILE OXT HXT  sing N N 178 
LEU N   CA   sing N N 179 
LEU N   H    sing N N 180 
LEU N   H2   sing N N 181 
LEU CA  C    sing N N 182 
LEU CA  CB   sing N N 183 
LEU CA  HA   sing N N 184 
LEU C   O    doub N N 185 
LEU C   OXT  sing N N 186 
LEU CB  CG   sing N N 187 
LEU CB  HB2  sing N N 188 
LEU CB  HB3  sing N N 189 
LEU CG  CD1  sing N N 190 
LEU CG  CD2  sing N N 191 
LEU CG  HG   sing N N 192 
LEU CD1 HD11 sing N N 193 
LEU CD1 HD12 sing N N 194 
LEU CD1 HD13 sing N N 195 
LEU CD2 HD21 sing N N 196 
LEU CD2 HD22 sing N N 197 
LEU CD2 HD23 sing N N 198 
LEU OXT HXT  sing N N 199 
LYS N   CA   sing N N 200 
LYS N   H    sing N N 201 
LYS N   H2   sing N N 202 
LYS CA  C    sing N N 203 
LYS CA  CB   sing N N 204 
LYS CA  HA   sing N N 205 
LYS C   O    doub N N 206 
LYS C   OXT  sing N N 207 
LYS CB  CG   sing N N 208 
LYS CB  HB2  sing N N 209 
LYS CB  HB3  sing N N 210 
LYS CG  CD   sing N N 211 
LYS CG  HG2  sing N N 212 
LYS CG  HG3  sing N N 213 
LYS CD  CE   sing N N 214 
LYS CD  HD2  sing N N 215 
LYS CD  HD3  sing N N 216 
LYS CE  NZ   sing N N 217 
LYS CE  HE2  sing N N 218 
LYS CE  HE3  sing N N 219 
LYS NZ  HZ1  sing N N 220 
LYS NZ  HZ2  sing N N 221 
LYS NZ  HZ3  sing N N 222 
LYS OXT HXT  sing N N 223 
MET N   CA   sing N N 224 
MET N   H    sing N N 225 
MET N   H2   sing N N 226 
MET CA  C    sing N N 227 
MET CA  CB   sing N N 228 
MET CA  HA   sing N N 229 
MET C   O    doub N N 230 
MET C   OXT  sing N N 231 
MET CB  CG   sing N N 232 
MET CB  HB2  sing N N 233 
MET CB  HB3  sing N N 234 
MET CG  SD   sing N N 235 
MET CG  HG2  sing N N 236 
MET CG  HG3  sing N N 237 
MET SD  CE   sing N N 238 
MET CE  HE1  sing N N 239 
MET CE  HE2  sing N N 240 
MET CE  HE3  sing N N 241 
MET OXT HXT  sing N N 242 
PHE N   CA   sing N N 243 
PHE N   H    sing N N 244 
PHE N   H2   sing N N 245 
PHE CA  C    sing N N 246 
PHE CA  CB   sing N N 247 
PHE CA  HA   sing N N 248 
PHE C   O    doub N N 249 
PHE C   OXT  sing N N 250 
PHE CB  CG   sing N N 251 
PHE CB  HB2  sing N N 252 
PHE CB  HB3  sing N N 253 
PHE CG  CD1  doub Y N 254 
PHE CG  CD2  sing Y N 255 
PHE CD1 CE1  sing Y N 256 
PHE CD1 HD1  sing N N 257 
PHE CD2 CE2  doub Y N 258 
PHE CD2 HD2  sing N N 259 
PHE CE1 CZ   doub Y N 260 
PHE CE1 HE1  sing N N 261 
PHE CE2 CZ   sing Y N 262 
PHE CE2 HE2  sing N N 263 
PHE CZ  HZ   sing N N 264 
PHE OXT HXT  sing N N 265 
PRO N   CA   sing N N 266 
PRO N   CD   sing N N 267 
PRO N   H    sing N N 268 
PRO CA  C    sing N N 269 
PRO CA  CB   sing N N 270 
PRO CA  HA   sing N N 271 
PRO C   O    doub N N 272 
PRO C   OXT  sing N N 273 
PRO CB  CG   sing N N 274 
PRO CB  HB2  sing N N 275 
PRO CB  HB3  sing N N 276 
PRO CG  CD   sing N N 277 
PRO CG  HG2  sing N N 278 
PRO CG  HG3  sing N N 279 
PRO CD  HD2  sing N N 280 
PRO CD  HD3  sing N N 281 
PRO OXT HXT  sing N N 282 
SER N   CA   sing N N 283 
SER N   H    sing N N 284 
SER N   H2   sing N N 285 
SER CA  C    sing N N 286 
SER CA  CB   sing N N 287 
SER CA  HA   sing N N 288 
SER C   O    doub N N 289 
SER C   OXT  sing N N 290 
SER CB  OG   sing N N 291 
SER CB  HB2  sing N N 292 
SER CB  HB3  sing N N 293 
SER OG  HG   sing N N 294 
SER OXT HXT  sing N N 295 
THR N   CA   sing N N 296 
THR N   H    sing N N 297 
THR N   H2   sing N N 298 
THR CA  C    sing N N 299 
THR CA  CB   sing N N 300 
THR CA  HA   sing N N 301 
THR C   O    doub N N 302 
THR C   OXT  sing N N 303 
THR CB  OG1  sing N N 304 
THR CB  CG2  sing N N 305 
THR CB  HB   sing N N 306 
THR OG1 HG1  sing N N 307 
THR CG2 HG21 sing N N 308 
THR CG2 HG22 sing N N 309 
THR CG2 HG23 sing N N 310 
THR OXT HXT  sing N N 311 
TRP N   CA   sing N N 312 
TRP N   H    sing N N 313 
TRP N   H2   sing N N 314 
TRP CA  C    sing N N 315 
TRP CA  CB   sing N N 316 
TRP CA  HA   sing N N 317 
TRP C   O    doub N N 318 
TRP C   OXT  sing N N 319 
TRP CB  CG   sing N N 320 
TRP CB  HB2  sing N N 321 
TRP CB  HB3  sing N N 322 
TRP CG  CD1  doub Y N 323 
TRP CG  CD2  sing Y N 324 
TRP CD1 NE1  sing Y N 325 
TRP CD1 HD1  sing N N 326 
TRP CD2 CE2  doub Y N 327 
TRP CD2 CE3  sing Y N 328 
TRP NE1 CE2  sing Y N 329 
TRP NE1 HE1  sing N N 330 
TRP CE2 CZ2  sing Y N 331 
TRP CE3 CZ3  doub Y N 332 
TRP CE3 HE3  sing N N 333 
TRP CZ2 CH2  doub Y N 334 
TRP CZ2 HZ2  sing N N 335 
TRP CZ3 CH2  sing Y N 336 
TRP CZ3 HZ3  sing N N 337 
TRP CH2 HH2  sing N N 338 
TRP OXT HXT  sing N N 339 
TYR N   CA   sing N N 340 
TYR N   H    sing N N 341 
TYR N   H2   sing N N 342 
TYR CA  C    sing N N 343 
TYR CA  CB   sing N N 344 
TYR CA  HA   sing N N 345 
TYR C   O    doub N N 346 
TYR C   OXT  sing N N 347 
TYR CB  CG   sing N N 348 
TYR CB  HB2  sing N N 349 
TYR CB  HB3  sing N N 350 
TYR CG  CD1  doub Y N 351 
TYR CG  CD2  sing Y N 352 
TYR CD1 CE1  sing Y N 353 
TYR CD1 HD1  sing N N 354 
TYR CD2 CE2  doub Y N 355 
TYR CD2 HD2  sing N N 356 
TYR CE1 CZ   doub Y N 357 
TYR CE1 HE1  sing N N 358 
TYR CE2 CZ   sing Y N 359 
TYR CE2 HE2  sing N N 360 
TYR CZ  OH   sing N N 361 
TYR OH  HH   sing N N 362 
TYR OXT HXT  sing N N 363 
VAL N   CA   sing N N 364 
VAL N   H    sing N N 365 
VAL N   H2   sing N N 366 
VAL CA  C    sing N N 367 
VAL CA  CB   sing N N 368 
VAL CA  HA   sing N N 369 
VAL C   O    doub N N 370 
VAL C   OXT  sing N N 371 
VAL CB  CG1  sing N N 372 
VAL CB  CG2  sing N N 373 
VAL CB  HB   sing N N 374 
VAL CG1 HG11 sing N N 375 
VAL CG1 HG12 sing N N 376 
VAL CG1 HG13 sing N N 377 
VAL CG2 HG21 sing N N 378 
VAL CG2 HG22 sing N N 379 
VAL CG2 HG23 sing N N 380 
VAL OXT HXT  sing N N 381 
# 
loop_
_pdbx_entity_nonpoly.entity_id 
_pdbx_entity_nonpoly.name 
_pdbx_entity_nonpoly.comp_id 
2 'ACETATE ION' ACT 
3 water         HOH 
# 
_pdbx_initial_refinement_model.id               1 
_pdbx_initial_refinement_model.entity_id_list   ? 
_pdbx_initial_refinement_model.type             'experimental model' 
_pdbx_initial_refinement_model.source_name      PDB 
_pdbx_initial_refinement_model.accession_code   1NXJ 
_pdbx_initial_refinement_model.details          ? 
# 
